data_8V62
#
_entry.id   8V62
#
_cell.length_a   1.00
_cell.length_b   1.00
_cell.length_c   1.00
_cell.angle_alpha   90.00
_cell.angle_beta   90.00
_cell.angle_gamma   90.00
#
_symmetry.space_group_name_H-M   'P 1'
#
loop_
_entity.id
_entity.type
_entity.pdbx_description
1 polymer 'Fusion glycoprotein F0'
2 polymer 'Camelid nanobody 1D10'
3 polymer 'Camelid nanobody 4C06'
#
loop_
_entity_poly.entity_id
_entity_poly.type
_entity_poly.pdbx_seq_one_letter_code
_entity_poly.pdbx_strand_id
1 'polypeptide(L)'
;MPISILLIITTMIMASHCQIDITKLQHVGVLVNSPKGMKISQNFETRYLILSLIPKIEDSNSCGDQQIKQYKRLLDRLII
PLYDGLRLQKDVIVTNQESNENTDPRTERFFGGVIGTIALGVATSAQITAAVALVEAKQARSDIEKLKEAIRDTNKAVQS
VQSSPGNLIVAIKSVQDYVNKEIVPCIARLGCEACGLLLGLALDQHYSELTNIFGDNIGSLQEKGIKLQGIASLYRTNIT
EIFTTSTVDKYDIYDLLFTESIKVRVIDVDLNDYSITLQVRLPLLTRLLNTQIYKVDSISYNIQNREWYIPLPSHIMTKG
AFLGGADVKECIEAFSSYICPSDPGFVLNHEMESCLSGNISQCPRTTVTSDIVPRYAFVNGGVVANCITTTCTCNGIGNR
INQPPDQGVKIITHKECNTIGINGMLFNTNKEGTLAFYTPDDITLNNSVALNPIDISIELNKAKSDLEESKEWIRRSNQK
LDSIEDKIEEILSKIYHIENEIARIKKLIGEAEPEA
;
A,B,C
2 'polypeptide(L)'
;EVQLVESGGGLVQTGDSLRLSCAASGSIFGENAMAWFRQAPGKQRELVARVSTGGTLFYADFAKVRFTISRDTAKQTVYL
QMSSLRPEDTAVYYCAVAVGTRNYWGQGTQVTVSS
;
D,E,F
3 'polypeptide(L)'
;EVQLVESGGGLVQPGGSLRLSCSASGSLSTIKALGWYRRAPGRERELVASITSAGETNYADSAKGRFTVSTDNAKNTVDL
RMNSLKPEDTAVYYCYAESFVLNIYWGQGTQVTVSSG
;
G,H,I
#
# COMPACT_ATOMS: atom_id res chain seq x y z
N GLN A 19 -7.37 -19.52 -27.28
CA GLN A 19 -8.21 -18.33 -27.27
C GLN A 19 -7.39 -17.08 -27.57
N ILE A 20 -6.12 -17.12 -27.18
CA ILE A 20 -5.22 -15.98 -27.32
C ILE A 20 -4.31 -16.21 -28.52
N ASP A 21 -4.18 -15.21 -29.39
CA ASP A 21 -3.27 -15.27 -30.53
C ASP A 21 -1.87 -14.87 -30.09
N ILE A 22 -1.18 -15.83 -29.46
CA ILE A 22 0.16 -15.60 -28.92
C ILE A 22 1.11 -15.09 -29.99
N THR A 23 0.99 -15.60 -31.22
CA THR A 23 1.90 -15.21 -32.29
C THR A 23 1.77 -13.73 -32.66
N LYS A 24 0.55 -13.23 -32.84
CA LYS A 24 0.40 -11.85 -33.26
C LYS A 24 0.74 -10.86 -32.15
N LEU A 25 0.51 -11.23 -30.89
CA LEU A 25 0.82 -10.32 -29.79
C LEU A 25 2.30 -10.02 -29.69
N GLN A 26 3.16 -10.93 -30.13
CA GLN A 26 4.60 -10.66 -30.10
C GLN A 26 4.97 -9.44 -30.93
N HIS A 27 4.28 -9.26 -32.07
CA HIS A 27 4.56 -8.12 -32.93
C HIS A 27 4.25 -6.78 -32.27
N VAL A 28 3.38 -6.76 -31.25
CA VAL A 28 3.08 -5.54 -30.51
C VAL A 28 3.79 -5.51 -29.16
N GLY A 29 4.69 -6.45 -28.90
CA GLY A 29 5.44 -6.51 -27.66
C GLY A 29 4.73 -7.18 -26.50
N VAL A 30 3.60 -7.84 -26.73
CA VAL A 30 2.87 -8.53 -25.69
C VAL A 30 3.30 -9.99 -25.71
N LEU A 31 3.90 -10.46 -24.62
CA LEU A 31 4.40 -11.82 -24.51
C LEU A 31 3.56 -12.62 -23.53
N VAL A 32 3.12 -13.79 -23.96
CA VAL A 32 2.31 -14.70 -23.13
C VAL A 32 3.19 -15.87 -22.72
N ASN A 33 3.34 -16.05 -21.41
CA ASN A 33 4.19 -17.09 -20.84
C ASN A 33 3.49 -18.45 -20.87
N SER A 34 4.17 -19.45 -20.34
CA SER A 34 3.64 -20.82 -20.34
C SER A 34 2.39 -20.91 -19.47
N PRO A 35 1.34 -21.56 -19.94
CA PRO A 35 0.10 -21.65 -19.16
C PRO A 35 0.22 -22.57 -17.96
N LYS A 36 -0.70 -22.36 -17.02
CA LYS A 36 -0.85 -23.15 -15.81
C LYS A 36 -2.34 -23.32 -15.56
N GLY A 37 -2.74 -24.49 -15.06
CA GLY A 37 -4.14 -24.71 -14.74
C GLY A 37 -4.53 -23.99 -13.45
N MET A 38 -5.72 -24.32 -12.97
CA MET A 38 -6.18 -23.74 -11.71
C MET A 38 -6.84 -24.78 -10.82
N LYS A 39 -6.48 -24.75 -9.55
CA LYS A 39 -7.05 -25.59 -8.51
C LYS A 39 -7.82 -24.67 -7.57
N ILE A 40 -9.12 -24.92 -7.41
CA ILE A 40 -9.98 -24.06 -6.60
C ILE A 40 -10.53 -24.85 -5.42
N SER A 41 -10.65 -24.16 -4.29
CA SER A 41 -11.16 -24.71 -3.02
C SER A 41 -12.69 -24.71 -3.04
N GLN A 42 -13.26 -25.76 -3.64
CA GLN A 42 -14.71 -25.85 -3.73
C GLN A 42 -15.35 -26.11 -2.38
N ASN A 43 -14.67 -26.84 -1.50
CA ASN A 43 -15.22 -27.17 -0.19
C ASN A 43 -14.10 -27.18 0.84
N PHE A 44 -14.48 -27.10 2.12
CA PHE A 44 -13.52 -27.11 3.20
C PHE A 44 -13.93 -28.05 4.32
N GLU A 45 -12.96 -28.80 4.84
CA GLU A 45 -13.16 -29.58 6.04
C GLU A 45 -12.97 -28.66 7.24
N THR A 46 -13.81 -28.80 8.26
CA THR A 46 -13.70 -27.96 9.44
C THR A 46 -13.28 -28.76 10.65
N ARG A 47 -12.16 -28.34 11.26
CA ARG A 47 -11.61 -28.98 12.45
C ARG A 47 -11.28 -27.88 13.46
N TYR A 48 -11.49 -28.17 14.74
CA TYR A 48 -11.28 -27.20 15.81
C TYR A 48 -9.97 -27.47 16.54
N LEU A 49 -9.22 -26.41 16.78
CA LEU A 49 -7.92 -26.47 17.45
C LEU A 49 -8.01 -25.70 18.75
N ILE A 50 -7.73 -26.38 19.86
CA ILE A 50 -7.74 -25.78 21.20
C ILE A 50 -6.30 -25.57 21.63
N LEU A 51 -5.96 -24.33 21.99
CA LEU A 51 -4.64 -23.98 22.49
C LEU A 51 -4.73 -23.69 23.98
N SER A 52 -4.00 -24.45 24.78
CA SER A 52 -3.96 -24.25 26.23
C SER A 52 -2.63 -23.58 26.56
N LEU A 53 -2.70 -22.33 27.01
CA LEU A 53 -1.52 -21.52 27.22
C LEU A 53 -0.77 -21.81 28.52
N ILE A 54 -1.41 -22.42 29.51
CA ILE A 54 -0.77 -22.71 30.79
C ILE A 54 -0.28 -24.15 30.80
N PRO A 55 1.02 -24.39 30.93
CA PRO A 55 1.54 -25.75 31.00
C PRO A 55 1.32 -26.35 32.37
N LYS A 56 1.40 -27.68 32.42
CA LYS A 56 1.26 -28.43 33.68
C LYS A 56 2.63 -28.90 34.13
N ILE A 57 3.07 -28.42 35.30
CA ILE A 57 4.32 -28.85 35.90
C ILE A 57 4.02 -30.02 36.84
N GLU A 58 4.43 -31.22 36.42
CA GLU A 58 4.12 -32.45 37.16
C GLU A 58 4.87 -32.56 38.48
N ASP A 59 5.84 -31.69 38.74
CA ASP A 59 6.62 -31.76 39.97
C ASP A 59 5.73 -31.70 41.21
N SER A 60 5.89 -32.70 42.08
CA SER A 60 5.12 -32.76 43.31
C SER A 60 5.52 -31.68 44.31
N ASN A 61 6.72 -31.12 44.19
CA ASN A 61 7.16 -30.05 45.08
C ASN A 61 6.60 -28.68 44.70
N SER A 62 5.65 -28.64 43.77
CA SER A 62 5.00 -27.41 43.32
C SER A 62 5.98 -26.38 42.77
N CYS A 63 7.15 -26.80 42.30
CA CYS A 63 8.10 -25.86 41.76
C CYS A 63 7.54 -25.21 40.49
N GLY A 64 8.08 -24.04 40.16
CA GLY A 64 7.62 -23.32 38.99
C GLY A 64 6.29 -22.62 39.15
N ASP A 65 5.58 -22.85 40.26
CA ASP A 65 4.29 -22.21 40.47
C ASP A 65 4.39 -20.69 40.49
N GLN A 66 5.50 -20.15 40.99
CA GLN A 66 5.65 -18.69 41.04
C GLN A 66 5.79 -18.12 39.64
N GLN A 67 6.55 -18.78 38.78
CA GLN A 67 6.70 -18.31 37.40
C GLN A 67 5.38 -18.43 36.65
N ILE A 68 4.62 -19.49 36.90
CA ILE A 68 3.34 -19.67 36.23
C ILE A 68 2.37 -18.57 36.66
N LYS A 69 2.40 -18.19 37.94
CA LYS A 69 1.53 -17.11 38.40
C LYS A 69 1.89 -15.80 37.71
N GLN A 70 3.18 -15.51 37.59
CA GLN A 70 3.61 -14.31 36.88
C GLN A 70 3.26 -14.41 35.40
N TYR A 71 3.42 -15.60 34.82
CA TYR A 71 3.10 -15.80 33.41
C TYR A 71 1.62 -15.58 33.14
N LYS A 72 0.76 -16.03 34.06
CA LYS A 72 -0.68 -15.79 33.92
C LYS A 72 -0.99 -14.29 33.83
N ARG A 73 -0.35 -13.50 34.70
CA ARG A 73 -0.55 -12.05 34.69
C ARG A 73 -0.16 -11.43 33.35
N LEU A 74 0.85 -11.99 32.69
CA LEU A 74 1.30 -11.46 31.41
C LEU A 74 0.37 -11.86 30.28
N LEU A 75 -0.18 -13.09 30.33
CA LEU A 75 -1.12 -13.52 29.30
C LEU A 75 -2.38 -12.67 29.27
N ASP A 76 -2.80 -12.14 30.43
CA ASP A 76 -4.00 -11.30 30.49
C ASP A 76 -3.94 -10.14 29.50
N ARG A 77 -2.74 -9.61 29.23
CA ARG A 77 -2.61 -8.51 28.28
C ARG A 77 -3.03 -8.89 26.88
N LEU A 78 -3.15 -10.18 26.57
CA LEU A 78 -3.62 -10.66 25.28
C LEU A 78 -4.98 -11.34 25.34
N ILE A 79 -5.19 -12.19 26.34
CA ILE A 79 -6.45 -12.94 26.45
C ILE A 79 -7.63 -12.01 26.71
N ILE A 80 -7.46 -11.00 27.55
CA ILE A 80 -8.55 -10.07 27.86
C ILE A 80 -8.92 -9.23 26.64
N PRO A 81 -7.98 -8.63 25.90
CA PRO A 81 -8.40 -7.90 24.69
C PRO A 81 -9.16 -8.76 23.69
N LEU A 82 -8.74 -10.00 23.50
CA LEU A 82 -9.44 -10.90 22.58
C LEU A 82 -10.84 -11.22 23.07
N TYR A 83 -10.97 -11.54 24.36
CA TYR A 83 -12.28 -11.85 24.92
C TYR A 83 -13.23 -10.66 24.84
N ASP A 84 -12.72 -9.46 25.13
CA ASP A 84 -13.55 -8.26 25.03
C ASP A 84 -13.99 -8.00 23.60
N GLY A 85 -13.09 -8.17 22.64
CA GLY A 85 -13.43 -7.97 21.24
C GLY A 85 -14.49 -8.94 20.74
N LEU A 86 -14.40 -10.20 21.17
CA LEU A 86 -15.40 -11.20 20.78
C LEU A 86 -16.75 -10.93 21.43
N ARG A 87 -16.75 -10.61 22.73
CA ARG A 87 -18.01 -10.40 23.43
C ARG A 87 -18.76 -9.19 22.91
N LEU A 88 -18.05 -8.13 22.52
CA LEU A 88 -18.68 -6.91 22.03
C LEU A 88 -18.88 -6.91 20.52
N GLN A 89 -18.61 -8.00 19.84
CA GLN A 89 -18.83 -8.07 18.40
C GLN A 89 -20.32 -8.04 18.10
N LYS A 90 -20.70 -7.29 17.07
CA LYS A 90 -22.10 -7.18 16.69
C LYS A 90 -22.66 -8.51 16.22
N ASP A 91 -23.92 -8.75 16.53
CA ASP A 91 -24.62 -9.99 16.17
C ASP A 91 -25.69 -9.68 15.12
N VAL A 92 -25.64 -10.39 14.00
CA VAL A 92 -26.57 -10.14 12.90
C VAL A 92 -27.63 -11.23 12.76
N ILE A 93 -27.48 -12.36 13.44
CA ILE A 93 -28.48 -13.42 13.45
C ILE A 93 -28.71 -13.82 14.90
N VAL A 94 -29.98 -13.87 15.31
CA VAL A 94 -30.36 -14.31 16.65
C VAL A 94 -31.24 -15.54 16.54
N THR A 95 -31.00 -16.50 17.42
CA THR A 95 -31.76 -17.74 17.42
C THR A 95 -33.15 -17.53 18.01
N ARG A 109 -34.91 -30.04 14.34
CA ARG A 109 -34.62 -29.25 13.16
C ARG A 109 -35.05 -29.98 11.88
N PHE A 110 -34.74 -29.37 10.74
CA PHE A 110 -35.08 -29.94 9.45
C PHE A 110 -33.96 -29.63 8.47
N PHE A 111 -33.94 -30.39 7.37
CA PHE A 111 -32.95 -30.20 6.32
C PHE A 111 -33.05 -28.81 5.69
N GLY A 112 -34.20 -28.14 5.82
CA GLY A 112 -34.36 -26.82 5.26
C GLY A 112 -35.05 -25.82 6.17
N GLY A 113 -34.91 -25.99 7.49
CA GLY A 113 -35.53 -25.08 8.42
C GLY A 113 -34.88 -23.71 8.44
N VAL A 114 -35.58 -22.77 9.09
CA VAL A 114 -35.09 -21.42 9.23
C VAL A 114 -33.84 -21.38 10.11
N ILE A 115 -32.79 -20.76 9.60
CA ILE A 115 -31.53 -20.66 10.34
C ILE A 115 -31.72 -19.83 11.61
N GLY A 116 -32.40 -18.69 11.48
CA GLY A 116 -32.63 -17.83 12.62
C GLY A 116 -33.41 -16.61 12.18
N THR A 117 -33.40 -15.58 13.02
CA THR A 117 -34.13 -14.36 12.74
C THR A 117 -33.16 -13.23 12.40
N ILE A 118 -33.51 -12.45 11.38
CA ILE A 118 -32.70 -11.32 10.97
C ILE A 118 -32.61 -10.30 12.09
N ALA A 119 -31.40 -9.98 12.53
CA ALA A 119 -31.24 -8.97 13.56
C ALA A 119 -31.31 -7.59 12.94
N LEU A 120 -31.74 -6.62 13.74
CA LEU A 120 -31.82 -5.24 13.25
C LEU A 120 -30.44 -4.68 12.96
N GLY A 121 -30.37 -3.83 11.94
CA GLY A 121 -29.17 -3.21 11.46
C GLY A 121 -28.98 -3.44 9.97
N VAL A 122 -27.75 -3.30 9.53
CA VAL A 122 -27.36 -3.58 8.15
C VAL A 122 -26.26 -4.63 8.16
N ALA A 123 -26.46 -5.71 7.41
CA ALA A 123 -25.49 -6.80 7.35
C ALA A 123 -25.26 -7.18 5.90
N THR A 124 -24.02 -7.02 5.43
CA THR A 124 -23.67 -7.38 4.07
C THR A 124 -23.57 -8.89 3.92
N SER A 125 -23.39 -9.33 2.67
CA SER A 125 -23.33 -10.76 2.37
C SER A 125 -22.17 -11.43 3.10
N ALA A 126 -21.04 -10.74 3.21
CA ALA A 126 -19.89 -11.28 3.95
C ALA A 126 -20.23 -11.52 5.41
N GLN A 127 -20.94 -10.58 6.03
CA GLN A 127 -21.32 -10.74 7.44
C GLN A 127 -22.38 -11.83 7.61
N ILE A 128 -23.31 -11.93 6.65
CA ILE A 128 -24.30 -13.01 6.71
C ILE A 128 -23.64 -14.37 6.59
N THR A 129 -22.68 -14.50 5.68
CA THR A 129 -21.95 -15.75 5.52
C THR A 129 -21.14 -16.09 6.77
N ALA A 130 -20.41 -15.10 7.30
CA ALA A 130 -19.63 -15.33 8.51
C ALA A 130 -20.50 -15.68 9.70
N ALA A 131 -21.67 -15.05 9.82
CA ALA A 131 -22.59 -15.37 10.91
C ALA A 131 -23.15 -16.78 10.77
N VAL A 132 -23.48 -17.20 9.55
CA VAL A 132 -23.96 -18.57 9.34
C VAL A 132 -22.90 -19.58 9.75
N ALA A 133 -21.63 -19.25 9.51
CA ALA A 133 -20.55 -20.14 9.93
C ALA A 133 -20.50 -20.28 11.45
N LEU A 134 -20.69 -19.17 12.17
CA LEU A 134 -20.73 -19.23 13.63
C LEU A 134 -21.93 -20.01 14.15
N VAL A 135 -23.05 -19.95 13.44
CA VAL A 135 -24.21 -20.75 13.82
C VAL A 135 -23.92 -22.23 13.66
N GLU A 136 -23.22 -22.60 12.58
CA GLU A 136 -22.86 -24.00 12.36
C GLU A 136 -21.97 -24.54 13.47
N ALA A 137 -21.23 -23.68 14.16
CA ALA A 137 -20.35 -24.07 15.25
C ALA A 137 -21.06 -24.16 16.59
N LYS A 138 -22.37 -23.91 16.65
CA LYS A 138 -23.08 -23.96 17.91
C LYS A 138 -23.00 -25.34 18.55
N GLN A 139 -23.23 -26.40 17.76
CA GLN A 139 -23.14 -27.76 18.28
C GLN A 139 -21.71 -28.11 18.68
N ALA A 140 -20.72 -27.64 17.92
CA ALA A 140 -19.33 -27.88 18.26
C ALA A 140 -18.95 -27.25 19.60
N ARG A 141 -19.39 -26.01 19.83
CA ARG A 141 -19.09 -25.34 21.10
C ARG A 141 -19.60 -26.14 22.29
N SER A 142 -20.77 -26.76 22.17
CA SER A 142 -21.28 -27.58 23.27
C SER A 142 -20.38 -28.78 23.56
N ASP A 143 -19.72 -29.31 22.53
CA ASP A 143 -18.80 -30.42 22.71
C ASP A 143 -17.48 -29.95 23.33
N ILE A 144 -16.95 -28.83 22.84
CA ILE A 144 -15.71 -28.25 23.35
C ILE A 144 -15.77 -28.04 24.86
N GLU A 145 -16.90 -27.53 25.36
CA GLU A 145 -17.03 -27.27 26.79
C GLU A 145 -16.84 -28.51 27.64
N LYS A 146 -17.08 -29.70 27.09
CA LYS A 146 -16.86 -30.94 27.85
C LYS A 146 -15.45 -31.48 27.69
N LEU A 147 -14.84 -31.30 26.52
CA LEU A 147 -13.48 -31.77 26.29
C LEU A 147 -12.46 -31.01 27.12
N LYS A 148 -12.64 -29.70 27.27
CA LYS A 148 -11.69 -28.88 28.02
C LYS A 148 -11.44 -29.39 29.44
N GLU A 149 -12.43 -30.03 30.06
CA GLU A 149 -12.23 -30.53 31.41
C GLU A 149 -11.11 -31.57 31.46
N ALA A 150 -10.99 -32.41 30.44
CA ALA A 150 -9.91 -33.39 30.39
C ALA A 150 -8.57 -32.77 30.03
N ILE A 151 -8.59 -31.67 29.28
CA ILE A 151 -7.35 -30.98 28.91
C ILE A 151 -6.72 -30.28 30.11
N ARG A 152 -7.53 -29.94 31.11
CA ARG A 152 -7.03 -29.22 32.29
C ARG A 152 -5.97 -30.02 33.05
N ASP A 153 -6.18 -31.33 33.22
CA ASP A 153 -5.24 -32.14 33.98
C ASP A 153 -4.31 -33.01 33.15
N THR A 154 -4.44 -33.02 31.82
CA THR A 154 -3.53 -33.84 31.04
C THR A 154 -2.16 -33.15 30.93
N ASN A 155 -1.14 -33.97 30.66
CA ASN A 155 0.23 -33.48 30.51
C ASN A 155 0.83 -33.81 29.17
N LYS A 156 0.01 -34.15 28.17
CA LYS A 156 0.50 -34.42 26.83
C LYS A 156 0.67 -33.13 26.05
N ALA A 157 1.70 -33.08 25.21
CA ALA A 157 1.94 -31.89 24.40
C ALA A 157 0.86 -31.71 23.34
N VAL A 158 0.54 -32.77 22.61
CA VAL A 158 -0.53 -32.75 21.61
C VAL A 158 -1.45 -33.91 21.91
N GLN A 159 -2.74 -33.61 22.12
CA GLN A 159 -3.71 -34.64 22.42
C GLN A 159 -4.97 -34.40 21.60
N SER A 160 -5.63 -35.50 21.24
CA SER A 160 -6.87 -35.44 20.47
C SER A 160 -7.86 -36.43 21.05
N VAL A 161 -9.15 -36.10 20.92
CA VAL A 161 -10.20 -36.98 21.41
C VAL A 161 -11.26 -37.20 20.34
N LEU A 168 -12.29 -34.57 14.29
CA LEU A 168 -11.50 -34.62 15.52
C LEU A 168 -11.22 -33.23 16.06
N ILE A 169 -10.97 -33.18 17.37
CA ILE A 169 -10.57 -31.96 18.05
C ILE A 169 -9.19 -32.19 18.65
N VAL A 170 -8.25 -31.30 18.32
CA VAL A 170 -6.86 -31.41 18.75
C VAL A 170 -6.55 -30.29 19.73
N ALA A 171 -5.76 -30.61 20.76
CA ALA A 171 -5.37 -29.66 21.77
C ALA A 171 -3.86 -29.68 21.93
N ILE A 172 -3.25 -28.49 22.00
CA ILE A 172 -1.82 -28.34 22.13
C ILE A 172 -1.51 -27.47 23.33
N LYS A 173 -0.59 -27.92 24.18
CA LYS A 173 -0.15 -27.13 25.32
C LYS A 173 1.09 -26.34 24.92
N SER A 174 1.13 -25.07 25.34
CA SER A 174 2.15 -24.12 24.91
C SER A 174 3.59 -24.64 25.03
N VAL A 175 4.03 -25.00 26.23
CA VAL A 175 5.41 -25.45 26.40
C VAL A 175 5.52 -26.83 27.04
N GLN A 176 4.45 -27.62 27.03
CA GLN A 176 4.46 -28.89 27.75
C GLN A 176 5.60 -29.80 27.30
N ASP A 177 5.93 -29.77 26.02
CA ASP A 177 7.01 -30.61 25.51
C ASP A 177 8.36 -30.21 26.11
N TYR A 178 8.64 -28.91 26.15
CA TYR A 178 9.88 -28.41 26.76
C TYR A 178 9.92 -28.70 28.26
N VAL A 179 8.78 -28.57 28.93
CA VAL A 179 8.71 -28.85 30.37
C VAL A 179 9.00 -30.32 30.67
N ASN A 180 8.34 -31.23 29.96
CA ASN A 180 8.52 -32.65 30.22
C ASN A 180 9.93 -33.13 29.89
N LYS A 181 10.50 -32.67 28.78
CA LYS A 181 11.83 -33.14 28.38
C LYS A 181 12.97 -32.45 29.11
N GLU A 182 12.77 -31.25 29.66
CA GLU A 182 13.87 -30.55 30.31
C GLU A 182 13.57 -30.10 31.74
N ILE A 183 12.51 -29.30 31.92
CA ILE A 183 12.20 -28.77 33.24
C ILE A 183 11.76 -29.87 34.21
N VAL A 184 11.10 -30.91 33.75
CA VAL A 184 10.75 -31.99 34.67
C VAL A 184 12.00 -32.73 35.16
N PRO A 185 12.91 -33.18 34.29
CA PRO A 185 14.14 -33.81 34.80
C PRO A 185 15.11 -32.89 35.51
N CYS A 186 15.02 -31.57 35.32
CA CYS A 186 15.93 -30.68 36.05
C CYS A 186 15.67 -30.69 37.54
N ILE A 187 14.41 -30.73 37.95
CA ILE A 187 14.07 -30.73 39.37
C ILE A 187 14.76 -31.89 40.09
N ALA A 188 14.90 -33.03 39.43
CA ALA A 188 15.53 -34.18 40.07
C ALA A 188 17.05 -34.03 40.19
N ARG A 189 17.65 -33.11 39.45
CA ARG A 189 19.10 -32.97 39.46
C ARG A 189 19.54 -31.62 40.02
N LEU A 190 18.99 -30.53 39.51
CA LEU A 190 19.27 -29.20 40.00
C LEU A 190 18.23 -28.82 41.06
N GLY A 191 18.47 -27.70 41.71
CA GLY A 191 17.49 -27.21 42.65
C GLY A 191 16.31 -26.57 41.95
N CYS A 192 15.21 -26.44 42.69
CA CYS A 192 14.03 -25.80 42.11
C CYS A 192 14.33 -24.38 41.68
N GLU A 193 15.16 -23.67 42.45
CA GLU A 193 15.52 -22.30 42.10
C GLU A 193 16.30 -22.24 40.79
N ALA A 194 17.28 -23.12 40.62
CA ALA A 194 18.15 -23.09 39.45
C ALA A 194 17.37 -23.11 38.14
N CYS A 195 16.57 -24.15 37.92
CA CYS A 195 15.80 -24.24 36.68
C CYS A 195 14.43 -23.57 36.78
N GLY A 196 14.05 -23.07 37.95
CA GLY A 196 12.85 -22.26 38.02
C GLY A 196 12.98 -20.99 37.21
N LEU A 197 14.14 -20.33 37.30
CA LEU A 197 14.38 -19.14 36.49
C LEU A 197 14.41 -19.47 35.01
N LEU A 198 14.90 -20.67 34.66
CA LEU A 198 14.92 -21.09 33.26
C LEU A 198 13.50 -21.23 32.72
N LEU A 199 12.59 -21.79 33.51
CA LEU A 199 11.20 -21.87 33.08
C LEU A 199 10.63 -20.47 32.82
N GLY A 200 11.03 -19.50 33.65
CA GLY A 200 10.56 -18.14 33.45
C GLY A 200 10.96 -17.57 32.11
N LEU A 201 12.23 -17.71 31.75
CA LEU A 201 12.70 -17.22 30.46
C LEU A 201 12.05 -17.96 29.30
N ALA A 202 11.83 -19.26 29.46
CA ALA A 202 11.18 -20.02 28.39
C ALA A 202 9.76 -19.53 28.16
N LEU A 203 9.01 -19.29 29.24
CA LEU A 203 7.65 -18.77 29.12
C LEU A 203 7.67 -17.35 28.55
N ASP A 204 8.64 -16.55 28.95
CA ASP A 204 8.76 -15.19 28.43
C ASP A 204 8.96 -15.18 26.92
N GLN A 205 9.77 -16.11 26.40
CA GLN A 205 9.93 -16.22 24.96
C GLN A 205 8.62 -16.58 24.28
N HIS A 206 7.85 -17.50 24.86
CA HIS A 206 6.58 -17.88 24.26
C HIS A 206 5.62 -16.71 24.21
N TYR A 207 5.61 -15.86 25.24
CA TYR A 207 4.75 -14.69 25.23
C TYR A 207 5.13 -13.74 24.10
N SER A 208 6.42 -13.56 23.85
CA SER A 208 6.86 -12.69 22.78
C SER A 208 6.39 -13.21 21.42
N GLU A 209 6.29 -14.52 21.27
CA GLU A 209 5.78 -15.09 20.02
C GLU A 209 4.26 -14.99 19.94
N LEU A 210 3.56 -15.27 21.04
CA LEU A 210 2.10 -15.15 21.05
C LEU A 210 1.65 -13.75 20.68
N THR A 211 2.25 -12.72 21.30
CA THR A 211 1.87 -11.35 20.99
C THR A 211 2.22 -10.97 19.56
N ASN A 212 3.18 -11.64 18.94
CA ASN A 212 3.50 -11.36 17.54
C ASN A 212 2.38 -11.78 16.62
N ILE A 213 1.77 -12.93 16.87
CA ILE A 213 0.68 -13.42 16.02
C ILE A 213 -0.69 -12.96 16.48
N PHE A 214 -0.96 -12.93 17.80
CA PHE A 214 -2.26 -12.50 18.29
C PHE A 214 -2.34 -11.00 18.58
N GLY A 215 -1.22 -10.31 18.69
CA GLY A 215 -1.25 -8.89 18.98
C GLY A 215 -1.78 -8.04 17.85
N GLY A 225 -5.79 -10.40 9.96
CA GLY A 225 -6.29 -11.58 10.64
C GLY A 225 -5.20 -12.55 11.04
N ILE A 226 -5.61 -13.75 11.42
CA ILE A 226 -4.69 -14.82 11.84
C ILE A 226 -4.67 -15.88 10.75
N LYS A 227 -3.47 -16.31 10.38
CA LYS A 227 -3.28 -17.35 9.38
C LYS A 227 -2.67 -18.58 10.03
N LEU A 228 -3.11 -19.75 9.58
CA LEU A 228 -2.67 -21.02 10.17
C LEU A 228 -1.16 -21.16 10.18
N GLN A 229 -0.47 -20.54 9.22
CA GLN A 229 1.00 -20.57 9.22
C GLN A 229 1.55 -19.97 10.50
N GLY A 230 0.91 -18.92 11.01
CA GLY A 230 1.38 -18.29 12.24
C GLY A 230 1.31 -19.23 13.42
N ILE A 231 0.18 -19.93 13.58
CA ILE A 231 0.03 -20.87 14.68
C ILE A 231 0.96 -22.06 14.51
N ALA A 232 1.09 -22.57 13.29
CA ALA A 232 2.01 -23.68 13.04
C ALA A 232 3.44 -23.29 13.39
N SER A 233 3.84 -22.07 13.07
CA SER A 233 5.19 -21.62 13.40
C SER A 233 5.34 -21.39 14.91
N LEU A 234 4.30 -20.85 15.54
CA LEU A 234 4.33 -20.61 16.98
C LEU A 234 4.55 -21.89 17.77
N TYR A 235 3.87 -22.97 17.38
CA TYR A 235 4.00 -24.24 18.07
C TYR A 235 5.04 -25.16 17.44
N ARG A 236 5.73 -24.71 16.38
CA ARG A 236 6.78 -25.47 15.72
C ARG A 236 6.33 -26.89 15.37
N THR A 237 5.11 -27.02 14.86
CA THR A 237 4.52 -28.32 14.55
C THR A 237 3.89 -28.27 13.16
N ASN A 238 4.03 -29.35 12.40
CA ASN A 238 3.48 -29.44 11.06
C ASN A 238 1.99 -29.76 11.09
N ILE A 239 1.29 -29.33 10.04
CA ILE A 239 -0.14 -29.57 9.93
C ILE A 239 -0.43 -31.06 9.89
N THR A 240 0.44 -31.85 9.27
CA THR A 240 0.27 -33.30 9.24
C THR A 240 0.45 -33.92 10.62
N GLU A 241 1.23 -33.28 11.49
CA GLU A 241 1.38 -33.77 12.85
C GLU A 241 0.22 -33.36 13.74
N ILE A 242 -0.40 -32.21 13.47
CA ILE A 242 -1.55 -31.77 14.26
C ILE A 242 -2.77 -32.62 13.91
N PHE A 243 -3.16 -32.64 12.65
CA PHE A 243 -4.35 -33.36 12.20
C PHE A 243 -3.95 -34.60 11.42
N THR A 244 -4.47 -35.74 11.84
CA THR A 244 -4.22 -37.02 11.15
C THR A 244 -5.35 -37.30 10.16
N THR A 245 -5.37 -36.48 9.11
CA THR A 245 -6.41 -36.60 8.08
C THR A 245 -5.79 -36.39 6.71
N SER A 246 -6.45 -36.94 5.69
CA SER A 246 -5.99 -36.84 4.32
C SER A 246 -7.16 -36.77 3.35
N LYS A 250 1.60 -37.05 1.40
CA LYS A 250 1.84 -37.34 -0.01
C LYS A 250 1.52 -36.13 -0.88
N TYR A 251 0.74 -35.21 -0.34
CA TYR A 251 0.36 -34.02 -1.08
C TYR A 251 1.55 -33.10 -1.27
N ASP A 252 1.55 -32.38 -2.39
CA ASP A 252 2.68 -31.53 -2.74
C ASP A 252 2.86 -30.40 -1.72
N ILE A 253 4.08 -29.87 -1.69
CA ILE A 253 4.41 -28.76 -0.79
C ILE A 253 3.51 -27.56 -1.06
N TYR A 254 3.08 -27.40 -2.32
CA TYR A 254 2.20 -26.28 -2.67
C TYR A 254 0.85 -26.39 -1.99
N ASP A 255 0.33 -27.61 -1.84
CA ASP A 255 -0.96 -27.80 -1.20
C ASP A 255 -0.88 -27.49 0.30
N LEU A 256 0.21 -27.92 0.95
CA LEU A 256 0.38 -27.62 2.36
C LEU A 256 0.60 -26.13 2.59
N LEU A 257 1.35 -25.49 1.68
CA LEU A 257 1.57 -24.06 1.80
C LEU A 257 0.26 -23.29 1.68
N PHE A 258 -0.64 -23.75 0.82
CA PHE A 258 -1.96 -23.11 0.69
C PHE A 258 -2.81 -23.36 1.93
N THR A 259 -2.78 -24.58 2.47
CA THR A 259 -3.54 -24.87 3.69
C THR A 259 -3.08 -23.99 4.83
N GLU A 260 -1.77 -23.75 4.94
CA GLU A 260 -1.23 -22.86 5.96
C GLU A 260 -1.56 -21.40 5.70
N SER A 261 -2.06 -21.07 4.51
CA SER A 261 -2.41 -19.70 4.16
C SER A 261 -3.85 -19.34 4.48
N ILE A 262 -4.74 -20.34 4.59
CA ILE A 262 -6.13 -20.05 4.90
C ILE A 262 -6.25 -19.47 6.31
N LYS A 263 -7.11 -18.47 6.46
CA LYS A 263 -7.32 -17.81 7.73
C LYS A 263 -8.10 -18.69 8.72
N VAL A 264 -7.88 -18.43 10.00
CA VAL A 264 -8.54 -19.12 11.10
C VAL A 264 -9.25 -18.08 11.95
N ARG A 265 -10.42 -18.43 12.47
CA ARG A 265 -11.24 -17.52 13.26
C ARG A 265 -11.39 -18.04 14.68
N VAL A 266 -11.32 -17.12 15.65
CA VAL A 266 -11.46 -17.45 17.06
C VAL A 266 -12.94 -17.60 17.38
N ILE A 267 -13.33 -18.79 17.82
CA ILE A 267 -14.72 -19.05 18.16
C ILE A 267 -15.03 -18.75 19.63
N ASP A 268 -14.08 -18.97 20.54
CA ASP A 268 -14.30 -18.61 21.93
C ASP A 268 -12.98 -18.55 22.69
N VAL A 269 -13.02 -17.86 23.83
CA VAL A 269 -11.89 -17.67 24.74
C VAL A 269 -12.36 -17.97 26.15
N ASP A 270 -11.57 -18.74 26.89
CA ASP A 270 -11.89 -19.11 28.27
C ASP A 270 -10.91 -18.41 29.20
N LEU A 271 -11.45 -17.54 30.06
CA LEU A 271 -10.64 -16.78 31.02
C LEU A 271 -10.25 -17.57 32.24
N ASN A 272 -10.93 -18.69 32.52
CA ASN A 272 -10.65 -19.50 33.70
C ASN A 272 -9.56 -20.53 33.42
N ASP A 273 -9.67 -21.25 32.31
CA ASP A 273 -8.68 -22.26 31.96
C ASP A 273 -7.54 -21.69 31.14
N TYR A 274 -7.60 -20.41 30.78
CA TYR A 274 -6.58 -19.75 29.95
C TYR A 274 -6.33 -20.54 28.67
N SER A 275 -7.40 -20.70 27.89
CA SER A 275 -7.32 -21.43 26.63
C SER A 275 -8.06 -20.67 25.54
N ILE A 276 -7.55 -20.78 24.33
CA ILE A 276 -8.12 -20.16 23.14
C ILE A 276 -8.36 -21.25 22.11
N THR A 277 -9.54 -21.23 21.49
CA THR A 277 -9.89 -22.22 20.49
C THR A 277 -10.21 -21.54 19.16
N LEU A 278 -9.73 -22.15 18.08
CA LEU A 278 -9.86 -21.62 16.73
C LEU A 278 -10.48 -22.67 15.81
N GLN A 279 -11.19 -22.20 14.79
CA GLN A 279 -11.77 -23.07 13.78
C GLN A 279 -10.84 -23.06 12.57
N VAL A 280 -10.33 -24.24 12.22
CA VAL A 280 -9.39 -24.41 11.12
C VAL A 280 -10.13 -25.05 9.95
N ARG A 281 -10.01 -24.46 8.77
CA ARG A 281 -10.61 -24.95 7.54
C ARG A 281 -9.54 -25.59 6.67
N LEU A 282 -9.72 -26.86 6.33
CA LEU A 282 -8.79 -27.56 5.46
C LEU A 282 -9.40 -27.72 4.08
N PRO A 283 -8.76 -27.19 3.05
CA PRO A 283 -9.39 -27.15 1.72
C PRO A 283 -9.34 -28.47 0.98
N LEU A 284 -10.38 -28.71 0.19
CA LEU A 284 -10.45 -29.83 -0.74
C LEU A 284 -10.23 -29.26 -2.14
N LEU A 285 -8.99 -29.34 -2.61
CA LEU A 285 -8.63 -28.78 -3.91
C LEU A 285 -9.14 -29.66 -5.05
N THR A 286 -9.71 -29.01 -6.07
CA THR A 286 -10.20 -29.66 -7.27
C THR A 286 -9.73 -28.88 -8.49
N ARG A 287 -9.25 -29.60 -9.50
CA ARG A 287 -8.77 -28.97 -10.72
C ARG A 287 -9.94 -28.51 -11.57
N LEU A 288 -9.99 -27.21 -11.87
CA LEU A 288 -11.05 -26.65 -12.69
C LEU A 288 -10.72 -26.86 -14.16
N LEU A 289 -11.38 -27.84 -14.78
CA LEU A 289 -11.13 -28.19 -16.17
C LEU A 289 -11.43 -27.02 -17.11
N ASN A 290 -10.71 -26.98 -18.23
CA ASN A 290 -10.80 -25.91 -19.23
C ASN A 290 -10.52 -24.52 -18.65
N THR A 291 -9.67 -24.45 -17.63
CA THR A 291 -9.27 -23.17 -17.03
C THR A 291 -7.77 -23.02 -17.15
N GLN A 292 -7.34 -21.89 -17.70
CA GLN A 292 -5.93 -21.57 -17.91
C GLN A 292 -5.64 -20.17 -17.41
N ILE A 293 -4.50 -20.01 -16.75
CA ILE A 293 -3.99 -18.71 -16.32
C ILE A 293 -2.68 -18.45 -17.05
N TYR A 294 -2.59 -17.29 -17.69
CA TYR A 294 -1.43 -16.90 -18.48
C TYR A 294 -0.81 -15.64 -17.88
N LYS A 295 0.52 -15.57 -17.94
CA LYS A 295 1.25 -14.38 -17.48
C LYS A 295 1.56 -13.53 -18.71
N VAL A 296 1.31 -12.22 -18.59
CA VAL A 296 1.51 -11.29 -19.68
C VAL A 296 2.63 -10.32 -19.33
N ASP A 297 3.63 -10.24 -20.22
CA ASP A 297 4.78 -9.37 -20.08
C ASP A 297 4.81 -8.45 -21.29
N SER A 298 4.84 -7.14 -21.05
CA SER A 298 4.87 -6.15 -22.11
C SER A 298 6.25 -5.52 -22.22
N ILE A 299 6.80 -5.53 -23.42
CA ILE A 299 8.08 -4.91 -23.71
C ILE A 299 7.85 -3.58 -24.42
N SER A 300 8.91 -2.79 -24.54
CA SER A 300 8.83 -1.51 -25.23
C SER A 300 8.57 -1.68 -26.71
N TYR A 301 7.71 -0.83 -27.26
CA TYR A 301 7.29 -0.87 -28.65
C TYR A 301 7.63 0.48 -29.27
N ASN A 302 8.24 0.47 -30.44
CA ASN A 302 8.72 1.68 -31.08
C ASN A 302 7.71 2.24 -32.09
N ILE A 303 7.45 3.54 -31.98
CA ILE A 303 6.58 4.27 -32.90
C ILE A 303 7.26 5.60 -33.19
N GLN A 304 7.85 5.73 -34.38
CA GLN A 304 8.50 6.97 -34.81
C GLN A 304 9.52 7.46 -33.77
N ASN A 305 10.42 6.55 -33.39
CA ASN A 305 11.52 6.75 -32.44
C ASN A 305 11.04 7.00 -31.02
N ARG A 306 9.75 6.97 -30.76
CA ARG A 306 9.22 7.01 -29.40
C ARG A 306 9.08 5.58 -28.87
N GLU A 307 9.03 5.46 -27.55
CA GLU A 307 8.87 4.16 -26.90
C GLU A 307 7.48 4.08 -26.29
N TRP A 308 6.72 3.06 -26.71
CA TRP A 308 5.37 2.82 -26.23
C TRP A 308 5.28 1.39 -25.70
N TYR A 309 4.25 1.13 -24.89
CA TYR A 309 4.02 -0.22 -24.39
C TYR A 309 2.54 -0.43 -24.22
N ILE A 310 2.10 -1.68 -24.37
CA ILE A 310 0.71 -2.06 -24.23
C ILE A 310 0.44 -2.36 -22.76
N PRO A 311 -0.35 -1.54 -22.06
CA PRO A 311 -0.64 -1.81 -20.64
C PRO A 311 -1.65 -2.95 -20.53
N LEU A 312 -1.25 -4.02 -19.85
CA LEU A 312 -2.10 -5.18 -19.67
C LEU A 312 -1.95 -5.69 -18.25
N PRO A 313 -2.93 -6.44 -17.74
CA PRO A 313 -2.80 -7.03 -16.41
C PRO A 313 -1.64 -8.02 -16.35
N SER A 314 -1.10 -8.20 -15.15
CA SER A 314 0.02 -9.11 -14.96
C SER A 314 -0.36 -10.54 -15.33
N HIS A 315 -1.59 -10.95 -15.05
CA HIS A 315 -2.07 -12.27 -15.39
C HIS A 315 -3.43 -12.19 -16.08
N ILE A 316 -3.63 -13.01 -17.10
CA ILE A 316 -4.89 -13.09 -17.82
C ILE A 316 -5.35 -14.54 -17.83
N MET A 317 -6.66 -14.73 -17.83
CA MET A 317 -7.27 -16.05 -17.71
C MET A 317 -8.22 -16.33 -18.86
N THR A 318 -8.28 -17.61 -19.25
CA THR A 318 -9.20 -18.08 -20.27
C THR A 318 -9.96 -19.26 -19.67
N LYS A 319 -11.29 -19.18 -19.68
CA LYS A 319 -12.15 -20.22 -19.11
C LYS A 319 -13.31 -20.43 -20.08
N GLY A 320 -13.16 -21.39 -20.98
CA GLY A 320 -14.17 -21.61 -21.99
C GLY A 320 -14.29 -20.40 -22.90
N ALA A 321 -15.43 -19.73 -22.86
CA ALA A 321 -15.65 -18.54 -23.67
C ALA A 321 -15.18 -17.27 -22.97
N PHE A 322 -14.76 -17.35 -21.72
CA PHE A 322 -14.37 -16.18 -20.94
C PHE A 322 -12.88 -15.86 -21.14
N LEU A 323 -12.58 -14.57 -21.22
CA LEU A 323 -11.20 -14.10 -21.32
C LEU A 323 -11.09 -12.83 -20.47
N GLY A 324 -10.18 -12.84 -19.51
CA GLY A 324 -10.06 -11.68 -18.63
C GLY A 324 -8.88 -11.85 -17.69
N GLY A 325 -8.64 -10.78 -16.92
CA GLY A 325 -7.54 -10.77 -15.99
C GLY A 325 -7.79 -11.68 -14.79
N ALA A 326 -6.70 -11.98 -14.08
CA ALA A 326 -6.77 -12.82 -12.89
C ALA A 326 -6.00 -12.16 -11.75
N ASP A 327 -6.62 -12.09 -10.57
CA ASP A 327 -6.01 -11.54 -9.37
C ASP A 327 -5.32 -12.65 -8.57
N VAL A 328 -4.17 -13.09 -9.10
CA VAL A 328 -3.42 -14.18 -8.49
C VAL A 328 -2.64 -13.73 -7.26
N LYS A 329 -2.70 -12.44 -6.91
CA LYS A 329 -1.96 -11.94 -5.74
C LYS A 329 -2.35 -12.66 -4.46
N GLU A 330 -3.58 -13.17 -4.38
CA GLU A 330 -4.04 -13.91 -3.21
C GLU A 330 -3.88 -15.42 -3.37
N CYS A 331 -3.38 -15.89 -4.50
CA CYS A 331 -3.25 -17.32 -4.77
C CYS A 331 -1.81 -17.78 -4.62
N ILE A 332 -1.65 -19.11 -4.63
CA ILE A 332 -0.36 -19.78 -4.55
C ILE A 332 -0.05 -20.38 -5.91
N GLU A 333 1.18 -20.16 -6.39
CA GLU A 333 1.61 -20.64 -7.70
C GLU A 333 2.43 -21.91 -7.55
N ALA A 334 1.92 -23.01 -8.09
CA ALA A 334 2.59 -24.29 -8.06
C ALA A 334 3.34 -24.52 -9.36
N PHE A 335 3.90 -25.73 -9.50
CA PHE A 335 4.65 -26.07 -10.72
C PHE A 335 3.76 -26.13 -11.94
N SER A 336 2.52 -26.63 -11.80
CA SER A 336 1.63 -26.79 -12.94
C SER A 336 0.25 -26.17 -12.77
N SER A 337 -0.04 -25.51 -11.65
CA SER A 337 -1.36 -24.92 -11.48
C SER A 337 -1.30 -23.84 -10.41
N TYR A 338 -2.31 -22.97 -10.42
CA TYR A 338 -2.50 -21.96 -9.39
C TYR A 338 -3.58 -22.43 -8.44
N ILE A 339 -3.32 -22.28 -7.14
CA ILE A 339 -4.25 -22.70 -6.11
C ILE A 339 -4.92 -21.43 -5.57
N CYS A 340 -6.22 -21.30 -5.80
CA CYS A 340 -6.94 -20.09 -5.41
C CYS A 340 -8.13 -20.42 -4.53
N PRO A 341 -8.54 -19.49 -3.66
CA PRO A 341 -9.70 -19.74 -2.82
C PRO A 341 -11.02 -19.55 -3.56
N SER A 342 -11.00 -18.79 -4.65
CA SER A 342 -12.18 -18.55 -5.48
C SER A 342 -11.68 -18.09 -6.83
N ASP A 343 -12.57 -18.12 -7.82
CA ASP A 343 -12.22 -17.70 -9.17
C ASP A 343 -11.64 -16.29 -9.16
N PRO A 344 -10.36 -16.11 -9.53
CA PRO A 344 -9.76 -14.77 -9.53
C PRO A 344 -10.09 -13.94 -10.76
N GLY A 345 -10.87 -14.47 -11.70
CA GLY A 345 -11.15 -13.75 -12.92
C GLY A 345 -11.97 -12.50 -12.70
N PHE A 346 -11.75 -11.53 -13.59
CA PHE A 346 -12.52 -10.30 -13.62
C PHE A 346 -12.62 -9.82 -15.07
N VAL A 347 -13.68 -9.08 -15.37
CA VAL A 347 -13.97 -8.63 -16.72
C VAL A 347 -13.02 -7.51 -17.11
N LEU A 348 -12.47 -7.60 -18.32
CA LEU A 348 -11.59 -6.60 -18.89
C LEU A 348 -12.35 -5.68 -19.83
N ASN A 349 -11.71 -4.56 -20.16
CA ASN A 349 -12.25 -3.65 -21.16
C ASN A 349 -12.32 -4.34 -22.52
N HIS A 350 -13.36 -4.02 -23.29
CA HIS A 350 -13.56 -4.64 -24.60
C HIS A 350 -12.38 -4.43 -25.53
N GLU A 351 -11.67 -3.31 -25.42
CA GLU A 351 -10.51 -3.09 -26.27
C GLU A 351 -9.36 -4.02 -25.91
N MET A 352 -9.17 -4.30 -24.63
CA MET A 352 -8.14 -5.26 -24.22
C MET A 352 -8.55 -6.68 -24.58
N GLU A 353 -9.84 -7.02 -24.41
CA GLU A 353 -10.31 -8.35 -24.77
C GLU A 353 -10.17 -8.59 -26.26
N SER A 354 -10.42 -7.57 -27.08
CA SER A 354 -10.26 -7.72 -28.53
C SER A 354 -8.78 -7.74 -28.91
N CYS A 355 -7.96 -6.99 -28.19
CA CYS A 355 -6.52 -6.99 -28.42
C CYS A 355 -5.94 -8.38 -28.21
N LEU A 356 -6.31 -9.03 -27.11
CA LEU A 356 -5.84 -10.37 -26.81
C LEU A 356 -6.44 -11.43 -27.73
N SER A 357 -7.55 -11.12 -28.40
CA SER A 357 -8.16 -12.03 -29.35
C SER A 357 -7.56 -11.93 -30.75
N GLY A 358 -6.43 -11.24 -30.90
CA GLY A 358 -5.75 -11.13 -32.17
C GLY A 358 -5.95 -9.83 -32.92
N ASN A 359 -6.94 -9.01 -32.55
CA ASN A 359 -7.15 -7.73 -33.22
C ASN A 359 -6.20 -6.71 -32.58
N ILE A 360 -4.92 -6.85 -32.92
CA ILE A 360 -3.87 -6.03 -32.35
C ILE A 360 -4.00 -4.54 -32.69
N SER A 361 -4.85 -4.17 -33.65
CA SER A 361 -5.04 -2.76 -33.93
C SER A 361 -5.80 -2.04 -32.83
N GLN A 362 -6.49 -2.78 -31.96
CA GLN A 362 -7.25 -2.22 -30.85
C GLN A 362 -6.47 -2.12 -29.56
N CYS A 363 -5.24 -2.64 -29.51
CA CYS A 363 -4.49 -2.66 -28.27
C CYS A 363 -4.21 -1.26 -27.75
N PRO A 364 -4.49 -0.97 -26.47
CA PRO A 364 -4.15 0.33 -25.91
C PRO A 364 -2.64 0.48 -25.76
N ARG A 365 -2.15 1.68 -26.02
CA ARG A 365 -0.72 1.95 -25.90
C ARG A 365 -0.47 3.22 -25.10
N THR A 366 0.61 3.21 -24.31
CA THR A 366 1.00 4.31 -23.45
C THR A 366 2.49 4.55 -23.57
N THR A 367 2.90 5.80 -23.40
CA THR A 367 4.32 6.16 -23.44
C THR A 367 5.07 5.53 -22.27
N VAL A 368 6.28 5.06 -22.56
CA VAL A 368 7.15 4.50 -21.52
C VAL A 368 7.81 5.64 -20.77
N THR A 369 7.57 5.71 -19.47
CA THR A 369 8.08 6.81 -18.64
C THR A 369 9.06 6.35 -17.57
N SER A 370 9.56 5.12 -17.65
CA SER A 370 10.50 4.61 -16.65
C SER A 370 11.27 3.45 -17.24
N ASP A 371 12.34 3.07 -16.54
CA ASP A 371 13.16 1.93 -16.94
C ASP A 371 12.61 0.60 -16.45
N ILE A 372 11.48 0.61 -15.75
CA ILE A 372 10.89 -0.63 -15.27
C ILE A 372 10.44 -1.50 -16.44
N VAL A 373 9.86 -0.88 -17.46
CA VAL A 373 9.37 -1.60 -18.64
C VAL A 373 10.55 -2.21 -19.37
N PRO A 374 10.56 -3.52 -19.58
CA PRO A 374 11.69 -4.16 -20.27
C PRO A 374 11.78 -3.71 -21.73
N ARG A 375 12.99 -3.80 -22.27
CA ARG A 375 13.24 -3.48 -23.67
C ARG A 375 13.68 -4.69 -24.48
N TYR A 376 13.90 -5.83 -23.85
CA TYR A 376 14.25 -7.05 -24.54
C TYR A 376 13.81 -8.23 -23.68
N ALA A 377 13.46 -9.34 -24.35
CA ALA A 377 13.05 -10.54 -23.64
C ALA A 377 13.25 -11.75 -24.54
N PHE A 378 13.65 -12.87 -23.93
CA PHE A 378 13.77 -14.12 -24.66
C PHE A 378 12.39 -14.75 -24.80
N VAL A 379 12.10 -15.25 -26.00
CA VAL A 379 10.81 -15.88 -26.28
C VAL A 379 11.03 -17.13 -27.12
N ASN A 380 10.69 -18.29 -26.57
CA ASN A 380 10.71 -19.56 -27.28
C ASN A 380 12.03 -19.78 -28.02
N GLY A 381 13.13 -19.53 -27.31
CA GLY A 381 14.45 -19.79 -27.87
C GLY A 381 15.01 -18.68 -28.73
N GLY A 382 14.26 -17.61 -28.95
CA GLY A 382 14.75 -16.48 -29.71
C GLY A 382 14.73 -15.21 -28.89
N VAL A 383 15.04 -14.07 -29.51
CA VAL A 383 15.07 -12.80 -28.83
C VAL A 383 14.05 -11.87 -29.47
N VAL A 384 13.24 -11.22 -28.63
CA VAL A 384 12.25 -10.24 -29.04
C VAL A 384 12.63 -8.94 -28.34
N ALA A 385 12.99 -7.92 -29.13
CA ALA A 385 13.47 -6.68 -28.53
C ALA A 385 13.23 -5.50 -29.45
N ASN A 386 13.23 -4.32 -28.84
CA ASN A 386 13.16 -3.05 -29.55
C ASN A 386 14.60 -2.72 -29.92
N CYS A 387 15.01 -3.20 -31.09
CA CYS A 387 16.39 -3.05 -31.59
C CYS A 387 16.75 -1.63 -31.99
N ILE A 388 15.94 -0.62 -31.70
CA ILE A 388 16.32 0.76 -31.96
C ILE A 388 17.03 1.36 -30.76
N THR A 389 16.44 1.23 -29.57
CA THR A 389 17.05 1.70 -28.34
C THR A 389 17.96 0.66 -27.72
N THR A 390 17.83 -0.60 -28.11
CA THR A 390 18.68 -1.69 -27.67
C THR A 390 19.52 -2.16 -28.86
N THR A 391 20.83 -2.31 -28.64
CA THR A 391 21.74 -2.75 -29.69
C THR A 391 21.59 -4.25 -29.89
N CYS A 392 21.08 -4.64 -31.07
CA CYS A 392 20.89 -6.03 -31.46
C CYS A 392 21.94 -6.39 -32.50
N THR A 393 22.63 -7.50 -32.29
CA THR A 393 23.68 -7.96 -33.19
C THR A 393 23.40 -9.39 -33.61
N CYS A 394 23.66 -9.68 -34.89
CA CYS A 394 23.40 -10.98 -35.49
C CYS A 394 24.70 -11.66 -35.88
N ASN A 395 24.87 -12.89 -35.40
CA ASN A 395 26.05 -13.72 -35.68
C ASN A 395 27.34 -13.04 -35.22
N GLY A 396 27.25 -12.25 -34.15
CA GLY A 396 28.41 -11.56 -33.63
C GLY A 396 28.19 -10.06 -33.51
N ILE A 397 29.02 -9.40 -32.69
CA ILE A 397 28.88 -7.97 -32.48
C ILE A 397 29.33 -7.15 -33.69
N GLY A 398 30.05 -7.79 -34.63
CA GLY A 398 30.56 -7.10 -35.80
C GLY A 398 29.52 -6.46 -36.70
N ASN A 399 28.24 -6.80 -36.55
CA ASN A 399 27.20 -6.17 -37.36
C ASN A 399 25.94 -5.98 -36.54
N ARG A 400 25.35 -4.79 -36.68
CA ARG A 400 24.11 -4.43 -36.00
C ARG A 400 22.94 -4.54 -36.97
N ILE A 401 21.86 -5.20 -36.53
CA ILE A 401 20.66 -5.30 -37.36
C ILE A 401 19.86 -4.02 -37.23
N ASN A 402 19.54 -3.41 -38.38
CA ASN A 402 18.79 -2.17 -38.41
C ASN A 402 17.29 -2.46 -38.40
N GLN A 403 16.56 -1.74 -37.55
CA GLN A 403 15.11 -1.84 -37.48
C GLN A 403 14.51 -0.60 -38.12
N PRO A 404 13.71 -0.75 -39.17
CA PRO A 404 13.11 0.43 -39.80
C PRO A 404 12.24 1.18 -38.83
N PRO A 405 12.16 2.51 -38.95
CA PRO A 405 11.35 3.30 -38.04
C PRO A 405 9.88 2.90 -37.99
N ASP A 406 9.35 2.30 -39.05
CA ASP A 406 7.95 1.88 -39.07
C ASP A 406 7.73 0.54 -38.38
N GLN A 407 8.78 -0.18 -37.99
CA GLN A 407 8.64 -1.44 -37.29
C GLN A 407 8.86 -1.21 -35.81
N GLY A 408 7.94 -1.74 -34.99
CA GLY A 408 7.99 -1.52 -33.57
C GLY A 408 8.82 -2.51 -32.76
N VAL A 409 8.76 -3.78 -33.14
CA VAL A 409 9.50 -4.82 -32.43
C VAL A 409 10.15 -5.76 -33.43
N LYS A 410 11.42 -6.09 -33.18
CA LYS A 410 12.18 -7.00 -34.02
C LYS A 410 12.15 -8.40 -33.42
N ILE A 411 11.79 -9.39 -34.23
CA ILE A 411 11.73 -10.78 -33.81
C ILE A 411 12.88 -11.52 -34.47
N ILE A 412 13.79 -12.04 -33.66
CA ILE A 412 14.99 -12.73 -34.13
C ILE A 412 14.88 -14.20 -33.77
N THR A 413 14.97 -15.06 -34.79
CA THR A 413 14.79 -16.49 -34.62
C THR A 413 16.06 -17.23 -35.02
N HIS A 414 16.19 -18.45 -34.49
CA HIS A 414 17.36 -19.28 -34.78
C HIS A 414 17.53 -19.58 -36.26
N LYS A 415 16.46 -19.48 -37.04
CA LYS A 415 16.55 -19.68 -38.48
C LYS A 415 17.30 -18.55 -39.18
N GLU A 416 17.52 -17.43 -38.51
CA GLU A 416 18.21 -16.29 -39.09
C GLU A 416 19.58 -16.05 -38.45
N CYS A 417 19.63 -15.87 -37.14
CA CYS A 417 20.86 -15.59 -36.42
C CYS A 417 21.20 -16.74 -35.49
N ASN A 418 22.39 -17.32 -35.67
CA ASN A 418 22.84 -18.41 -34.81
C ASN A 418 23.10 -17.89 -33.40
N THR A 419 23.72 -16.71 -33.28
CA THR A 419 23.98 -16.08 -32.00
C THR A 419 23.42 -14.67 -32.02
N ILE A 420 22.82 -14.27 -30.90
CA ILE A 420 22.20 -12.96 -30.75
C ILE A 420 22.86 -12.24 -29.59
N GLY A 421 23.26 -10.99 -29.83
CA GLY A 421 23.91 -10.20 -28.80
C GLY A 421 23.11 -8.99 -28.37
N ILE A 422 22.73 -8.97 -27.09
CA ILE A 422 21.97 -7.86 -26.51
C ILE A 422 22.94 -7.04 -25.67
N ASN A 423 23.20 -5.80 -26.10
CA ASN A 423 24.12 -4.91 -25.40
C ASN A 423 25.48 -5.58 -25.17
N GLY A 424 25.91 -6.39 -26.13
CA GLY A 424 27.15 -7.13 -26.05
C GLY A 424 27.04 -8.50 -25.41
N MET A 425 25.90 -8.83 -24.82
CA MET A 425 25.70 -10.13 -24.18
C MET A 425 25.38 -11.14 -25.28
N LEU A 426 26.41 -11.85 -25.74
CA LEU A 426 26.22 -12.85 -26.78
C LEU A 426 25.57 -14.10 -26.20
N PHE A 427 24.49 -14.54 -26.83
CA PHE A 427 23.75 -15.72 -26.41
C PHE A 427 23.57 -16.67 -27.59
N ASN A 428 23.61 -17.96 -27.30
CA ASN A 428 23.39 -18.99 -28.29
C ASN A 428 21.90 -19.30 -28.42
N THR A 429 21.39 -19.26 -29.64
CA THR A 429 19.98 -19.56 -29.87
C THR A 429 19.72 -21.05 -29.67
N ASN A 430 18.47 -21.37 -29.35
CA ASN A 430 18.06 -22.74 -29.08
C ASN A 430 17.47 -23.36 -30.35
N LYS A 431 18.07 -24.45 -30.80
CA LYS A 431 17.63 -25.13 -32.01
C LYS A 431 16.24 -25.75 -31.88
N GLU A 432 15.81 -26.05 -30.66
CA GLU A 432 14.48 -26.59 -30.42
C GLU A 432 13.41 -25.51 -30.24
N GLY A 433 13.76 -24.24 -30.41
CA GLY A 433 12.79 -23.18 -30.26
C GLY A 433 11.75 -23.19 -31.36
N THR A 434 10.60 -22.61 -31.05
CA THR A 434 9.47 -22.55 -32.00
C THR A 434 9.01 -21.12 -32.24
N LEU A 435 9.87 -20.14 -32.00
CA LEU A 435 9.51 -18.74 -32.23
C LEU A 435 9.31 -18.46 -33.71
N PRO A 440 5.79 -8.56 -42.04
CA PRO A 440 5.64 -7.67 -43.19
C PRO A 440 4.29 -6.94 -43.21
N ASP A 441 3.65 -6.84 -42.05
CA ASP A 441 2.35 -6.19 -41.91
C ASP A 441 2.53 -4.84 -41.24
N ASP A 442 1.93 -3.81 -41.84
CA ASP A 442 2.01 -2.45 -41.31
C ASP A 442 0.88 -2.23 -40.30
N ILE A 443 1.12 -2.71 -39.09
CA ILE A 443 0.14 -2.57 -38.01
C ILE A 443 0.21 -1.17 -37.44
N THR A 444 -0.95 -0.56 -37.22
CA THR A 444 -1.07 0.78 -36.67
C THR A 444 -2.01 0.73 -35.47
N LEU A 445 -1.59 1.33 -34.35
CA LEU A 445 -2.38 1.35 -33.14
C LEU A 445 -2.82 2.79 -32.87
N ASN A 446 -4.14 3.01 -32.87
CA ASN A 446 -4.70 4.34 -32.69
C ASN A 446 -5.25 4.59 -31.29
N ASN A 447 -5.47 3.54 -30.48
CA ASN A 447 -6.04 3.71 -29.15
C ASN A 447 -4.98 4.13 -28.14
N SER A 448 -4.58 5.41 -28.24
CA SER A 448 -3.63 5.98 -27.29
C SER A 448 -4.35 6.25 -25.97
N VAL A 449 -3.76 5.80 -24.87
CA VAL A 449 -4.37 5.98 -23.55
C VAL A 449 -3.33 6.47 -22.55
N ALA A 450 -3.81 7.15 -21.52
CA ALA A 450 -2.98 7.69 -20.45
C ALA A 450 -3.35 7.02 -19.14
N LEU A 451 -2.33 6.70 -18.35
CA LEU A 451 -2.52 6.00 -17.07
C LEU A 451 -2.65 6.94 -15.87
N ASN A 452 -2.56 8.26 -16.06
CA ASN A 452 -2.68 9.13 -14.90
C ASN A 452 -3.82 10.12 -15.08
N PRO A 453 -4.53 10.46 -14.01
CA PRO A 453 -5.68 11.38 -14.12
C PRO A 453 -5.32 12.79 -14.61
N ILE A 454 -4.11 13.27 -14.36
CA ILE A 454 -3.76 14.62 -14.78
C ILE A 454 -3.69 14.72 -16.31
N ASP A 455 -3.07 13.74 -16.96
CA ASP A 455 -2.98 13.76 -18.41
C ASP A 455 -4.37 13.74 -19.04
N ILE A 456 -5.27 12.90 -18.52
CA ILE A 456 -6.63 12.83 -19.05
C ILE A 456 -7.35 14.16 -18.85
N SER A 457 -7.14 14.79 -17.69
CA SER A 457 -7.77 16.09 -17.43
C SER A 457 -7.28 17.16 -18.38
N ILE A 458 -5.97 17.19 -18.66
CA ILE A 458 -5.43 18.17 -19.59
C ILE A 458 -5.98 17.96 -20.99
N GLU A 459 -6.09 16.69 -21.42
CA GLU A 459 -6.67 16.40 -22.71
C GLU A 459 -8.17 16.71 -22.73
N LEU A 460 -8.85 16.47 -21.62
CA LEU A 460 -10.27 16.78 -21.53
C LEU A 460 -10.51 18.29 -21.59
N ASN A 461 -9.61 19.08 -21.01
CA ASN A 461 -9.75 20.53 -21.11
C ASN A 461 -9.61 21.00 -22.55
N LYS A 462 -8.70 20.37 -23.31
CA LYS A 462 -8.56 20.69 -24.72
C LYS A 462 -9.83 20.36 -25.49
N ALA A 463 -10.43 19.20 -25.20
CA ALA A 463 -11.68 18.81 -25.86
C ALA A 463 -12.80 19.78 -25.52
N LYS A 464 -12.88 20.22 -24.26
CA LYS A 464 -13.91 21.19 -23.87
C LYS A 464 -13.72 22.51 -24.59
N SER A 465 -12.47 22.95 -24.76
CA SER A 465 -12.22 24.19 -25.50
C SER A 465 -12.64 24.05 -26.95
N ASP A 466 -12.37 22.90 -27.56
CA ASP A 466 -12.81 22.66 -28.93
C ASP A 466 -14.32 22.60 -29.03
N LEU A 467 -14.98 22.08 -28.00
CA LEU A 467 -16.44 22.07 -27.97
C LEU A 467 -16.99 23.49 -27.92
N GLU A 468 -16.37 24.37 -27.13
CA GLU A 468 -16.81 25.76 -27.07
C GLU A 468 -16.64 26.44 -28.42
N GLU A 469 -15.53 26.18 -29.10
CA GLU A 469 -15.31 26.75 -30.42
C GLU A 469 -16.35 26.23 -31.41
N SER A 470 -16.69 24.94 -31.32
CA SER A 470 -17.71 24.37 -32.19
C SER A 470 -19.07 25.02 -31.93
N LYS A 471 -19.43 25.19 -30.66
CA LYS A 471 -20.69 25.84 -30.33
C LYS A 471 -20.72 27.29 -30.81
N GLU A 472 -19.60 28.00 -30.68
CA GLU A 472 -19.52 29.37 -31.17
C GLU A 472 -19.67 29.41 -32.69
N TRP A 473 -19.00 28.51 -33.41
CA TRP A 473 -19.17 28.45 -34.85
C TRP A 473 -20.60 28.12 -35.23
N ILE A 474 -21.27 27.28 -34.45
CA ILE A 474 -22.68 27.00 -34.70
C ILE A 474 -23.52 28.25 -34.49
N ARG A 475 -23.27 28.98 -33.39
CA ARG A 475 -23.98 30.23 -33.14
C ARG A 475 -23.75 31.23 -34.27
N ARG A 476 -22.51 31.35 -34.73
CA ARG A 476 -22.21 32.23 -35.85
C ARG A 476 -22.96 31.80 -37.11
N SER A 477 -22.99 30.50 -37.40
CA SER A 477 -23.68 30.02 -38.58
C SER A 477 -25.18 30.28 -38.49
N ASN A 478 -25.77 30.05 -37.32
CA ASN A 478 -27.20 30.29 -37.15
C ASN A 478 -27.52 31.78 -37.25
N GLN A 479 -26.63 32.63 -36.72
CA GLN A 479 -26.86 34.07 -36.77
C GLN A 479 -26.68 34.63 -38.18
N LYS A 480 -25.61 34.23 -38.87
CA LYS A 480 -25.38 34.74 -40.22
C LYS A 480 -26.34 34.13 -41.24
N LEU A 481 -26.63 32.84 -41.11
CA LEU A 481 -27.51 32.18 -42.08
C LEU A 481 -28.96 32.29 -41.64
N GLN B 19 -30.26 14.45 7.36
CA GLN B 19 -29.69 15.06 6.18
C GLN B 19 -29.70 14.09 5.00
N ILE B 20 -29.60 12.80 5.30
CA ILE B 20 -29.52 11.76 4.29
C ILE B 20 -30.88 11.08 4.17
N ASP B 21 -31.36 10.92 2.94
CA ASP B 21 -32.62 10.21 2.68
C ASP B 21 -32.34 8.72 2.61
N ILE B 22 -32.21 8.11 3.80
CA ILE B 22 -31.91 6.69 3.92
C ILE B 22 -32.91 5.83 3.16
N THR B 23 -34.19 6.22 3.17
CA THR B 23 -35.23 5.41 2.52
C THR B 23 -35.04 5.35 1.00
N LYS B 24 -34.79 6.49 0.35
CA LYS B 24 -34.67 6.47 -1.10
C LYS B 24 -33.40 5.80 -1.58
N LEU B 25 -32.31 5.91 -0.80
CA LEU B 25 -31.05 5.29 -1.21
C LEU B 25 -31.14 3.77 -1.31
N GLN B 26 -32.04 3.15 -0.53
CA GLN B 26 -32.19 1.71 -0.61
C GLN B 26 -32.62 1.27 -2.01
N HIS B 27 -33.46 2.06 -2.67
CA HIS B 27 -33.92 1.72 -4.02
C HIS B 27 -32.80 1.71 -5.04
N VAL B 28 -31.68 2.40 -4.77
CA VAL B 28 -30.53 2.39 -5.67
C VAL B 28 -29.41 1.50 -5.12
N GLY B 29 -29.68 0.73 -4.06
CA GLY B 29 -28.70 -0.16 -3.48
C GLY B 29 -27.72 0.46 -2.52
N VAL B 30 -27.94 1.71 -2.10
CA VAL B 30 -27.07 2.39 -1.16
C VAL B 30 -27.67 2.22 0.23
N LEU B 31 -26.95 1.55 1.13
CA LEU B 31 -27.41 1.27 2.48
C LEU B 31 -26.61 2.08 3.48
N VAL B 32 -27.31 2.78 4.37
CA VAL B 32 -26.70 3.59 5.42
C VAL B 32 -26.89 2.86 6.74
N ASN B 33 -25.77 2.56 7.41
CA ASN B 33 -25.77 1.83 8.67
C ASN B 33 -26.14 2.74 9.84
N SER B 34 -26.11 2.18 11.03
CA SER B 34 -26.47 2.91 12.24
C SER B 34 -25.46 4.02 12.51
N PRO B 35 -25.91 5.22 12.83
CA PRO B 35 -24.98 6.33 13.07
C PRO B 35 -24.21 6.19 14.37
N LYS B 36 -23.09 6.91 14.42
CA LYS B 36 -22.23 7.01 15.58
C LYS B 36 -21.75 8.45 15.67
N GLY B 37 -21.61 8.98 16.89
CA GLY B 37 -21.12 10.32 17.06
C GLY B 37 -19.62 10.39 16.84
N MET B 38 -19.05 11.55 17.19
CA MET B 38 -17.62 11.72 17.07
C MET B 38 -17.02 12.40 18.28
N LYS B 39 -15.90 11.86 18.76
CA LYS B 39 -15.11 12.40 19.85
C LYS B 39 -13.79 12.87 19.27
N ILE B 40 -13.47 14.15 19.41
CA ILE B 40 -12.26 14.72 18.82
C ILE B 40 -11.34 15.22 19.93
N SER B 41 -10.03 15.05 19.69
CA SER B 41 -8.96 15.46 20.61
C SER B 41 -8.68 16.96 20.44
N GLN B 42 -9.48 17.77 21.13
CA GLN B 42 -9.31 19.21 21.03
C GLN B 42 -8.03 19.69 21.71
N ASN B 43 -7.60 19.01 22.78
CA ASN B 43 -6.40 19.41 23.50
C ASN B 43 -5.68 18.17 23.99
N PHE B 44 -4.40 18.34 24.34
CA PHE B 44 -3.59 17.25 24.84
C PHE B 44 -2.81 17.65 26.09
N GLU B 45 -2.77 16.75 27.06
CA GLU B 45 -1.89 16.90 28.22
C GLU B 45 -0.52 16.38 27.82
N THR B 46 0.53 17.08 28.23
CA THR B 46 1.89 16.66 27.89
C THR B 46 2.64 16.20 29.13
N ARG B 47 3.13 14.96 29.07
CA ARG B 47 3.90 14.35 30.14
C ARG B 47 5.13 13.69 29.54
N TYR B 48 6.26 13.76 30.24
CA TYR B 48 7.53 13.24 29.76
C TYR B 48 7.86 11.91 30.41
N LEU B 49 8.30 10.95 29.59
CA LEU B 49 8.63 9.60 30.02
C LEU B 49 10.11 9.36 29.79
N ILE B 50 10.84 9.04 30.85
CA ILE B 50 12.28 8.76 30.77
C ILE B 50 12.47 7.26 30.89
N LEU B 51 13.14 6.67 29.91
CA LEU B 51 13.46 5.25 29.90
C LEU B 51 14.95 5.07 30.17
N SER B 52 15.29 4.36 31.24
CA SER B 52 16.68 4.08 31.58
C SER B 52 16.95 2.62 31.23
N LEU B 53 17.79 2.41 30.23
CA LEU B 53 18.04 1.09 29.67
C LEU B 53 18.99 0.23 30.49
N ILE B 54 19.82 0.81 31.35
CA ILE B 54 20.78 0.05 32.15
C ILE B 54 20.19 -0.19 33.54
N PRO B 55 19.98 -1.44 33.94
CA PRO B 55 19.48 -1.72 35.29
C PRO B 55 20.58 -1.61 36.33
N LYS B 56 20.16 -1.47 37.58
CA LYS B 56 21.09 -1.40 38.70
C LYS B 56 21.08 -2.73 39.45
N ILE B 57 22.23 -3.40 39.48
CA ILE B 57 22.39 -4.64 40.23
C ILE B 57 22.91 -4.29 41.62
N GLU B 58 22.03 -4.41 42.62
CA GLU B 58 22.36 -4.02 43.99
C GLU B 58 23.40 -4.93 44.66
N ASP B 59 23.73 -6.06 44.05
CA ASP B 59 24.68 -6.99 44.64
C ASP B 59 26.02 -6.32 44.95
N SER B 60 26.45 -6.43 46.21
CA SER B 60 27.72 -5.85 46.63
C SER B 60 28.93 -6.56 46.04
N ASN B 61 28.77 -7.81 45.60
CA ASN B 61 29.87 -8.55 44.98
C ASN B 61 30.09 -8.17 43.52
N SER B 62 29.44 -7.11 43.04
CA SER B 62 29.56 -6.62 41.66
C SER B 62 29.21 -7.67 40.61
N CYS B 63 28.42 -8.68 40.96
CA CYS B 63 28.06 -9.68 39.98
C CYS B 63 27.22 -9.05 38.87
N GLY B 64 27.20 -9.72 37.71
CA GLY B 64 26.46 -9.24 36.58
C GLY B 64 27.11 -8.08 35.85
N ASP B 65 28.19 -7.51 36.39
CA ASP B 65 28.85 -6.38 35.74
C ASP B 65 29.36 -6.75 34.35
N GLN B 66 29.80 -7.99 34.15
CA GLN B 66 30.30 -8.38 32.85
C GLN B 66 29.19 -8.41 31.81
N GLN B 67 28.02 -8.93 32.19
CA GLN B 67 26.88 -8.93 31.27
C GLN B 67 26.41 -7.53 30.97
N ILE B 68 26.42 -6.64 31.97
CA ILE B 68 26.00 -5.26 31.75
C ILE B 68 26.96 -4.57 30.79
N LYS B 69 28.26 -4.85 30.91
CA LYS B 69 29.22 -4.25 29.99
C LYS B 69 28.96 -4.72 28.56
N GLN B 70 28.70 -6.00 28.38
CA GLN B 70 28.37 -6.52 27.06
C GLN B 70 27.04 -5.95 26.57
N TYR B 71 26.07 -5.82 27.47
CA TYR B 71 24.78 -5.27 27.12
C TYR B 71 24.89 -3.82 26.66
N LYS B 72 25.75 -3.04 27.32
CA LYS B 72 25.98 -1.66 26.89
C LYS B 72 26.48 -1.60 25.45
N ARG B 73 27.42 -2.47 25.09
CA ARG B 73 27.94 -2.51 23.73
C ARG B 73 26.85 -2.81 22.71
N LEU B 74 25.85 -3.61 23.09
CA LEU B 74 24.76 -3.95 22.18
C LEU B 74 23.76 -2.80 22.05
N LEU B 75 23.50 -2.07 23.13
CA LEU B 75 22.60 -0.94 23.07
C LEU B 75 23.10 0.15 22.14
N ASP B 76 24.43 0.31 22.03
CA ASP B 76 25.00 1.33 21.15
C ASP B 76 24.49 1.23 19.72
N ARG B 77 24.17 0.01 19.25
CA ARG B 77 23.66 -0.17 17.91
C ARG B 77 22.31 0.51 17.70
N LEU B 78 21.63 0.89 18.77
CA LEU B 78 20.35 1.62 18.70
C LEU B 78 20.45 3.05 19.20
N ILE B 79 21.12 3.26 20.34
CA ILE B 79 21.22 4.57 20.94
C ILE B 79 22.00 5.54 20.05
N ILE B 80 23.08 5.09 19.44
CA ILE B 80 23.91 5.94 18.58
C ILE B 80 23.14 6.35 17.32
N PRO B 81 22.48 5.44 16.59
CA PRO B 81 21.70 5.90 15.43
C PRO B 81 20.64 6.93 15.78
N LEU B 82 19.94 6.76 16.91
CA LEU B 82 18.93 7.72 17.33
C LEU B 82 19.55 9.07 17.65
N TYR B 83 20.66 9.07 18.41
CA TYR B 83 21.33 10.31 18.77
C TYR B 83 21.84 11.05 17.54
N ASP B 84 22.41 10.32 16.59
CA ASP B 84 22.90 10.93 15.35
C ASP B 84 21.75 11.54 14.55
N GLY B 85 20.63 10.81 14.45
CA GLY B 85 19.48 11.33 13.72
C GLY B 85 18.91 12.59 14.33
N LEU B 86 18.86 12.66 15.65
CA LEU B 86 18.34 13.84 16.33
C LEU B 86 19.31 15.03 16.17
N ARG B 87 20.60 14.78 16.36
CA ARG B 87 21.58 15.87 16.28
C ARG B 87 21.65 16.48 14.89
N LEU B 88 21.52 15.66 13.85
CA LEU B 88 21.60 16.15 12.47
C LEU B 88 20.26 16.57 11.90
N GLN B 89 19.20 16.58 12.71
CA GLN B 89 17.90 17.02 12.20
C GLN B 89 17.92 18.52 11.93
N LYS B 90 17.31 18.91 10.81
CA LYS B 90 17.27 20.32 10.42
C LYS B 90 16.49 21.14 11.44
N ASP B 91 16.94 22.38 11.63
CA ASP B 91 16.33 23.31 12.57
C ASP B 91 15.68 24.46 11.80
N VAL B 92 14.40 24.69 12.04
CA VAL B 92 13.65 25.72 11.32
C VAL B 92 13.36 26.95 12.16
N ILE B 93 13.58 26.90 13.48
CA ILE B 93 13.42 28.05 14.35
C ILE B 93 14.66 28.13 15.23
N VAL B 94 15.28 29.31 15.29
CA VAL B 94 16.44 29.56 16.14
C VAL B 94 16.08 30.63 17.16
N THR B 95 16.51 30.43 18.39
CA THR B 95 16.25 31.39 19.47
C THR B 95 17.13 32.62 19.33
N ARG B 109 9.86 36.97 29.40
CA ARG B 109 8.98 36.73 28.26
C ARG B 109 7.64 37.45 28.42
N PHE B 110 6.73 37.21 27.48
CA PHE B 110 5.42 37.83 27.50
C PHE B 110 4.40 36.83 26.97
N PHE B 111 3.13 37.10 27.28
CA PHE B 111 2.04 36.25 26.82
C PHE B 111 1.95 36.22 25.30
N GLY B 112 2.52 37.21 24.61
CA GLY B 112 2.49 37.22 23.16
C GLY B 112 3.80 37.60 22.50
N GLY B 113 4.92 37.29 23.15
CA GLY B 113 6.21 37.61 22.58
C GLY B 113 6.58 36.75 21.39
N VAL B 114 7.63 37.17 20.69
CA VAL B 114 8.12 36.45 19.53
C VAL B 114 8.69 35.11 19.95
N ILE B 115 8.24 34.04 19.30
CA ILE B 115 8.71 32.69 19.62
C ILE B 115 10.18 32.56 19.28
N GLY B 116 10.59 33.04 18.11
CA GLY B 116 11.97 32.95 17.70
C GLY B 116 12.14 33.57 16.34
N THR B 117 13.26 33.26 15.69
CA THR B 117 13.56 33.81 14.38
C THR B 117 13.44 32.73 13.32
N ILE B 118 12.84 33.09 12.18
CA ILE B 118 12.68 32.16 11.07
C ILE B 118 14.04 31.76 10.54
N ALA B 119 14.32 30.45 10.53
CA ALA B 119 15.58 29.98 10.00
C ALA B 119 15.49 29.90 8.47
N LEU B 120 16.64 30.04 7.83
CA LEU B 120 16.68 29.97 6.38
C LEU B 120 16.33 28.56 5.88
N GLY B 121 15.66 28.52 4.73
CA GLY B 121 15.20 27.30 4.11
C GLY B 121 13.71 27.38 3.81
N VAL B 122 13.10 26.21 3.64
CA VAL B 122 11.67 26.08 3.43
C VAL B 122 11.12 25.19 4.52
N ALA B 123 10.09 25.66 5.24
CA ALA B 123 9.48 24.90 6.32
C ALA B 123 7.97 24.97 6.18
N THR B 124 7.35 23.81 5.98
CA THR B 124 5.90 23.72 5.85
C THR B 124 5.23 23.89 7.21
N SER B 125 3.90 23.97 7.18
CA SER B 125 3.13 24.20 8.40
C SER B 125 3.34 23.08 9.41
N ALA B 126 3.46 21.84 8.92
CA ALA B 126 3.72 20.71 9.81
C ALA B 126 5.05 20.86 10.53
N GLN B 127 6.09 21.30 9.81
CA GLN B 127 7.39 21.50 10.43
C GLN B 127 7.38 22.69 11.38
N ILE B 128 6.65 23.75 11.05
CA ILE B 128 6.55 24.90 11.95
C ILE B 128 5.84 24.49 13.24
N THR B 129 4.76 23.70 13.12
CA THR B 129 4.06 23.23 14.30
C THR B 129 4.93 22.31 15.16
N ALA B 130 5.61 21.36 14.52
CA ALA B 130 6.50 20.46 15.24
C ALA B 130 7.64 21.20 15.92
N ALA B 131 8.20 22.21 15.25
CA ALA B 131 9.27 23.00 15.85
C ALA B 131 8.77 23.80 17.05
N VAL B 132 7.57 24.38 16.96
CA VAL B 132 7.00 25.11 18.09
C VAL B 132 6.83 24.18 19.29
N ALA B 133 6.47 22.92 19.03
CA ALA B 133 6.34 21.95 20.12
C ALA B 133 7.68 21.71 20.80
N LEU B 134 8.75 21.60 20.03
CA LEU B 134 10.09 21.43 20.60
C LEU B 134 10.54 22.66 21.39
N VAL B 135 10.12 23.85 20.97
CA VAL B 135 10.44 25.05 21.72
C VAL B 135 9.72 25.04 23.06
N GLU B 136 8.47 24.58 23.08
CA GLU B 136 7.72 24.50 24.33
C GLU B 136 8.39 23.57 25.33
N ALA B 137 9.17 22.59 24.86
CA ALA B 137 9.86 21.65 25.72
C ALA B 137 11.21 22.14 26.22
N LYS B 138 11.60 23.37 25.87
CA LYS B 138 12.89 23.90 26.31
C LYS B 138 12.99 23.95 27.83
N GLN B 139 11.94 24.47 28.48
CA GLN B 139 11.94 24.53 29.94
C GLN B 139 11.91 23.14 30.56
N ALA B 140 11.18 22.21 29.95
CA ALA B 140 11.14 20.84 30.45
C ALA B 140 12.50 20.16 30.39
N ARG B 141 13.22 20.36 29.28
CA ARG B 141 14.56 19.77 29.15
C ARG B 141 15.49 20.22 30.27
N SER B 142 15.40 21.49 30.68
CA SER B 142 16.24 21.96 31.79
C SER B 142 15.91 21.24 33.10
N ASP B 143 14.66 20.83 33.27
CA ASP B 143 14.26 20.09 34.47
C ASP B 143 14.73 18.64 34.40
N ILE B 144 14.55 18.01 33.24
CA ILE B 144 14.97 16.63 33.02
C ILE B 144 16.44 16.43 33.37
N GLU B 145 17.30 17.38 32.96
CA GLU B 145 18.74 17.25 33.22
C GLU B 145 19.06 17.15 34.71
N LYS B 146 18.20 17.66 35.58
CA LYS B 146 18.43 17.55 37.02
C LYS B 146 17.82 16.28 37.61
N LEU B 147 16.69 15.83 37.08
CA LEU B 147 16.05 14.62 37.58
C LEU B 147 16.87 13.37 37.27
N LYS B 148 17.50 13.30 36.10
CA LYS B 148 18.28 12.13 35.72
C LYS B 148 19.35 11.76 36.73
N GLU B 149 19.91 12.75 37.45
CA GLU B 149 20.94 12.43 38.44
C GLU B 149 20.41 11.50 39.52
N ALA B 150 19.16 11.69 39.94
CA ALA B 150 18.57 10.81 40.94
C ALA B 150 18.18 9.44 40.38
N ILE B 151 17.88 9.39 39.08
CA ILE B 151 17.52 8.12 38.44
C ILE B 151 18.74 7.21 38.29
N ARG B 152 19.94 7.79 38.26
CA ARG B 152 21.16 7.01 38.08
C ARG B 152 21.39 6.01 39.20
N ASP B 153 21.13 6.41 40.45
CA ASP B 153 21.38 5.52 41.58
C ASP B 153 20.13 4.88 42.17
N THR B 154 18.94 5.20 41.69
CA THR B 154 17.76 4.56 42.26
C THR B 154 17.63 3.13 41.73
N ASN B 155 16.90 2.30 42.48
CA ASN B 155 16.67 0.92 42.12
C ASN B 155 15.18 0.57 42.00
N LYS B 156 14.33 1.58 41.87
CA LYS B 156 12.90 1.34 41.68
C LYS B 156 12.60 1.08 40.21
N ALA B 157 11.63 0.19 39.98
CA ALA B 157 11.24 -0.13 38.61
C ALA B 157 10.55 1.06 37.93
N VAL B 158 9.57 1.65 38.62
CA VAL B 158 8.87 2.83 38.13
C VAL B 158 8.93 3.88 39.21
N GLN B 159 9.48 5.06 38.88
CA GLN B 159 9.60 6.13 39.84
C GLN B 159 9.17 7.44 39.19
N SER B 160 8.60 8.33 40.00
CA SER B 160 8.15 9.64 39.54
C SER B 160 8.54 10.68 40.56
N VAL B 161 8.80 11.90 40.09
CA VAL B 161 9.15 13.00 40.97
C VAL B 161 8.28 14.23 40.66
N LEU B 168 3.82 15.67 35.92
CA LEU B 168 4.77 14.75 36.50
C LEU B 168 5.70 14.15 35.45
N ILE B 169 6.87 13.70 35.89
CA ILE B 169 7.85 13.01 35.05
C ILE B 169 8.03 11.62 35.62
N VAL B 170 7.85 10.60 34.78
CA VAL B 170 7.94 9.20 35.19
C VAL B 170 9.16 8.57 34.54
N ALA B 171 9.84 7.71 35.30
CA ALA B 171 11.03 7.02 34.82
C ALA B 171 10.87 5.52 35.06
N ILE B 172 11.21 4.72 34.04
CA ILE B 172 11.10 3.28 34.10
C ILE B 172 12.44 2.66 33.76
N LYS B 173 12.89 1.72 34.59
CA LYS B 173 14.11 0.98 34.32
C LYS B 173 13.77 -0.30 33.56
N SER B 174 14.59 -0.61 32.55
CA SER B 174 14.31 -1.70 31.63
C SER B 174 13.97 -3.03 32.29
N VAL B 175 14.85 -3.58 33.11
CA VAL B 175 14.59 -4.88 33.73
C VAL B 175 14.70 -4.85 35.25
N GLN B 176 14.62 -3.67 35.87
CA GLN B 176 14.86 -3.58 37.31
C GLN B 176 13.90 -4.47 38.11
N ASP B 177 12.66 -4.61 37.64
CA ASP B 177 11.70 -5.45 38.35
C ASP B 177 12.13 -6.91 38.34
N TYR B 178 12.56 -7.41 37.18
CA TYR B 178 13.04 -8.79 37.07
C TYR B 178 14.31 -9.01 37.88
N VAL B 179 15.20 -8.01 37.90
CA VAL B 179 16.44 -8.11 38.66
C VAL B 179 16.16 -8.19 40.17
N ASN B 180 15.32 -7.29 40.68
CA ASN B 180 15.04 -7.26 42.12
C ASN B 180 14.30 -8.51 42.58
N LYS B 181 13.33 -8.99 41.81
CA LYS B 181 12.54 -10.13 42.23
C LYS B 181 13.22 -11.48 41.99
N GLU B 182 14.17 -11.56 41.06
CA GLU B 182 14.79 -12.84 40.76
C GLU B 182 16.32 -12.83 40.83
N ILE B 183 16.96 -11.97 40.05
CA ILE B 183 18.43 -11.94 40.00
C ILE B 183 19.03 -11.48 41.32
N VAL B 184 18.38 -10.59 42.06
CA VAL B 184 18.93 -10.20 43.35
C VAL B 184 18.88 -11.36 44.34
N PRO B 185 17.75 -12.05 44.55
CA PRO B 185 17.76 -13.21 45.45
C PRO B 185 18.54 -14.42 44.94
N CYS B 186 18.83 -14.53 43.64
CA CYS B 186 19.62 -15.68 43.18
C CYS B 186 21.05 -15.64 43.71
N ILE B 187 21.65 -14.45 43.76
CA ILE B 187 23.03 -14.34 44.25
C ILE B 187 23.16 -14.92 45.65
N ALA B 188 22.13 -14.77 46.48
CA ALA B 188 22.22 -15.28 47.84
C ALA B 188 22.07 -16.80 47.91
N ARG B 189 21.58 -17.45 46.85
CA ARG B 189 21.35 -18.88 46.87
C ARG B 189 22.24 -19.62 45.88
N LEU B 190 22.25 -19.18 44.62
CA LEU B 190 23.10 -19.75 43.60
C LEU B 190 24.41 -18.96 43.52
N GLY B 191 25.35 -19.48 42.75
CA GLY B 191 26.57 -18.75 42.54
C GLY B 191 26.38 -17.60 41.58
N CYS B 192 27.32 -16.65 41.61
CA CYS B 192 27.24 -15.53 40.68
C CYS B 192 27.26 -15.99 39.23
N GLU B 193 28.04 -17.03 38.94
CA GLU B 193 28.12 -17.56 37.58
C GLU B 193 26.78 -18.13 37.13
N ALA B 194 26.13 -18.92 37.99
CA ALA B 194 24.90 -19.61 37.63
C ALA B 194 23.83 -18.65 37.08
N CYS B 195 23.43 -17.67 37.89
CA CYS B 195 22.42 -16.72 37.43
C CYS B 195 23.01 -15.51 36.71
N GLY B 196 24.33 -15.39 36.64
CA GLY B 196 24.90 -14.37 35.79
C GLY B 196 24.57 -14.58 34.32
N LEU B 197 24.65 -15.83 33.87
CA LEU B 197 24.26 -16.15 32.50
C LEU B 197 22.77 -15.91 32.28
N LEU B 198 21.95 -16.14 33.30
CA LEU B 198 20.52 -15.88 33.19
C LEU B 198 20.25 -14.40 32.97
N LEU B 199 20.97 -13.53 33.68
CA LEU B 199 20.81 -12.10 33.45
C LEU B 199 21.16 -11.73 32.02
N GLY B 200 22.18 -12.40 31.45
CA GLY B 200 22.55 -12.15 30.07
C GLY B 200 21.43 -12.44 29.10
N LEU B 201 20.80 -13.61 29.23
CA LEU B 201 19.70 -13.96 28.35
C LEU B 201 18.51 -13.03 28.55
N ALA B 202 18.24 -12.62 29.79
CA ALA B 202 17.14 -11.70 30.03
C ALA B 202 17.38 -10.37 29.34
N LEU B 203 18.59 -9.84 29.45
CA LEU B 203 18.92 -8.58 28.78
C LEU B 203 18.87 -8.74 27.26
N ASP B 204 19.33 -9.90 26.76
CA ASP B 204 19.29 -10.15 25.32
C ASP B 204 17.87 -10.13 24.80
N GLN B 205 16.91 -10.69 25.54
CA GLN B 205 15.52 -10.62 25.15
C GLN B 205 15.03 -9.19 25.08
N HIS B 206 15.39 -8.36 26.07
CA HIS B 206 14.96 -6.97 26.07
C HIS B 206 15.51 -6.22 24.87
N TYR B 207 16.74 -6.51 24.46
CA TYR B 207 17.30 -5.87 23.28
C TYR B 207 16.51 -6.23 22.03
N SER B 208 16.09 -7.49 21.91
CA SER B 208 15.30 -7.90 20.75
C SER B 208 13.98 -7.15 20.69
N GLU B 209 13.41 -6.81 21.84
CA GLU B 209 12.17 -6.04 21.87
C GLU B 209 12.43 -4.56 21.58
N LEU B 210 13.48 -3.99 22.16
CA LEU B 210 13.82 -2.59 21.91
C LEU B 210 14.04 -2.33 20.43
N THR B 211 14.84 -3.17 19.77
CA THR B 211 15.11 -3.00 18.35
C THR B 211 13.86 -3.19 17.50
N ASN B 212 12.86 -3.93 18.00
CA ASN B 212 11.61 -4.08 17.27
C ASN B 212 10.83 -2.77 17.21
N ILE B 213 10.80 -2.02 18.30
CA ILE B 213 10.05 -0.76 18.34
C ILE B 213 10.92 0.43 17.93
N PHE B 214 12.18 0.50 18.36
CA PHE B 214 13.04 1.62 18.00
C PHE B 214 13.83 1.41 16.72
N GLY B 215 13.94 0.18 16.22
CA GLY B 215 14.70 -0.08 15.02
C GLY B 215 14.06 0.48 13.75
N GLY B 225 6.78 5.93 12.64
CA GLY B 225 7.11 6.52 13.94
C GLY B 225 6.93 5.55 15.09
N ILE B 226 6.95 6.10 16.31
CA ILE B 226 6.79 5.32 17.54
C ILE B 226 5.43 5.63 18.14
N LYS B 227 4.70 4.59 18.52
CA LYS B 227 3.40 4.73 19.14
C LYS B 227 3.46 4.24 20.58
N LEU B 228 2.73 4.94 21.46
CA LEU B 228 2.76 4.64 22.89
C LEU B 228 2.42 3.18 23.17
N GLN B 229 1.61 2.54 22.32
CA GLN B 229 1.32 1.13 22.50
C GLN B 229 2.59 0.29 22.47
N GLY B 230 3.54 0.67 21.61
CA GLY B 230 4.78 -0.07 21.53
C GLY B 230 5.57 -0.03 22.82
N ILE B 231 5.69 1.17 23.41
CA ILE B 231 6.42 1.32 24.66
C ILE B 231 5.68 0.63 25.80
N ALA B 232 4.35 0.78 25.85
CA ALA B 232 3.57 0.10 26.87
C ALA B 232 3.75 -1.41 26.80
N SER B 233 3.79 -1.96 25.59
CA SER B 233 3.99 -3.40 25.43
C SER B 233 5.41 -3.80 25.79
N LEU B 234 6.38 -2.97 25.41
CA LEU B 234 7.78 -3.26 25.71
C LEU B 234 8.03 -3.36 27.21
N TYR B 235 7.44 -2.47 28.00
CA TYR B 235 7.61 -2.50 29.44
C TYR B 235 6.51 -3.26 30.17
N ARG B 236 5.57 -3.85 29.43
CA ARG B 236 4.49 -4.65 30.00
C ARG B 236 3.77 -3.92 31.14
N THR B 237 3.50 -2.64 30.95
CA THR B 237 2.89 -1.80 31.98
C THR B 237 1.76 -0.99 31.36
N ASN B 238 0.67 -0.84 32.10
CA ASN B 238 -0.49 -0.09 31.64
C ASN B 238 -0.28 1.41 31.79
N ILE B 239 -0.96 2.18 30.93
CA ILE B 239 -0.87 3.64 30.97
C ILE B 239 -1.35 4.18 32.31
N THR B 240 -2.37 3.54 32.90
CA THR B 240 -2.85 3.95 34.21
C THR B 240 -1.83 3.69 35.31
N GLU B 241 -0.96 2.69 35.11
CA GLU B 241 0.09 2.42 36.08
C GLU B 241 1.27 3.37 35.91
N ILE B 242 1.54 3.80 34.67
CA ILE B 242 2.64 4.74 34.44
C ILE B 242 2.27 6.13 34.97
N PHE B 243 1.18 6.70 34.48
CA PHE B 243 0.76 8.03 34.86
C PHE B 243 -0.45 7.97 35.77
N THR B 244 -0.36 8.61 36.93
CA THR B 244 -1.47 8.68 37.89
C THR B 244 -2.27 9.97 37.66
N THR B 245 -2.95 10.02 36.53
CA THR B 245 -3.72 11.19 36.15
C THR B 245 -5.04 10.75 35.52
N SER B 246 -6.03 11.64 35.59
CA SER B 246 -7.35 11.37 35.05
C SER B 246 -7.98 12.65 34.50
N LYS B 250 -11.60 4.44 34.97
CA LYS B 250 -13.04 4.45 34.75
C LYS B 250 -13.37 4.69 33.28
N TYR B 251 -12.40 5.22 32.55
CA TYR B 251 -12.61 5.50 31.12
C TYR B 251 -12.70 4.21 30.34
N ASP B 252 -13.48 4.26 29.26
CA ASP B 252 -13.74 3.06 28.47
C ASP B 252 -12.46 2.54 27.81
N ILE B 253 -12.48 1.26 27.46
CA ILE B 253 -11.34 0.63 26.80
C ILE B 253 -11.01 1.34 25.49
N TYR B 254 -12.02 1.92 24.84
CA TYR B 254 -11.80 2.64 23.59
C TYR B 254 -10.94 3.88 23.79
N ASP B 255 -11.13 4.57 24.91
CA ASP B 255 -10.33 5.76 25.19
C ASP B 255 -8.88 5.41 25.47
N LEU B 256 -8.63 4.32 26.21
CA LEU B 256 -7.26 3.90 26.46
C LEU B 256 -6.60 3.40 25.19
N LEU B 257 -7.36 2.71 24.34
CA LEU B 257 -6.81 2.23 23.08
C LEU B 257 -6.40 3.40 22.19
N PHE B 258 -7.17 4.49 22.21
CA PHE B 258 -6.81 5.67 21.44
C PHE B 258 -5.59 6.37 22.04
N THR B 259 -5.51 6.46 23.36
CA THR B 259 -4.35 7.07 24.00
C THR B 259 -3.08 6.31 23.65
N GLU B 260 -3.16 4.98 23.59
CA GLU B 260 -2.02 4.16 23.20
C GLU B 260 -1.71 4.27 21.72
N SER B 261 -2.59 4.87 20.93
CA SER B 261 -2.38 5.03 19.50
C SER B 261 -1.67 6.34 19.14
N ILE B 262 -1.74 7.35 20.00
CA ILE B 262 -1.08 8.62 19.71
C ILE B 262 0.43 8.43 19.67
N LYS B 263 1.08 9.08 18.71
CA LYS B 263 2.52 8.99 18.54
C LYS B 263 3.28 9.76 19.63
N VAL B 264 4.50 9.30 19.88
CA VAL B 264 5.41 9.91 20.85
C VAL B 264 6.68 10.30 20.12
N ARG B 265 7.27 11.43 20.52
CA ARG B 265 8.47 11.94 19.88
C ARG B 265 9.64 11.98 20.86
N VAL B 266 10.82 11.61 20.37
CA VAL B 266 12.02 11.60 21.17
C VAL B 266 12.56 13.02 21.27
N ILE B 267 12.64 13.54 22.49
CA ILE B 267 13.14 14.89 22.72
C ILE B 267 14.66 14.92 22.94
N ASP B 268 15.23 13.90 23.57
CA ASP B 268 16.68 13.85 23.72
C ASP B 268 17.14 12.45 24.08
N VAL B 269 18.43 12.20 23.85
CA VAL B 269 19.10 10.93 24.13
C VAL B 269 20.39 11.24 24.87
N ASP B 270 20.66 10.49 25.93
CA ASP B 270 21.86 10.66 26.74
C ASP B 270 22.76 9.45 26.54
N LEU B 271 23.96 9.69 26.00
CA LEU B 271 24.94 8.65 25.72
C LEU B 271 25.72 8.22 26.94
N ASN B 272 25.73 9.03 28.00
CA ASN B 272 26.48 8.72 29.20
C ASN B 272 25.67 7.86 30.17
N ASP B 273 24.42 8.25 30.44
CA ASP B 273 23.56 7.52 31.34
C ASP B 273 22.76 6.42 30.63
N TYR B 274 22.88 6.32 29.31
CA TYR B 274 22.15 5.34 28.51
C TYR B 274 20.65 5.41 28.79
N SER B 275 20.09 6.60 28.54
CA SER B 275 18.68 6.83 28.77
C SER B 275 18.07 7.58 27.60
N ILE B 276 16.81 7.27 27.31
CA ILE B 276 16.05 7.91 26.24
C ILE B 276 14.77 8.47 26.85
N THR B 277 14.44 9.71 26.47
CA THR B 277 13.25 10.37 26.99
C THR B 277 12.33 10.75 25.85
N LEU B 278 11.03 10.55 26.08
CA LEU B 278 10.00 10.79 25.07
C LEU B 278 8.92 11.69 25.64
N GLN B 279 8.28 12.45 24.77
CA GLN B 279 7.16 13.32 25.15
C GLN B 279 5.87 12.60 24.80
N VAL B 280 5.05 12.33 25.81
CA VAL B 280 3.79 11.62 25.66
C VAL B 280 2.64 12.61 25.76
N ARG B 281 1.74 12.56 24.78
CA ARG B 281 0.57 13.42 24.73
C ARG B 281 -0.67 12.61 25.12
N LEU B 282 -1.37 13.05 26.16
CA LEU B 282 -2.60 12.38 26.59
C LEU B 282 -3.80 13.21 26.16
N PRO B 283 -4.70 12.64 25.36
CA PRO B 283 -5.78 13.45 24.77
C PRO B 283 -6.92 13.72 25.72
N LEU B 284 -7.52 14.91 25.56
CA LEU B 284 -8.75 15.29 26.25
C LEU B 284 -9.89 15.18 25.24
N LEU B 285 -10.58 14.05 25.27
CA LEU B 285 -11.66 13.81 24.32
C LEU B 285 -12.91 14.62 24.65
N THR B 286 -13.51 15.21 23.62
CA THR B 286 -14.74 15.98 23.75
C THR B 286 -15.69 15.55 22.63
N ARG B 287 -16.96 15.37 22.97
CA ARG B 287 -17.96 14.96 21.99
C ARG B 287 -18.37 16.16 21.13
N LEU B 288 -18.18 16.03 19.83
CA LEU B 288 -18.54 17.09 18.89
C LEU B 288 -20.03 17.01 18.59
N LEU B 289 -20.80 17.92 19.19
CA LEU B 289 -22.25 17.94 19.03
C LEU B 289 -22.65 18.17 17.58
N ASN B 290 -23.81 17.62 17.22
CA ASN B 290 -24.35 17.68 15.85
C ASN B 290 -23.40 17.09 14.81
N THR B 291 -22.61 16.09 15.20
CA THR B 291 -21.70 15.42 14.28
C THR B 291 -22.05 13.94 14.25
N GLN B 292 -22.26 13.40 13.04
CA GLN B 292 -22.61 12.01 12.83
C GLN B 292 -21.73 11.42 11.74
N ILE B 293 -21.30 10.18 11.96
CA ILE B 293 -20.56 9.41 10.96
C ILE B 293 -21.40 8.19 10.59
N TYR B 294 -21.62 8.01 9.28
CA TYR B 294 -22.44 6.93 8.76
C TYR B 294 -21.58 6.02 7.88
N LYS B 295 -21.87 4.72 7.93
CA LYS B 295 -21.19 3.75 7.09
C LYS B 295 -22.08 3.48 5.88
N VAL B 296 -21.49 3.49 4.68
CA VAL B 296 -22.21 3.30 3.43
C VAL B 296 -21.79 1.98 2.79
N ASP B 297 -22.77 1.14 2.49
CA ASP B 297 -22.57 -0.16 1.86
C ASP B 297 -23.38 -0.16 0.57
N SER B 298 -22.71 -0.44 -0.55
CA SER B 298 -23.36 -0.48 -1.86
C SER B 298 -23.52 -1.92 -2.34
N ILE B 299 -24.73 -2.27 -2.71
CA ILE B 299 -25.04 -3.59 -3.25
C ILE B 299 -25.20 -3.47 -4.76
N SER B 300 -25.25 -4.62 -5.43
CA SER B 300 -25.42 -4.65 -6.87
C SER B 300 -26.81 -4.17 -7.28
N TYR B 301 -26.84 -3.39 -8.35
CA TYR B 301 -28.06 -2.77 -8.87
C TYR B 301 -28.23 -3.23 -10.31
N ASN B 302 -29.44 -3.66 -10.66
CA ASN B 302 -29.71 -4.23 -11.97
C ASN B 302 -30.25 -3.20 -12.95
N ILE B 303 -29.65 -3.17 -14.14
CA ILE B 303 -30.08 -2.32 -15.24
C ILE B 303 -30.02 -3.16 -16.51
N GLN B 304 -31.19 -3.58 -17.01
CA GLN B 304 -31.29 -4.36 -18.25
C GLN B 304 -30.37 -5.59 -18.20
N ASN B 305 -30.51 -6.37 -17.13
CA ASN B 305 -29.79 -7.60 -16.86
C ASN B 305 -28.30 -7.40 -16.63
N ARG B 306 -27.81 -6.17 -16.63
CA ARG B 306 -26.45 -5.86 -16.23
C ARG B 306 -26.42 -5.57 -14.74
N GLU B 307 -25.23 -5.69 -14.15
CA GLU B 307 -25.04 -5.40 -12.72
C GLU B 307 -24.25 -4.12 -12.56
N TRP B 308 -24.82 -3.15 -11.85
CA TRP B 308 -24.20 -1.87 -11.60
C TRP B 308 -24.18 -1.62 -10.10
N TYR B 309 -23.32 -0.69 -9.67
CA TYR B 309 -23.27 -0.32 -8.26
C TYR B 309 -22.89 1.15 -8.16
N ILE B 310 -23.38 1.80 -7.10
CA ILE B 310 -23.10 3.21 -6.84
C ILE B 310 -21.79 3.31 -6.06
N PRO B 311 -20.72 3.84 -6.64
CA PRO B 311 -19.46 3.96 -5.91
C PRO B 311 -19.54 5.11 -4.91
N LEU B 312 -19.36 4.80 -3.64
CA LEU B 312 -19.41 5.79 -2.58
C LEU B 312 -18.31 5.52 -1.57
N PRO B 313 -17.92 6.53 -0.80
CA PRO B 313 -16.92 6.30 0.24
C PRO B 313 -17.42 5.33 1.30
N SER B 314 -16.48 4.66 1.96
CA SER B 314 -16.84 3.70 3.00
C SER B 314 -17.60 4.36 4.13
N HIS B 315 -17.23 5.59 4.49
CA HIS B 315 -17.91 6.33 5.54
C HIS B 315 -18.23 7.74 5.06
N ILE B 316 -19.42 8.21 5.44
CA ILE B 316 -19.86 9.56 5.12
C ILE B 316 -20.27 10.25 6.41
N MET B 317 -20.07 11.57 6.45
CA MET B 317 -20.29 12.36 7.65
C MET B 317 -21.26 13.51 7.39
N THR B 318 -22.04 13.83 8.42
CA THR B 318 -22.96 14.96 8.40
C THR B 318 -22.67 15.81 9.63
N LYS B 319 -22.38 17.09 9.41
CA LYS B 319 -22.04 18.03 10.49
C LYS B 319 -22.78 19.34 10.21
N GLY B 320 -23.96 19.47 10.78
CA GLY B 320 -24.76 20.65 10.52
C GLY B 320 -25.17 20.69 9.06
N ALA B 321 -24.69 21.70 8.33
CA ALA B 321 -24.97 21.82 6.91
C ALA B 321 -23.99 21.06 6.03
N PHE B 322 -22.96 20.47 6.62
CA PHE B 322 -21.92 19.78 5.85
C PHE B 322 -22.28 18.31 5.65
N LEU B 323 -21.97 17.81 4.45
CA LEU B 323 -22.18 16.40 4.11
C LEU B 323 -20.99 15.96 3.27
N GLY B 324 -20.28 14.93 3.72
CA GLY B 324 -19.12 14.48 2.99
C GLY B 324 -18.53 13.23 3.59
N GLY B 325 -17.51 12.70 2.92
CA GLY B 325 -16.86 11.49 3.37
C GLY B 325 -16.03 11.71 4.62
N ALA B 326 -15.68 10.60 5.27
CA ALA B 326 -14.86 10.63 6.47
C ALA B 326 -13.74 9.60 6.35
N ASP B 327 -12.52 10.03 6.66
CA ASP B 327 -11.34 9.16 6.64
C ASP B 327 -11.12 8.56 8.04
N VAL B 328 -11.98 7.60 8.37
CA VAL B 328 -11.93 6.94 9.68
C VAL B 328 -10.81 5.92 9.79
N LYS B 329 -10.03 5.72 8.72
CA LYS B 329 -8.94 4.75 8.76
C LYS B 329 -7.93 5.06 9.85
N GLU B 330 -7.77 6.33 10.22
CA GLU B 330 -6.87 6.74 11.28
C GLU B 330 -7.55 6.85 12.64
N CYS B 331 -8.86 6.61 12.72
CA CYS B 331 -9.61 6.76 13.95
C CYS B 331 -9.91 5.42 14.60
N ILE B 332 -10.42 5.49 15.83
CA ILE B 332 -10.81 4.33 16.62
C ILE B 332 -12.33 4.32 16.71
N GLU B 333 -12.93 3.16 16.46
CA GLU B 333 -14.39 3.01 16.47
C GLU B 333 -14.84 2.41 17.79
N ALA B 334 -15.62 3.16 18.55
CA ALA B 334 -16.15 2.72 19.82
C ALA B 334 -17.58 2.21 19.64
N PHE B 335 -18.23 1.89 20.75
CA PHE B 335 -19.61 1.39 20.71
C PHE B 335 -20.58 2.46 20.22
N SER B 336 -20.37 3.72 20.60
CA SER B 336 -21.30 4.79 20.25
C SER B 336 -20.66 6.01 19.60
N SER B 337 -19.35 6.01 19.37
CA SER B 337 -18.74 7.18 18.74
C SER B 337 -17.40 6.78 18.13
N TYR B 338 -16.92 7.63 17.22
CA TYR B 338 -15.59 7.48 16.65
C TYR B 338 -14.66 8.48 17.31
N ILE B 339 -13.48 8.01 17.69
CA ILE B 339 -12.47 8.85 18.34
C ILE B 339 -11.42 9.20 17.28
N CYS B 340 -11.33 10.48 16.94
CA CYS B 340 -10.42 10.91 15.90
C CYS B 340 -9.49 12.01 16.41
N PRO B 341 -8.29 12.12 15.82
CA PRO B 341 -7.37 13.18 16.23
C PRO B 341 -7.74 14.53 15.65
N SER B 342 -8.48 14.56 14.56
CA SER B 342 -8.93 15.78 13.91
C SER B 342 -10.12 15.41 13.04
N ASP B 343 -10.87 16.43 12.61
CA ASP B 343 -12.03 16.22 11.77
C ASP B 343 -11.65 15.41 10.52
N PRO B 344 -12.18 14.20 10.36
CA PRO B 344 -11.85 13.39 9.19
C PRO B 344 -12.64 13.74 7.94
N GLY B 345 -13.52 14.73 8.00
CA GLY B 345 -14.35 15.07 6.86
C GLY B 345 -13.56 15.62 5.70
N PHE B 346 -14.09 15.37 4.50
CA PHE B 346 -13.55 15.92 3.26
C PHE B 346 -14.71 16.15 2.29
N VAL B 347 -14.51 17.11 1.39
CA VAL B 347 -15.55 17.52 0.45
C VAL B 347 -15.71 16.46 -0.64
N LEU B 348 -16.96 16.12 -0.93
CA LEU B 348 -17.33 15.16 -1.97
C LEU B 348 -17.73 15.89 -3.25
N ASN B 349 -17.77 15.13 -4.34
CA ASN B 349 -18.27 15.65 -5.60
C ASN B 349 -19.75 16.03 -5.47
N HIS B 350 -20.15 17.11 -6.16
CA HIS B 350 -21.52 17.60 -6.07
C HIS B 350 -22.54 16.55 -6.48
N GLU B 351 -22.19 15.65 -7.40
CA GLU B 351 -23.13 14.60 -7.80
C GLU B 351 -23.35 13.59 -6.69
N MET B 352 -22.29 13.26 -5.94
CA MET B 352 -22.44 12.37 -4.80
C MET B 352 -23.17 13.05 -3.65
N GLU B 353 -22.88 14.34 -3.42
CA GLU B 353 -23.57 15.08 -2.37
C GLU B 353 -25.06 15.20 -2.66
N SER B 354 -25.42 15.39 -3.94
CA SER B 354 -26.82 15.47 -4.31
C SER B 354 -27.47 14.09 -4.27
N CYS B 355 -26.72 13.05 -4.63
CA CYS B 355 -27.22 11.68 -4.56
C CYS B 355 -27.61 11.31 -3.14
N LEU B 356 -26.74 11.63 -2.17
CA LEU B 356 -27.02 11.35 -0.77
C LEU B 356 -28.11 12.25 -0.19
N SER B 357 -28.40 13.38 -0.84
CA SER B 357 -29.46 14.26 -0.40
C SER B 357 -30.82 13.87 -0.94
N GLY B 358 -30.95 12.68 -1.52
CA GLY B 358 -32.22 12.18 -2.02
C GLY B 358 -32.43 12.27 -3.51
N ASN B 359 -31.62 13.05 -4.23
CA ASN B 359 -31.76 13.12 -5.69
C ASN B 359 -31.01 11.94 -6.30
N ILE B 360 -31.62 10.76 -6.16
CA ILE B 360 -31.02 9.52 -6.61
C ILE B 360 -30.81 9.44 -8.11
N SER B 361 -31.39 10.35 -8.90
CA SER B 361 -31.13 10.34 -10.33
C SER B 361 -29.73 10.81 -10.67
N GLN B 362 -29.04 11.47 -9.73
CA GLN B 362 -27.69 11.96 -9.94
C GLN B 362 -26.62 10.99 -9.48
N CYS B 363 -26.99 9.88 -8.85
CA CYS B 363 -26.00 8.96 -8.30
C CYS B 363 -25.10 8.38 -9.38
N PRO B 364 -23.78 8.42 -9.21
CA PRO B 364 -22.88 7.78 -10.17
C PRO B 364 -22.99 6.27 -10.10
N ARG B 365 -22.91 5.62 -11.25
CA ARG B 365 -23.00 4.17 -11.31
C ARG B 365 -21.87 3.60 -12.16
N THR B 366 -21.37 2.43 -11.76
CA THR B 366 -20.28 1.74 -12.43
C THR B 366 -20.60 0.26 -12.53
N THR B 367 -20.10 -0.38 -13.60
CA THR B 367 -20.29 -1.80 -13.78
C THR B 367 -19.58 -2.61 -12.70
N VAL B 368 -20.23 -3.67 -12.24
CA VAL B 368 -19.65 -4.57 -11.26
C VAL B 368 -18.70 -5.52 -11.97
N THR B 369 -17.42 -5.49 -11.58
CA THR B 369 -16.40 -6.28 -12.24
C THR B 369 -15.77 -7.33 -11.33
N SER B 370 -16.35 -7.59 -10.17
CA SER B 370 -15.79 -8.56 -9.24
C SER B 370 -16.88 -9.04 -8.29
N ASP B 371 -16.57 -10.12 -7.57
CA ASP B 371 -17.49 -10.67 -6.59
C ASP B 371 -17.39 -9.98 -5.23
N ILE B 372 -16.51 -8.99 -5.09
CA ILE B 372 -16.38 -8.28 -3.83
C ILE B 372 -17.66 -7.52 -3.51
N VAL B 373 -18.27 -6.91 -4.52
CA VAL B 373 -19.50 -6.14 -4.33
C VAL B 373 -20.62 -7.08 -3.91
N PRO B 374 -21.26 -6.85 -2.77
CA PRO B 374 -22.33 -7.73 -2.32
C PRO B 374 -23.53 -7.68 -3.25
N ARG B 375 -24.30 -8.77 -3.24
CA ARG B 375 -25.52 -8.86 -4.02
C ARG B 375 -26.77 -8.96 -3.15
N TYR B 376 -26.62 -9.08 -1.83
CA TYR B 376 -27.74 -9.12 -0.92
C TYR B 376 -27.27 -8.63 0.43
N ALA B 377 -28.19 -7.99 1.17
CA ALA B 377 -27.86 -7.50 2.51
C ALA B 377 -29.14 -7.37 3.32
N PHE B 378 -29.04 -7.65 4.62
CA PHE B 378 -30.16 -7.45 5.52
C PHE B 378 -30.24 -5.98 5.90
N VAL B 379 -31.46 -5.43 5.91
CA VAL B 379 -31.67 -4.03 6.25
C VAL B 379 -32.91 -3.92 7.12
N ASN B 380 -32.72 -3.47 8.36
CA ASN B 380 -33.82 -3.18 9.29
C ASN B 380 -34.84 -4.32 9.37
N GLY B 381 -34.32 -5.54 9.50
CA GLY B 381 -35.18 -6.69 9.67
C GLY B 381 -35.70 -7.31 8.39
N GLY B 382 -35.39 -6.72 7.24
CA GLY B 382 -35.81 -7.28 5.96
C GLY B 382 -34.61 -7.59 5.09
N VAL B 383 -34.86 -7.99 3.84
CA VAL B 383 -33.80 -8.33 2.91
C VAL B 383 -33.88 -7.40 1.71
N VAL B 384 -32.73 -6.85 1.35
CA VAL B 384 -32.58 -5.98 0.17
C VAL B 384 -31.57 -6.68 -0.73
N ALA B 385 -32.02 -7.07 -1.92
CA ALA B 385 -31.14 -7.84 -2.80
C ALA B 385 -31.53 -7.66 -4.26
N ASN B 386 -30.57 -7.96 -5.12
CA ASN B 386 -30.77 -8.00 -6.57
C ASN B 386 -31.29 -9.40 -6.86
N CYS B 387 -32.61 -9.55 -6.80
CA CYS B 387 -33.28 -10.84 -6.98
C CYS B 387 -33.25 -11.37 -8.40
N ILE B 388 -32.48 -10.80 -9.31
CA ILE B 388 -32.32 -11.37 -10.65
C ILE B 388 -31.14 -12.33 -10.68
N THR B 389 -29.98 -11.90 -10.20
CA THR B 389 -28.80 -12.75 -10.11
C THR B 389 -28.77 -13.57 -8.83
N THR B 390 -29.54 -13.17 -7.82
CA THR B 390 -29.67 -13.89 -6.56
C THR B 390 -31.08 -14.45 -6.47
N THR B 391 -31.20 -15.73 -6.13
CA THR B 391 -32.49 -16.39 -6.00
C THR B 391 -33.16 -15.97 -4.70
N CYS B 392 -34.27 -15.24 -4.83
CA CYS B 392 -35.06 -14.75 -3.70
C CYS B 392 -36.36 -15.56 -3.63
N THR B 393 -36.67 -16.08 -2.46
CA THR B 393 -37.86 -16.90 -2.26
C THR B 393 -38.68 -16.33 -1.11
N CYS B 394 -40.00 -16.35 -1.29
CA CYS B 394 -40.94 -15.78 -0.33
C CYS B 394 -41.79 -16.88 0.30
N ASN B 395 -41.81 -16.91 1.64
CA ASN B 395 -42.56 -17.89 2.41
C ASN B 395 -42.17 -19.33 2.09
N GLY B 396 -40.90 -19.53 1.74
CA GLY B 396 -40.41 -20.85 1.41
C GLY B 396 -39.76 -20.91 0.05
N ILE B 397 -38.95 -21.94 -0.19
CA ILE B 397 -38.24 -22.07 -1.45
C ILE B 397 -39.16 -22.47 -2.59
N GLY B 398 -40.37 -22.93 -2.28
CA GLY B 398 -41.31 -23.37 -3.29
C GLY B 398 -41.73 -22.33 -4.31
N ASN B 399 -41.45 -21.05 -4.07
CA ASN B 399 -41.78 -20.03 -5.06
C ASN B 399 -40.71 -18.95 -5.08
N ARG B 400 -40.32 -18.55 -6.29
CA ARG B 400 -39.33 -17.50 -6.50
C ARG B 400 -40.03 -16.20 -6.87
N ILE B 401 -39.63 -15.10 -6.22
CA ILE B 401 -40.20 -13.80 -6.54
C ILE B 401 -39.50 -13.25 -7.77
N ASN B 402 -40.28 -12.87 -8.79
CA ASN B 402 -39.73 -12.34 -10.01
C ASN B 402 -39.53 -10.82 -9.91
N GLN B 403 -38.37 -10.36 -10.34
CA GLN B 403 -38.04 -8.94 -10.37
C GLN B 403 -38.09 -8.47 -11.82
N PRO B 404 -38.95 -7.50 -12.15
CA PRO B 404 -39.01 -7.03 -13.52
C PRO B 404 -37.69 -6.45 -13.95
N PRO B 405 -37.35 -6.58 -15.24
CA PRO B 405 -36.06 -6.04 -15.73
C PRO B 405 -35.87 -4.56 -15.48
N ASP B 406 -36.96 -3.78 -15.38
CA ASP B 406 -36.84 -2.35 -15.13
C ASP B 406 -36.62 -2.00 -13.67
N GLN B 407 -36.71 -2.97 -12.76
CA GLN B 407 -36.47 -2.72 -11.35
C GLN B 407 -35.07 -3.19 -10.99
N GLY B 408 -34.32 -2.33 -10.31
CA GLY B 408 -32.94 -2.63 -9.99
C GLY B 408 -32.70 -3.38 -8.70
N VAL B 409 -33.46 -3.06 -7.65
CA VAL B 409 -33.31 -3.72 -6.36
C VAL B 409 -34.68 -4.04 -5.79
N LYS B 410 -34.81 -5.26 -5.25
CA LYS B 410 -36.04 -5.73 -4.64
C LYS B 410 -35.95 -5.55 -3.13
N ILE B 411 -36.98 -4.91 -2.55
CA ILE B 411 -37.04 -4.68 -1.11
C ILE B 411 -38.13 -5.58 -0.54
N ILE B 412 -37.73 -6.51 0.33
CA ILE B 412 -38.64 -7.49 0.91
C ILE B 412 -38.79 -7.18 2.39
N THR B 413 -40.03 -6.99 2.83
CA THR B 413 -40.33 -6.60 4.19
C THR B 413 -41.19 -7.66 4.87
N HIS B 414 -41.15 -7.66 6.21
CA HIS B 414 -41.92 -8.62 6.99
C HIS B 414 -43.43 -8.51 6.74
N LYS B 415 -43.91 -7.36 6.26
CA LYS B 415 -45.31 -7.21 5.92
C LYS B 415 -45.72 -8.03 4.71
N GLU B 416 -44.76 -8.54 3.93
CA GLU B 416 -45.05 -9.32 2.73
C GLU B 416 -44.64 -10.77 2.89
N CYS B 417 -43.38 -11.05 3.20
CA CYS B 417 -42.87 -12.41 3.33
C CYS B 417 -42.47 -12.67 4.78
N ASN B 418 -43.07 -13.71 5.37
CA ASN B 418 -42.73 -14.10 6.73
C ASN B 418 -41.31 -14.65 6.80
N THR B 419 -40.93 -15.46 5.82
CA THR B 419 -39.59 -16.01 5.73
C THR B 419 -39.01 -15.69 4.36
N ILE B 420 -37.72 -15.34 4.33
CA ILE B 420 -37.02 -14.97 3.11
C ILE B 420 -35.84 -15.91 2.93
N GLY B 421 -35.71 -16.47 1.73
CA GLY B 421 -34.63 -17.38 1.45
C GLY B 421 -33.66 -16.87 0.40
N ILE B 422 -32.41 -16.68 0.80
CA ILE B 422 -31.35 -16.23 -0.09
C ILE B 422 -30.50 -17.44 -0.44
N ASN B 423 -30.51 -17.83 -1.71
CA ASN B 423 -29.75 -18.98 -2.19
C ASN B 423 -30.02 -20.23 -1.33
N GLY B 424 -31.28 -20.37 -0.90
CA GLY B 424 -31.69 -21.47 -0.06
C GLY B 424 -31.54 -21.23 1.42
N MET B 425 -30.89 -20.14 1.83
CA MET B 425 -30.71 -19.82 3.25
C MET B 425 -31.99 -19.19 3.76
N LEU B 426 -32.86 -20.00 4.35
CA LEU B 426 -34.12 -19.50 4.88
C LEU B 426 -33.89 -18.74 6.17
N PHE B 427 -34.41 -17.52 6.24
CA PHE B 427 -34.27 -16.66 7.40
C PHE B 427 -35.65 -16.16 7.83
N ASN B 428 -35.82 -16.02 9.14
CA ASN B 428 -37.06 -15.48 9.72
C ASN B 428 -36.97 -13.97 9.79
N THR B 429 -37.99 -13.29 9.26
CA THR B 429 -38.02 -11.85 9.30
C THR B 429 -38.29 -11.36 10.73
N ASN B 430 -37.87 -10.14 11.01
CA ASN B 430 -38.00 -9.55 12.34
C ASN B 430 -39.25 -8.68 12.38
N LYS B 431 -40.17 -9.02 13.29
CA LYS B 431 -41.43 -8.30 13.43
C LYS B 431 -41.24 -6.87 13.91
N GLU B 432 -40.14 -6.57 14.59
CA GLU B 432 -39.84 -5.22 15.03
C GLU B 432 -39.10 -4.38 13.99
N GLY B 433 -38.88 -4.92 12.79
CA GLY B 433 -38.20 -4.17 11.77
C GLY B 433 -39.02 -3.00 11.26
N THR B 434 -38.30 -2.00 10.72
CA THR B 434 -38.93 -0.79 10.21
C THR B 434 -38.58 -0.53 8.74
N LEU B 435 -38.19 -1.57 8.00
CA LEU B 435 -37.85 -1.43 6.60
C LEU B 435 -39.08 -1.06 5.78
N PRO B 440 -42.69 1.94 -6.79
CA PRO B 440 -43.43 2.11 -8.05
C PRO B 440 -42.93 3.31 -8.86
N ASP B 441 -41.70 3.74 -8.60
CA ASP B 441 -41.10 4.88 -9.28
C ASP B 441 -40.05 4.38 -10.27
N ASP B 442 -40.12 4.88 -11.50
CA ASP B 442 -39.20 4.49 -12.57
C ASP B 442 -37.98 5.41 -12.51
N ILE B 443 -37.07 5.08 -11.61
CA ILE B 443 -35.84 5.86 -11.45
C ILE B 443 -34.85 5.46 -12.53
N THR B 444 -34.22 6.47 -13.13
CA THR B 444 -33.22 6.29 -14.18
C THR B 444 -31.95 7.03 -13.80
N LEU B 445 -30.81 6.36 -13.90
CA LEU B 445 -29.53 6.95 -13.56
C LEU B 445 -28.71 7.10 -14.84
N ASN B 446 -28.38 8.34 -15.19
CA ASN B 446 -27.64 8.63 -16.41
C ASN B 446 -26.17 8.94 -16.19
N ASN B 447 -25.74 9.20 -14.96
CA ASN B 447 -24.34 9.54 -14.68
C ASN B 447 -23.47 8.27 -14.59
N SER B 448 -23.21 7.70 -15.76
CA SER B 448 -22.33 6.54 -15.84
C SER B 448 -20.89 7.00 -15.69
N VAL B 449 -20.13 6.33 -14.81
CA VAL B 449 -18.75 6.70 -14.56
C VAL B 449 -17.87 5.46 -14.54
N ALA B 450 -16.59 5.67 -14.85
CA ALA B 450 -15.59 4.62 -14.88
C ALA B 450 -14.54 4.88 -13.81
N LEU B 451 -14.11 3.83 -13.12
CA LEU B 451 -13.15 3.95 -12.04
C LEU B 451 -11.70 3.74 -12.47
N ASN B 452 -11.44 3.47 -13.75
CA ASN B 452 -10.05 3.27 -14.15
C ASN B 452 -9.66 4.25 -15.26
N PRO B 453 -8.41 4.72 -15.25
CA PRO B 453 -7.98 5.70 -16.27
C PRO B 453 -8.02 5.19 -17.71
N ILE B 454 -7.87 3.89 -17.94
CA ILE B 454 -7.87 3.39 -19.30
C ILE B 454 -9.25 3.52 -19.95
N ASP B 455 -10.30 3.18 -19.20
CA ASP B 455 -11.65 3.30 -19.75
C ASP B 455 -11.96 4.75 -20.10
N ILE B 456 -11.59 5.70 -19.23
CA ILE B 456 -11.83 7.10 -19.51
C ILE B 456 -11.05 7.55 -20.73
N SER B 457 -9.82 7.07 -20.88
CA SER B 457 -9.01 7.44 -22.04
C SER B 457 -9.62 6.92 -23.33
N ILE B 458 -10.13 5.69 -23.32
CA ILE B 458 -10.75 5.13 -24.52
C ILE B 458 -12.01 5.90 -24.88
N GLU B 459 -12.81 6.28 -23.88
CA GLU B 459 -13.99 7.09 -24.14
C GLU B 459 -13.61 8.49 -24.59
N LEU B 460 -12.53 9.04 -24.04
CA LEU B 460 -12.06 10.36 -24.44
C LEU B 460 -11.56 10.35 -25.88
N ASN B 461 -10.93 9.26 -26.31
CA ASN B 461 -10.50 9.16 -27.71
C ASN B 461 -11.70 9.15 -28.65
N LYS B 462 -12.79 8.49 -28.24
CA LYS B 462 -14.01 8.51 -29.05
C LYS B 462 -14.57 9.92 -29.15
N ALA B 463 -14.58 10.65 -28.03
CA ALA B 463 -15.08 12.02 -28.04
C ALA B 463 -14.21 12.92 -28.92
N LYS B 464 -12.89 12.72 -28.89
CA LYS B 464 -12.01 13.51 -29.74
C LYS B 464 -12.26 13.21 -31.21
N SER B 465 -12.51 11.94 -31.55
CA SER B 465 -12.81 11.59 -32.95
C SER B 465 -14.11 12.24 -33.39
N ASP B 466 -15.12 12.27 -32.51
CA ASP B 466 -16.38 12.93 -32.85
C ASP B 466 -16.18 14.44 -32.98
N LEU B 467 -15.29 15.02 -32.18
CA LEU B 467 -14.98 16.44 -32.32
C LEU B 467 -14.34 16.72 -33.68
N GLU B 468 -13.44 15.86 -34.13
CA GLU B 468 -12.82 16.04 -35.44
C GLU B 468 -13.86 15.97 -36.55
N GLU B 469 -14.80 15.02 -36.44
CA GLU B 469 -15.87 14.92 -37.44
C GLU B 469 -16.75 16.15 -37.42
N SER B 470 -17.04 16.69 -36.23
CA SER B 470 -17.83 17.90 -36.12
C SER B 470 -17.11 19.08 -36.77
N LYS B 471 -15.80 19.22 -36.51
CA LYS B 471 -15.03 20.29 -37.12
C LYS B 471 -14.98 20.15 -38.63
N GLU B 472 -14.84 18.91 -39.12
CA GLU B 472 -14.84 18.68 -40.56
C GLU B 472 -16.18 19.04 -41.17
N TRP B 473 -17.28 18.65 -40.52
CA TRP B 473 -18.60 19.04 -41.01
C TRP B 473 -18.79 20.54 -40.99
N ILE B 474 -18.21 21.22 -40.00
CA ILE B 474 -18.26 22.68 -39.99
C ILE B 474 -17.48 23.26 -41.17
N ARG B 475 -16.28 22.73 -41.40
CA ARG B 475 -15.48 23.17 -42.54
C ARG B 475 -16.23 22.95 -43.85
N ARG B 476 -16.86 21.79 -44.00
CA ARG B 476 -17.64 21.51 -45.20
C ARG B 476 -18.79 22.50 -45.34
N SER B 477 -19.49 22.77 -44.24
CA SER B 477 -20.62 23.71 -44.30
C SER B 477 -20.15 25.12 -44.66
N ASN B 478 -19.03 25.56 -44.08
CA ASN B 478 -18.52 26.89 -44.40
C ASN B 478 -18.04 26.96 -45.83
N GLN B 479 -17.44 25.89 -46.34
CA GLN B 479 -16.95 25.88 -47.72
C GLN B 479 -18.09 25.80 -48.72
N LYS B 480 -19.07 24.94 -48.50
CA LYS B 480 -20.18 24.82 -49.44
C LYS B 480 -21.14 26.01 -49.35
N LEU B 481 -21.41 26.49 -48.13
CA LEU B 481 -22.35 27.60 -47.97
C LEU B 481 -21.62 28.94 -48.06
N GLN C 19 17.64 26.02 -13.85
CA GLN C 19 16.64 25.53 -14.79
C GLN C 19 15.23 25.87 -14.32
N ILE C 20 15.06 25.95 -13.01
CA ILE C 20 13.76 26.20 -12.40
C ILE C 20 13.68 27.66 -11.97
N ASP C 21 12.59 28.33 -12.31
CA ASP C 21 12.36 29.71 -11.88
C ASP C 21 11.73 29.70 -10.49
N ILE C 22 12.59 29.51 -9.50
CA ILE C 22 12.16 29.43 -8.09
C ILE C 22 11.37 30.66 -7.68
N THR C 23 11.76 31.84 -8.16
CA THR C 23 11.09 33.08 -7.77
C THR C 23 9.63 33.13 -8.24
N LYS C 24 9.37 32.80 -9.50
CA LYS C 24 8.00 32.90 -10.01
C LYS C 24 7.10 31.83 -9.43
N LEU C 25 7.63 30.64 -9.13
CA LEU C 25 6.80 29.57 -8.58
C LEU C 25 6.22 29.94 -7.23
N GLN C 26 6.89 30.80 -6.45
CA GLN C 26 6.35 31.19 -5.16
C GLN C 26 5.01 31.89 -5.31
N HIS C 27 4.84 32.69 -6.38
CA HIS C 27 3.57 33.38 -6.60
C HIS C 27 2.40 32.44 -6.84
N VAL C 28 2.66 31.20 -7.26
CA VAL C 28 1.61 30.21 -7.45
C VAL C 28 1.59 29.18 -6.33
N GLY C 29 2.36 29.42 -5.26
CA GLY C 29 2.39 28.53 -4.12
C GLY C 29 3.30 27.33 -4.25
N VAL C 30 4.15 27.27 -5.27
CA VAL C 30 5.08 26.17 -5.45
C VAL C 30 6.41 26.59 -4.86
N LEU C 31 6.86 25.87 -3.84
CA LEU C 31 8.10 26.16 -3.14
C LEU C 31 9.15 25.10 -3.45
N VAL C 32 10.34 25.54 -3.83
CA VAL C 32 11.47 24.65 -4.14
C VAL C 32 12.48 24.77 -3.00
N ASN C 33 12.77 23.64 -2.36
CA ASN C 33 13.68 23.57 -1.23
C ASN C 33 15.13 23.60 -1.69
N SER C 34 16.03 23.50 -0.72
CA SER C 34 17.47 23.54 -1.00
C SER C 34 17.89 22.33 -1.82
N PRO C 35 18.68 22.53 -2.88
CA PRO C 35 19.09 21.40 -3.71
C PRO C 35 20.09 20.48 -3.03
N LYS C 36 20.16 19.26 -3.56
CA LYS C 36 21.10 18.23 -3.14
C LYS C 36 21.57 17.51 -4.39
N GLY C 37 22.84 17.11 -4.41
CA GLY C 37 23.37 16.38 -5.55
C GLY C 37 22.88 14.94 -5.54
N MET C 38 23.49 14.14 -6.42
CA MET C 38 23.15 12.73 -6.47
C MET C 38 24.39 11.85 -6.60
N LYS C 39 24.42 10.78 -5.81
CA LYS C 39 25.46 9.77 -5.83
C LYS C 39 24.81 8.49 -6.33
N ILE C 40 25.32 7.94 -7.44
CA ILE C 40 24.74 6.75 -8.05
C ILE C 40 25.74 5.60 -8.01
N SER C 41 25.21 4.39 -7.82
CA SER C 41 25.98 3.16 -7.75
C SER C 41 26.29 2.65 -9.15
N GLN C 42 27.35 3.19 -9.74
CA GLN C 42 27.72 2.80 -11.10
C GLN C 42 28.24 1.37 -11.16
N ASN C 43 28.92 0.91 -10.10
CA ASN C 43 29.48 -0.43 -10.08
C ASN C 43 29.37 -1.00 -8.68
N PHE C 44 29.50 -2.33 -8.57
CA PHE C 44 29.44 -3.01 -7.30
C PHE C 44 30.56 -4.02 -7.13
N GLU C 45 31.14 -4.05 -5.93
CA GLU C 45 32.08 -5.10 -5.57
C GLU C 45 31.27 -6.29 -5.09
N THR C 46 31.68 -7.49 -5.48
CA THR C 46 30.95 -8.70 -5.07
C THR C 46 31.79 -9.54 -4.11
N ARG C 47 31.23 -9.80 -2.94
CA ARG C 47 31.85 -10.60 -1.89
C ARG C 47 30.82 -11.61 -1.38
N TYR C 48 31.28 -12.82 -1.07
CA TYR C 48 30.41 -13.90 -0.64
C TYR C 48 30.49 -14.09 0.87
N LEU C 49 29.32 -14.24 1.50
CA LEU C 49 29.20 -14.40 2.94
C LEU C 49 28.60 -15.77 3.23
N ILE C 50 29.33 -16.59 3.99
CA ILE C 50 28.89 -17.92 4.38
C ILE C 50 28.44 -17.88 5.83
N LEU C 51 27.21 -18.29 6.08
CA LEU C 51 26.65 -18.37 7.42
C LEU C 51 26.55 -19.83 7.84
N SER C 52 27.23 -20.20 8.93
CA SER C 52 27.17 -21.55 9.45
C SER C 52 26.30 -21.52 10.70
N LEU C 53 25.15 -22.16 10.62
CA LEU C 53 24.13 -22.10 11.67
C LEU C 53 24.41 -23.00 12.87
N ILE C 54 25.24 -24.03 12.73
CA ILE C 54 25.53 -24.96 13.82
C ILE C 54 26.83 -24.55 14.49
N PRO C 55 26.82 -24.19 15.77
CA PRO C 55 28.05 -23.84 16.47
C PRO C 55 28.84 -25.09 16.86
N LYS C 56 30.12 -24.90 17.15
CA LYS C 56 31.00 -25.97 17.58
C LYS C 56 31.24 -25.85 19.08
N ILE C 57 30.81 -26.87 19.83
CA ILE C 57 31.04 -26.92 21.27
C ILE C 57 32.34 -27.69 21.51
N GLU C 58 33.39 -26.97 21.90
CA GLU C 58 34.72 -27.55 22.07
C GLU C 58 34.81 -28.51 23.26
N ASP C 59 33.80 -28.55 24.12
CA ASP C 59 33.85 -29.42 25.29
C ASP C 59 34.10 -30.88 24.92
N SER C 60 35.13 -31.47 25.53
CA SER C 60 35.47 -32.86 25.28
C SER C 60 34.45 -33.84 25.85
N ASN C 61 33.65 -33.41 26.83
CA ASN C 61 32.61 -34.26 27.40
C ASN C 61 31.36 -34.32 26.54
N SER C 62 31.40 -33.80 25.32
CA SER C 62 30.28 -33.80 24.38
C SER C 62 29.02 -33.14 24.93
N CYS C 63 29.16 -32.24 25.91
CA CYS C 63 27.99 -31.56 26.44
C CYS C 63 27.34 -30.70 25.37
N GLY C 64 26.06 -30.40 25.56
CA GLY C 64 25.33 -29.59 24.61
C GLY C 64 24.92 -30.31 23.35
N ASP C 65 25.40 -31.53 23.14
CA ASP C 65 25.06 -32.27 21.93
C ASP C 65 23.55 -32.52 21.81
N GLN C 66 22.86 -32.70 22.93
CA GLN C 66 21.42 -32.94 22.87
C GLN C 66 20.69 -31.69 22.40
N GLN C 67 21.09 -30.51 22.89
CA GLN C 67 20.46 -29.27 22.45
C GLN C 67 20.76 -29.00 20.99
N ILE C 68 21.97 -29.31 20.53
CA ILE C 68 22.33 -29.11 19.13
C ILE C 68 21.49 -30.01 18.23
N LYS C 69 21.24 -31.25 18.68
CA LYS C 69 20.41 -32.15 17.89
C LYS C 69 19.00 -31.61 17.77
N GLN C 70 18.43 -31.11 18.88
CA GLN C 70 17.11 -30.51 18.83
C GLN C 70 17.12 -29.25 18.00
N TYR C 71 18.19 -28.45 18.10
CA TYR C 71 18.29 -27.23 17.32
C TYR C 71 18.35 -27.52 15.83
N LYS C 72 19.05 -28.58 15.44
CA LYS C 72 19.09 -28.98 14.03
C LYS C 72 17.68 -29.25 13.51
N ARG C 73 16.87 -29.97 14.28
CA ARG C 73 15.50 -30.28 13.87
C ARG C 73 14.68 -29.01 13.66
N LEU C 74 14.96 -27.97 14.43
CA LEU C 74 14.22 -26.72 14.30
C LEU C 74 14.68 -25.91 13.09
N LEU C 75 15.98 -25.95 12.79
CA LEU C 75 16.48 -25.24 11.61
C LEU C 75 15.89 -25.78 10.32
N ASP C 76 15.58 -27.08 10.27
CA ASP C 76 15.01 -27.68 9.07
C ASP C 76 13.75 -26.95 8.59
N ARG C 77 12.99 -26.38 9.52
CA ARG C 77 11.78 -25.64 9.14
C ARG C 77 12.09 -24.42 8.29
N LEU C 78 13.34 -23.96 8.26
CA LEU C 78 13.77 -22.84 7.43
C LEU C 78 14.69 -23.25 6.30
N ILE C 79 15.68 -24.10 6.59
CA ILE C 79 16.66 -24.50 5.59
C ILE C 79 16.03 -25.30 4.45
N ILE C 80 15.10 -26.20 4.77
CA ILE C 80 14.43 -27.00 3.75
C ILE C 80 13.55 -26.15 2.83
N PRO C 81 12.71 -25.24 3.34
CA PRO C 81 11.95 -24.38 2.41
C PRO C 81 12.84 -23.58 1.48
N LEU C 82 13.95 -23.04 1.98
CA LEU C 82 14.86 -22.27 1.12
C LEU C 82 15.50 -23.15 0.06
N TYR C 83 15.97 -24.33 0.46
CA TYR C 83 16.60 -25.25 -0.50
C TYR C 83 15.61 -25.69 -1.57
N ASP C 84 14.37 -26.00 -1.17
CA ASP C 84 13.36 -26.39 -2.15
C ASP C 84 13.04 -25.25 -3.11
N GLY C 85 12.93 -24.03 -2.60
CA GLY C 85 12.66 -22.88 -3.47
C GLY C 85 13.75 -22.63 -4.47
N LEU C 86 15.01 -22.78 -4.06
CA LEU C 86 16.14 -22.58 -4.96
C LEU C 86 16.21 -23.69 -6.01
N ARG C 87 16.04 -24.94 -5.59
CA ARG C 87 16.15 -26.07 -6.52
C ARG C 87 15.06 -26.04 -7.58
N LEU C 88 13.85 -25.62 -7.22
CA LEU C 88 12.73 -25.58 -8.15
C LEU C 88 12.61 -24.26 -8.89
N GLN C 89 13.56 -23.34 -8.72
CA GLN C 89 13.51 -22.07 -9.45
C GLN C 89 13.76 -22.30 -10.93
N LYS C 90 12.98 -21.61 -11.76
CA LYS C 90 13.11 -21.75 -13.21
C LYS C 90 14.48 -21.27 -13.69
N ASP C 91 14.99 -21.96 -14.71
CA ASP C 91 16.29 -21.65 -15.29
C ASP C 91 16.10 -21.10 -16.71
N VAL C 92 16.66 -19.92 -16.97
CA VAL C 92 16.49 -19.26 -18.26
C VAL C 92 17.74 -19.31 -19.13
N ILE C 93 18.89 -19.69 -18.58
CA ILE C 93 20.11 -19.87 -19.34
C ILE C 93 20.71 -21.22 -18.97
N VAL C 94 21.04 -22.02 -19.97
CA VAL C 94 21.68 -23.32 -19.78
C VAL C 94 23.05 -23.31 -20.44
N THR C 95 24.03 -23.87 -19.75
CA THR C 95 25.40 -23.93 -20.28
C THR C 95 25.52 -24.98 -21.37
N ARG C 109 37.68 -20.08 -22.49
CA ARG C 109 36.72 -19.02 -22.76
C ARG C 109 37.38 -17.87 -23.52
N PHE C 110 36.62 -16.81 -23.74
CA PHE C 110 37.09 -15.63 -24.44
C PHE C 110 36.47 -14.39 -23.81
N PHE C 111 37.10 -13.25 -24.08
CA PHE C 111 36.60 -11.96 -23.57
C PHE C 111 35.21 -11.64 -24.10
N GLY C 112 34.80 -12.27 -25.21
CA GLY C 112 33.47 -12.04 -25.75
C GLY C 112 32.74 -13.28 -26.21
N GLY C 113 33.01 -14.42 -25.57
CA GLY C 113 32.35 -15.65 -25.94
C GLY C 113 30.88 -15.68 -25.54
N VAL C 114 30.18 -16.67 -26.09
CA VAL C 114 28.77 -16.86 -25.78
C VAL C 114 28.59 -17.26 -24.32
N ILE C 115 27.71 -16.53 -23.62
CA ILE C 115 27.46 -16.82 -22.22
C ILE C 115 26.81 -18.19 -22.05
N GLY C 116 25.83 -18.49 -22.89
CA GLY C 116 25.14 -19.76 -22.81
C GLY C 116 24.06 -19.83 -23.86
N THR C 117 23.15 -20.78 -23.70
CA THR C 117 22.07 -20.97 -24.65
C THR C 117 20.75 -20.51 -24.05
N ILE C 118 19.95 -19.82 -24.86
CA ILE C 118 18.64 -19.35 -24.42
C ILE C 118 17.75 -20.53 -24.10
N ALA C 119 17.24 -20.58 -22.87
CA ALA C 119 16.34 -21.65 -22.49
C ALA C 119 14.93 -21.33 -22.98
N LEU C 120 14.16 -22.38 -23.23
CA LEU C 120 12.79 -22.20 -23.68
C LEU C 120 11.93 -21.54 -22.59
N GLY C 121 10.99 -20.72 -23.04
CA GLY C 121 10.08 -19.97 -22.19
C GLY C 121 10.13 -18.49 -22.53
N VAL C 122 9.69 -17.68 -21.58
CA VAL C 122 9.74 -16.23 -21.69
C VAL C 122 10.56 -15.70 -20.51
N ALA C 123 11.57 -14.88 -20.80
CA ALA C 123 12.43 -14.32 -19.77
C ALA C 123 12.62 -12.84 -20.04
N THR C 124 12.16 -12.00 -19.10
CA THR C 124 12.30 -10.57 -19.22
C THR C 124 13.74 -10.14 -18.95
N SER C 125 14.00 -8.85 -19.17
CA SER C 125 15.35 -8.31 -19.02
C SER C 125 15.86 -8.48 -17.59
N ALA C 126 14.96 -8.32 -16.61
CA ALA C 126 15.34 -8.51 -15.21
C ALA C 126 15.80 -9.95 -14.95
N GLN C 127 15.09 -10.92 -15.51
CA GLN C 127 15.47 -12.32 -15.34
C GLN C 127 16.74 -12.65 -16.09
N ILE C 128 16.94 -12.07 -17.28
CA ILE C 128 18.18 -12.28 -18.01
C ILE C 128 19.37 -11.71 -17.24
N THR C 129 19.20 -10.52 -16.67
CA THR C 129 20.27 -9.92 -15.87
C THR C 129 20.57 -10.74 -14.63
N ALA C 130 19.53 -11.15 -13.90
CA ALA C 130 19.71 -11.97 -12.71
C ALA C 130 20.36 -13.31 -13.04
N ALA C 131 19.97 -13.93 -14.15
CA ALA C 131 20.59 -15.19 -14.56
C ALA C 131 22.07 -15.01 -14.91
N VAL C 132 22.41 -13.92 -15.61
CA VAL C 132 23.81 -13.67 -15.93
C VAL C 132 24.63 -13.51 -14.65
N ALA C 133 24.04 -12.92 -13.62
CA ALA C 133 24.74 -12.78 -12.34
C ALA C 133 25.01 -14.16 -11.72
N LEU C 134 24.05 -15.07 -11.79
CA LEU C 134 24.27 -16.42 -11.28
C LEU C 134 25.31 -17.18 -12.09
N VAL C 135 25.41 -16.92 -13.39
CA VAL C 135 26.46 -17.54 -14.20
C VAL C 135 27.83 -17.03 -13.77
N GLU C 136 27.93 -15.74 -13.47
CA GLU C 136 29.21 -15.18 -13.01
C GLU C 136 29.68 -15.82 -11.71
N ALA C 137 28.76 -16.34 -10.91
CA ALA C 137 29.09 -16.98 -9.64
C ALA C 137 29.45 -18.46 -9.78
N LYS C 138 29.47 -19.00 -11.01
CA LYS C 138 29.80 -20.40 -11.20
C LYS C 138 31.20 -20.72 -10.69
N GLN C 139 32.18 -19.90 -11.03
CA GLN C 139 33.54 -20.11 -10.56
C GLN C 139 33.65 -19.94 -9.05
N ALA C 140 32.91 -18.98 -8.49
CA ALA C 140 32.92 -18.79 -7.04
C ALA C 140 32.36 -20.00 -6.30
N ARG C 141 31.26 -20.57 -6.80
CA ARG C 141 30.68 -21.76 -6.17
C ARG C 141 31.69 -22.90 -6.08
N SER C 142 32.52 -23.08 -7.11
CA SER C 142 33.53 -24.14 -7.06
C SER C 142 34.54 -23.90 -5.95
N ASP C 143 34.82 -22.63 -5.64
CA ASP C 143 35.75 -22.30 -4.56
C ASP C 143 35.09 -22.50 -3.20
N ILE C 144 33.84 -22.05 -3.05
CA ILE C 144 33.10 -22.20 -1.80
C ILE C 144 33.06 -23.65 -1.35
N GLU C 145 32.83 -24.58 -2.28
CA GLU C 145 32.75 -26.00 -1.93
C GLU C 145 34.02 -26.52 -1.25
N LYS C 146 35.16 -25.88 -1.49
CA LYS C 146 36.40 -26.31 -0.84
C LYS C 146 36.65 -25.60 0.48
N LEU C 147 36.22 -24.34 0.59
CA LEU C 147 36.39 -23.57 1.82
C LEU C 147 35.54 -24.13 2.96
N LYS C 148 34.30 -24.55 2.65
CA LYS C 148 33.40 -25.06 3.68
C LYS C 148 34.00 -26.19 4.50
N GLU C 149 34.88 -27.01 3.91
CA GLU C 149 35.48 -28.10 4.66
C GLU C 149 36.26 -27.60 5.87
N ALA C 150 36.96 -26.46 5.72
CA ALA C 150 37.70 -25.89 6.84
C ALA C 150 36.79 -25.21 7.85
N ILE C 151 35.64 -24.70 7.41
CA ILE C 151 34.69 -24.06 8.30
C ILE C 151 34.01 -25.07 9.21
N ARG C 152 33.93 -26.33 8.79
CA ARG C 152 33.26 -27.36 9.58
C ARG C 152 33.92 -27.58 10.93
N ASP C 153 35.24 -27.58 11.00
CA ASP C 153 35.93 -27.84 12.26
C ASP C 153 36.51 -26.60 12.93
N THR C 154 36.41 -25.43 12.34
CA THR C 154 36.95 -24.25 13.01
C THR C 154 36.00 -23.80 14.13
N ASN C 155 36.56 -23.07 15.09
CA ASN C 155 35.79 -22.55 16.23
C ASN C 155 35.86 -21.04 16.34
N LYS C 156 36.25 -20.35 15.27
CA LYS C 156 36.28 -18.89 15.27
C LYS C 156 34.90 -18.32 14.95
N ALA C 157 34.56 -17.20 15.58
CA ALA C 157 33.27 -16.57 15.34
C ALA C 157 33.19 -16.00 13.94
N VAL C 158 34.22 -15.25 13.53
CA VAL C 158 34.30 -14.68 12.19
C VAL C 158 35.65 -15.09 11.61
N GLN C 159 35.62 -15.76 10.46
CA GLN C 159 36.85 -16.20 9.82
C GLN C 159 36.80 -15.91 8.34
N SER C 160 37.95 -15.61 7.76
CA SER C 160 38.05 -15.34 6.33
C SER C 160 39.28 -16.04 5.77
N VAL C 161 39.20 -16.41 4.50
CA VAL C 161 40.31 -17.07 3.83
C VAL C 161 40.62 -16.40 2.50
N LEU C 168 37.63 -11.59 -1.04
CA LEU C 168 37.65 -12.45 0.14
C LEU C 168 36.31 -13.10 0.40
N ILE C 169 36.33 -14.23 1.10
CA ILE C 169 35.14 -14.95 1.54
C ILE C 169 35.15 -14.97 3.06
N VAL C 170 34.06 -14.50 3.66
CA VAL C 170 33.95 -14.42 5.12
C VAL C 170 32.89 -15.41 5.59
N ALA C 171 33.16 -16.03 6.74
CA ALA C 171 32.26 -17.00 7.33
C ALA C 171 32.00 -16.63 8.78
N ILE C 172 30.73 -16.69 9.18
CA ILE C 172 30.31 -16.34 10.53
C ILE C 172 29.52 -17.50 11.13
N LYS C 173 29.88 -17.91 12.35
CA LYS C 173 29.14 -18.94 13.06
C LYS C 173 28.08 -18.28 13.93
N SER C 174 26.89 -18.87 13.93
CA SER C 174 25.71 -18.28 14.58
C SER C 174 25.94 -17.82 16.02
N VAL C 175 26.33 -18.72 16.92
CA VAL C 175 26.52 -18.33 18.31
C VAL C 175 27.91 -18.66 18.85
N GLN C 176 28.88 -18.88 17.97
CA GLN C 176 30.20 -19.33 18.44
C GLN C 176 30.81 -18.37 19.45
N ASP C 177 30.59 -17.07 19.29
CA ASP C 177 31.14 -16.09 20.22
C ASP C 177 30.54 -16.26 21.62
N TYR C 178 29.23 -16.43 21.70
CA TYR C 178 28.56 -16.65 22.98
C TYR C 178 28.99 -17.97 23.62
N VAL C 179 29.17 -19.01 22.79
CA VAL C 179 29.59 -20.31 23.30
C VAL C 179 31.00 -20.25 23.88
N ASN C 180 31.95 -19.66 23.15
CA ASN C 180 33.32 -19.60 23.62
C ASN C 180 33.48 -18.74 24.87
N LYS C 181 32.79 -17.60 24.93
CA LYS C 181 32.95 -16.70 26.06
C LYS C 181 32.15 -17.11 27.29
N GLU C 182 31.07 -17.87 27.12
CA GLU C 182 30.24 -18.22 28.27
C GLU C 182 30.00 -19.73 28.44
N ILE C 183 29.45 -20.38 27.41
CA ILE C 183 29.13 -21.81 27.53
C ILE C 183 30.38 -22.67 27.65
N VAL C 184 31.49 -22.28 27.02
CA VAL C 184 32.71 -23.08 27.19
C VAL C 184 33.23 -22.99 28.62
N PRO C 185 33.41 -21.80 29.22
CA PRO C 185 33.84 -21.74 30.63
C PRO C 185 32.81 -22.22 31.64
N CYS C 186 31.52 -22.30 31.30
CA CYS C 186 30.55 -22.81 32.28
C CYS C 186 30.77 -24.29 32.58
N ILE C 187 31.10 -25.08 31.56
CA ILE C 187 31.31 -26.51 31.78
C ILE C 187 32.39 -26.76 32.84
N ALA C 188 33.40 -25.89 32.90
CA ALA C 188 34.46 -26.08 33.88
C ALA C 188 34.04 -25.70 35.29
N ARG C 189 32.94 -24.96 35.45
CA ARG C 189 32.51 -24.50 36.76
C ARG C 189 31.18 -25.10 37.18
N LEU C 190 30.17 -25.00 36.32
CA LEU C 190 28.86 -25.58 36.56
C LEU C 190 28.81 -26.97 35.94
N GLY C 191 27.74 -27.70 36.23
CA GLY C 191 27.55 -28.99 35.60
C GLY C 191 27.10 -28.84 34.16
N CYS C 192 27.25 -29.93 33.40
CA CYS C 192 26.80 -29.90 32.01
C CYS C 192 25.31 -29.63 31.93
N GLU C 193 24.54 -30.18 32.85
CA GLU C 193 23.09 -29.97 32.86
C GLU C 193 22.74 -28.49 33.09
N ALA C 194 23.39 -27.86 34.07
CA ALA C 194 23.07 -26.48 34.43
C ALA C 194 23.11 -25.53 33.24
N CYS C 195 24.26 -25.42 32.58
CA CYS C 195 24.36 -24.53 31.44
C CYS C 195 23.99 -25.19 30.12
N GLY C 196 23.70 -26.49 30.11
CA GLY C 196 23.16 -27.10 28.91
C GLY C 196 21.80 -26.51 28.55
N LEU C 197 20.94 -26.32 29.55
CA LEU C 197 19.65 -25.68 29.31
C LEU C 197 19.83 -24.25 28.84
N LEU C 198 20.86 -23.56 29.35
CA LEU C 198 21.11 -22.19 28.91
C LEU C 198 21.47 -22.14 27.44
N LEU C 199 22.27 -23.09 26.97
CA LEU C 199 22.59 -23.15 25.54
C LEU C 199 21.31 -23.34 24.72
N GLY C 200 20.37 -24.13 25.24
CA GLY C 200 19.12 -24.34 24.54
C GLY C 200 18.34 -23.06 24.34
N LEU C 201 18.19 -22.27 25.40
CA LEU C 201 17.48 -21.00 25.29
C LEU C 201 18.21 -20.02 24.38
N ALA C 202 19.54 -20.02 24.42
CA ALA C 202 20.29 -19.13 23.55
C ALA C 202 20.07 -19.48 22.08
N LEU C 203 20.11 -20.77 21.75
CA LEU C 203 19.85 -21.20 20.39
C LEU C 203 18.41 -20.92 19.98
N ASP C 204 17.47 -21.09 20.91
CA ASP C 204 16.06 -20.80 20.63
C ASP C 204 15.87 -19.34 20.26
N GLN C 205 16.55 -18.43 20.95
CA GLN C 205 16.48 -17.01 20.60
C GLN C 205 17.01 -16.77 19.20
N HIS C 206 18.13 -17.40 18.84
CA HIS C 206 18.69 -17.22 17.50
C HIS C 206 17.73 -17.70 16.42
N TYR C 207 17.02 -18.80 16.67
CA TYR C 207 16.03 -19.28 15.70
C TYR C 207 14.91 -18.26 15.50
N SER C 208 14.46 -17.63 16.58
CA SER C 208 13.41 -16.63 16.45
C SER C 208 13.87 -15.45 15.61
N GLU C 209 15.16 -15.12 15.65
CA GLU C 209 15.68 -14.04 14.81
C GLU C 209 15.87 -14.50 13.37
N LEU C 210 16.39 -15.72 13.17
CA LEU C 210 16.57 -16.23 11.82
C LEU C 210 15.25 -16.28 11.06
N THR C 211 14.20 -16.82 11.69
CA THR C 211 12.90 -16.90 11.02
C THR C 211 12.31 -15.52 10.76
N ASN C 212 12.72 -14.51 11.52
CA ASN C 212 12.24 -13.15 11.26
C ASN C 212 12.77 -12.60 9.96
N ILE C 213 14.04 -12.85 9.66
CA ILE C 213 14.65 -12.34 8.42
C ILE C 213 14.51 -13.33 7.27
N PHE C 214 14.67 -14.63 7.49
CA PHE C 214 14.55 -15.60 6.41
C PHE C 214 13.15 -16.15 6.22
N GLY C 215 12.26 -15.99 7.19
CA GLY C 215 10.91 -16.50 7.07
C GLY C 215 10.07 -15.78 6.03
N GLY C 225 12.33 -9.44 -0.18
CA GLY C 225 13.65 -10.04 -0.22
C GLY C 225 14.42 -9.89 1.07
N ILE C 226 15.72 -10.17 1.02
CA ILE C 226 16.61 -10.07 2.16
C ILE C 226 17.54 -8.89 1.95
N LYS C 227 17.68 -8.05 2.98
CA LYS C 227 18.56 -6.89 2.94
C LYS C 227 19.71 -7.08 3.92
N LEU C 228 20.89 -6.61 3.52
CA LEU C 228 22.10 -6.80 4.33
C LEU C 228 21.93 -6.27 5.74
N GLN C 229 21.10 -5.25 5.93
CA GLN C 229 20.84 -4.75 7.28
C GLN C 229 20.27 -5.85 8.17
N GLY C 230 19.42 -6.71 7.61
CA GLY C 230 18.85 -7.79 8.40
C GLY C 230 19.91 -8.75 8.91
N ILE C 231 20.83 -9.16 8.03
CA ILE C 231 21.88 -10.08 8.43
C ILE C 231 22.85 -9.40 9.39
N ALA C 232 23.19 -8.14 9.14
CA ALA C 232 24.07 -7.42 10.06
C ALA C 232 23.44 -7.33 11.45
N SER C 233 22.13 -7.10 11.52
CA SER C 233 21.47 -7.02 12.82
C SER C 233 21.38 -8.40 13.47
N LEU C 234 21.13 -9.43 12.67
CA LEU C 234 21.03 -10.79 13.18
C LEU C 234 22.32 -11.23 13.85
N TYR C 235 23.46 -10.92 13.25
CA TYR C 235 24.75 -11.30 13.81
C TYR C 235 25.37 -10.21 14.67
N ARG C 236 24.68 -9.08 14.85
CA ARG C 236 25.15 -7.97 15.69
C ARG C 236 26.59 -7.57 15.36
N THR C 237 26.90 -7.50 14.07
CA THR C 237 28.25 -7.18 13.61
C THR C 237 28.18 -6.12 12.51
N ASN C 238 29.13 -5.19 12.54
CA ASN C 238 29.18 -4.12 11.55
C ASN C 238 29.80 -4.60 10.23
N ILE C 239 29.39 -3.94 9.14
CA ILE C 239 29.91 -4.29 7.81
C ILE C 239 31.43 -4.10 7.76
N THR C 240 31.94 -3.09 8.46
CA THR C 240 33.38 -2.87 8.49
C THR C 240 34.10 -3.99 9.25
N GLU C 241 33.42 -4.63 10.18
CA GLU C 241 34.00 -5.76 10.90
C GLU C 241 33.94 -7.04 10.09
N ILE C 242 32.90 -7.20 9.27
CA ILE C 242 32.79 -8.38 8.43
C ILE C 242 33.82 -8.34 7.30
N PHE C 243 33.77 -7.30 6.48
CA PHE C 243 34.66 -7.17 5.33
C PHE C 243 35.71 -6.10 5.59
N THR C 244 36.98 -6.48 5.44
CA THR C 244 38.10 -5.55 5.60
C THR C 244 38.48 -4.96 4.25
N THR C 245 37.59 -4.13 3.72
CA THR C 245 37.80 -3.51 2.42
C THR C 245 37.33 -2.07 2.46
N SER C 246 37.89 -1.27 1.55
CA SER C 246 37.55 0.15 1.47
C SER C 246 37.62 0.63 0.02
N LYS C 250 35.96 5.46 7.41
CA LYS C 250 36.05 6.89 7.17
C LYS C 250 34.84 7.39 6.38
N TYR C 251 34.16 6.47 5.72
CA TYR C 251 32.99 6.83 4.92
C TYR C 251 31.84 7.25 5.83
N ASP C 252 31.02 8.16 5.31
CA ASP C 252 29.94 8.73 6.10
C ASP C 252 28.90 7.66 6.47
N ILE C 253 28.15 7.95 7.53
CA ILE C 253 27.11 7.04 7.99
C ILE C 253 26.08 6.79 6.89
N TYR C 254 25.87 7.77 6.01
CA TYR C 254 24.92 7.63 4.92
C TYR C 254 25.36 6.55 3.93
N ASP C 255 26.67 6.45 3.68
CA ASP C 255 27.17 5.43 2.76
C ASP C 255 27.03 4.04 3.34
N LEU C 256 27.29 3.87 4.63
CA LEU C 256 27.11 2.57 5.26
C LEU C 256 25.64 2.19 5.32
N LEU C 257 24.77 3.17 5.59
CA LEU C 257 23.34 2.90 5.62
C LEU C 257 22.84 2.44 4.27
N PHE C 258 23.38 3.00 3.19
CA PHE C 258 23.00 2.56 1.85
C PHE C 258 23.54 1.17 1.54
N THR C 259 24.78 0.89 1.94
CA THR C 259 25.34 -0.44 1.73
C THR C 259 24.52 -1.50 2.44
N GLU C 260 24.03 -1.19 3.64
CA GLU C 260 23.17 -2.10 4.39
C GLU C 260 21.77 -2.21 3.78
N SER C 261 21.43 -1.34 2.84
CA SER C 261 20.13 -1.37 2.19
C SER C 261 20.10 -2.22 0.93
N ILE C 262 21.25 -2.45 0.29
CA ILE C 262 21.28 -3.26 -0.92
C ILE C 262 20.89 -4.70 -0.60
N LYS C 263 20.10 -5.29 -1.49
CA LYS C 263 19.62 -6.66 -1.32
C LYS C 263 20.73 -7.68 -1.54
N VAL C 264 20.58 -8.84 -0.91
CA VAL C 264 21.49 -9.97 -1.01
C VAL C 264 20.71 -11.17 -1.51
N ARG C 265 21.35 -11.99 -2.35
CA ARG C 265 20.70 -13.16 -2.94
C ARG C 265 21.38 -14.45 -2.50
N VAL C 266 20.57 -15.45 -2.21
CA VAL C 266 21.07 -16.75 -1.78
C VAL C 266 21.54 -17.53 -3.00
N ILE C 267 22.82 -17.87 -3.03
CA ILE C 267 23.39 -18.62 -4.14
C ILE C 267 23.30 -20.13 -3.93
N ASP C 268 23.43 -20.61 -2.70
CA ASP C 268 23.27 -22.04 -2.45
C ASP C 268 23.02 -22.30 -0.97
N VAL C 269 22.48 -23.49 -0.69
CA VAL C 269 22.17 -23.96 0.64
C VAL C 269 22.70 -25.39 0.77
N ASP C 270 23.37 -25.68 1.88
CA ASP C 270 23.94 -26.99 2.15
C ASP C 270 23.16 -27.64 3.28
N LEU C 271 22.51 -28.77 2.98
CA LEU C 271 21.71 -29.50 3.95
C LEU C 271 22.54 -30.38 4.88
N ASN C 272 23.79 -30.68 4.51
CA ASN C 272 24.64 -31.54 5.32
C ASN C 272 25.41 -30.74 6.38
N ASP C 273 26.01 -29.63 5.99
CA ASP C 273 26.77 -28.80 6.91
C ASP C 273 25.90 -27.73 7.57
N TYR C 274 24.62 -27.64 7.20
CA TYR C 274 23.70 -26.64 7.74
C TYR C 274 24.29 -25.24 7.62
N SER C 275 24.56 -24.85 6.38
CA SER C 275 25.14 -23.54 6.11
C SER C 275 24.43 -22.92 4.91
N ILE C 276 24.31 -21.59 4.96
CA ILE C 276 23.69 -20.80 3.91
C ILE C 276 24.69 -19.74 3.47
N THR C 277 24.83 -19.56 2.15
CA THR C 277 25.77 -18.59 1.61
C THR C 277 25.03 -17.59 0.74
N LEU C 278 25.42 -16.32 0.88
CA LEU C 278 24.78 -15.21 0.18
C LEU C 278 25.83 -14.39 -0.56
N GLN C 279 25.40 -13.76 -1.65
CA GLN C 279 26.26 -12.88 -2.43
C GLN C 279 25.95 -11.45 -2.02
N VAL C 280 26.95 -10.76 -1.50
CA VAL C 280 26.82 -9.38 -1.02
C VAL C 280 27.48 -8.45 -2.02
N ARG C 281 26.74 -7.42 -2.42
CA ARG C 281 27.22 -6.40 -3.36
C ARG C 281 27.54 -5.12 -2.59
N LEU C 282 28.77 -4.66 -2.71
CA LEU C 282 29.19 -3.42 -2.05
C LEU C 282 29.31 -2.32 -3.10
N PRO C 283 28.56 -1.23 -2.97
CA PRO C 283 28.51 -0.23 -4.03
C PRO C 283 29.71 0.70 -4.06
N LEU C 284 30.07 1.11 -5.28
CA LEU C 284 31.08 2.15 -5.51
C LEU C 284 30.33 3.41 -5.90
N LEU C 285 30.11 4.28 -4.91
CA LEU C 285 29.36 5.51 -5.14
C LEU C 285 30.20 6.55 -5.90
N THR C 286 29.57 7.19 -6.89
CA THR C 286 30.18 8.24 -7.68
C THR C 286 29.20 9.40 -7.80
N ARG C 287 29.70 10.61 -7.63
CA ARG C 287 28.86 11.80 -7.72
C ARG C 287 28.56 12.12 -9.18
N LEU C 288 27.27 12.16 -9.52
CA LEU C 288 26.84 12.46 -10.88
C LEU C 288 26.83 13.97 -11.07
N LEU C 289 27.85 14.48 -11.77
CA LEU C 289 27.99 15.92 -12.00
C LEU C 289 26.81 16.48 -12.78
N ASN C 290 26.52 17.76 -12.53
CA ASN C 290 25.39 18.47 -13.13
C ASN C 290 24.04 17.80 -12.87
N THR C 291 23.90 17.14 -11.72
CA THR C 291 22.65 16.50 -11.34
C THR C 291 22.19 17.10 -10.02
N GLN C 292 20.94 17.56 -9.99
CA GLN C 292 20.34 18.17 -8.80
C GLN C 292 18.97 17.57 -8.56
N ILE C 293 18.65 17.33 -7.30
CA ILE C 293 17.34 16.88 -6.86
C ILE C 293 16.74 17.97 -5.97
N TYR C 294 15.53 18.39 -6.29
CA TYR C 294 14.83 19.45 -5.57
C TYR C 294 13.55 18.90 -4.96
N LYS C 295 13.21 19.38 -3.77
CA LYS C 295 11.96 19.02 -3.10
C LYS C 295 10.94 20.10 -3.39
N VAL C 296 9.74 19.70 -3.77
CA VAL C 296 8.66 20.62 -4.12
C VAL C 296 7.53 20.52 -3.10
N ASP C 297 7.17 21.66 -2.52
CA ASP C 297 6.10 21.78 -1.54
C ASP C 297 5.07 22.75 -2.09
N SER C 298 3.82 22.32 -2.17
CA SER C 298 2.73 23.13 -2.68
C SER C 298 1.84 23.60 -1.53
N ILE C 299 1.61 24.90 -1.47
CA ILE C 299 0.72 25.50 -0.48
C ILE C 299 -0.59 25.86 -1.15
N SER C 300 -1.59 26.20 -0.33
CA SER C 300 -2.90 26.58 -0.85
C SER C 300 -2.83 27.91 -1.60
N TYR C 301 -3.54 27.98 -2.71
CA TYR C 301 -3.58 29.13 -3.60
C TYR C 301 -5.02 29.59 -3.71
N ASN C 302 -5.25 30.89 -3.57
CA ASN C 302 -6.60 31.44 -3.55
C ASN C 302 -7.05 31.94 -4.91
N ILE C 303 -8.25 31.52 -5.32
CA ILE C 303 -8.88 31.96 -6.55
C ILE C 303 -10.35 32.23 -6.22
N GLN C 304 -10.72 33.51 -6.14
CA GLN C 304 -12.11 33.92 -5.87
C GLN C 304 -12.66 33.23 -4.63
N ASN C 305 -11.92 33.33 -3.53
CA ASN C 305 -12.23 32.80 -2.21
C ASN C 305 -12.23 31.27 -2.17
N ARG C 306 -11.91 30.60 -3.26
CA ARG C 306 -11.71 29.16 -3.25
C ARG C 306 -10.24 28.86 -2.98
N GLU C 307 -9.97 27.63 -2.53
CA GLU C 307 -8.61 27.20 -2.26
C GLU C 307 -8.18 26.18 -3.30
N TRP C 308 -7.09 26.48 -3.99
CA TRP C 308 -6.54 25.61 -5.03
C TRP C 308 -5.07 25.33 -4.71
N TYR C 309 -4.54 24.28 -5.31
CA TYR C 309 -3.12 23.97 -5.15
C TYR C 309 -2.60 23.34 -6.43
N ILE C 310 -1.31 23.54 -6.68
CA ILE C 310 -0.64 23.00 -7.87
C ILE C 310 -0.15 21.60 -7.54
N PRO C 311 -0.72 20.55 -8.13
CA PRO C 311 -0.26 19.19 -7.85
C PRO C 311 1.07 18.93 -8.56
N LEU C 312 2.10 18.61 -7.79
CA LEU C 312 3.42 18.35 -8.33
C LEU C 312 4.04 17.18 -7.60
N PRO C 313 5.01 16.50 -8.21
CA PRO C 313 5.70 15.41 -7.52
C PRO C 313 6.44 15.92 -6.28
N SER C 314 6.63 15.01 -5.32
CA SER C 314 7.33 15.37 -4.09
C SER C 314 8.76 15.84 -4.37
N HIS C 315 9.42 15.22 -5.35
CA HIS C 315 10.78 15.59 -5.71
C HIS C 315 10.88 15.76 -7.22
N ILE C 316 11.62 16.77 -7.65
CA ILE C 316 11.88 17.03 -9.07
C ILE C 316 13.38 17.13 -9.28
N MET C 317 13.83 16.71 -10.46
CA MET C 317 15.25 16.61 -10.78
C MET C 317 15.59 17.40 -12.03
N THR C 318 16.79 17.96 -12.04
CA THR C 318 17.34 18.67 -13.19
C THR C 318 18.70 18.06 -13.50
N LYS C 319 18.87 17.59 -14.74
CA LYS C 319 20.12 16.94 -15.17
C LYS C 319 20.45 17.49 -16.56
N GLY C 320 21.25 18.54 -16.60
CA GLY C 320 21.57 19.17 -17.87
C GLY C 320 20.32 19.76 -18.48
N ALA C 321 19.90 19.23 -19.63
CA ALA C 321 18.69 19.69 -20.29
C ALA C 321 17.44 19.00 -19.80
N PHE C 322 17.57 18.00 -18.93
CA PHE C 322 16.43 17.23 -18.47
C PHE C 322 15.80 17.84 -17.22
N LEU C 323 14.47 17.81 -17.16
CA LEU C 323 13.72 18.29 -16.00
C LEU C 323 12.57 17.34 -15.77
N GLY C 324 12.49 16.75 -14.59
CA GLY C 324 11.44 15.78 -14.32
C GLY C 324 11.46 15.34 -12.87
N GLY C 325 10.46 14.53 -12.53
CA GLY C 325 10.33 14.04 -11.18
C GLY C 325 11.39 13.01 -10.83
N ALA C 326 11.54 12.76 -9.54
CA ALA C 326 12.49 11.78 -9.04
C ALA C 326 11.82 10.87 -8.02
N ASP C 327 12.01 9.57 -8.17
CA ASP C 327 11.47 8.57 -7.25
C ASP C 327 12.50 8.25 -6.17
N VAL C 328 12.65 9.20 -5.24
CA VAL C 328 13.62 9.07 -4.16
C VAL C 328 13.15 8.12 -3.06
N LYS C 329 11.95 7.56 -3.18
CA LYS C 329 11.44 6.65 -2.15
C LYS C 329 12.35 5.45 -1.93
N GLU C 330 13.10 5.05 -2.95
CA GLU C 330 14.03 3.93 -2.84
C GLU C 330 15.45 4.38 -2.54
N CYS C 331 15.70 5.68 -2.42
CA CYS C 331 17.03 6.22 -2.19
C CYS C 331 17.23 6.65 -0.73
N ILE C 332 18.49 6.93 -0.41
CA ILE C 332 18.89 7.40 0.91
C ILE C 332 19.27 8.87 0.80
N GLU C 333 18.77 9.69 1.72
CA GLU C 333 19.01 11.13 1.70
C GLU C 333 20.10 11.48 2.71
N ALA C 334 21.22 11.99 2.19
CA ALA C 334 22.34 12.40 3.02
C ALA C 334 22.28 13.90 3.26
N PHE C 335 23.33 14.44 3.91
CA PHE C 335 23.38 15.86 4.20
C PHE C 335 23.49 16.71 2.94
N SER C 336 24.23 16.24 1.93
CA SER C 336 24.45 17.01 0.72
C SER C 336 24.14 16.29 -0.58
N SER C 337 23.67 15.04 -0.53
CA SER C 337 23.36 14.34 -1.77
C SER C 337 22.41 13.19 -1.49
N TYR C 338 21.77 12.71 -2.55
CA TYR C 338 20.93 11.53 -2.50
C TYR C 338 21.70 10.35 -3.08
N ILE C 339 21.65 9.22 -2.39
CA ILE C 339 22.33 8.01 -2.81
C ILE C 339 21.29 7.08 -3.41
N CYS C 340 21.39 6.83 -4.71
CA CYS C 340 20.40 6.01 -5.40
C CYS C 340 21.04 4.86 -6.14
N PRO C 341 20.31 3.76 -6.33
CA PRO C 341 20.88 2.62 -7.06
C PRO C 341 20.87 2.83 -8.56
N SER C 342 20.02 3.72 -9.06
CA SER C 342 19.93 4.05 -10.47
C SER C 342 19.23 5.39 -10.58
N ASP C 343 19.34 6.01 -11.75
CA ASP C 343 18.72 7.30 -11.98
C ASP C 343 17.22 7.25 -11.65
N PRO C 344 16.76 8.01 -10.64
CA PRO C 344 15.35 7.99 -10.28
C PRO C 344 14.46 8.88 -11.15
N GLY C 345 15.04 9.56 -12.14
CA GLY C 345 14.27 10.48 -12.94
C GLY C 345 13.23 9.78 -13.81
N PHE C 346 12.15 10.52 -14.07
CA PHE C 346 11.09 10.09 -14.96
C PHE C 346 10.50 11.31 -15.65
N VAL C 347 9.95 11.09 -16.84
CA VAL C 347 9.44 12.17 -17.67
C VAL C 347 8.10 12.67 -17.11
N LEU C 348 7.97 13.99 -17.03
CA LEU C 348 6.75 14.66 -16.57
C LEU C 348 5.91 15.11 -17.75
N ASN C 349 4.65 15.44 -17.45
CA ASN C 349 3.77 16.03 -18.44
C ASN C 349 4.31 17.39 -18.89
N HIS C 350 4.12 17.69 -20.17
CA HIS C 350 4.63 18.94 -20.75
C HIS C 350 4.10 20.17 -20.03
N GLU C 351 2.88 20.11 -19.51
CA GLU C 351 2.34 21.26 -18.78
C GLU C 351 3.07 21.47 -17.45
N MET C 352 3.43 20.40 -16.77
CA MET C 352 4.21 20.53 -15.54
C MET C 352 5.64 20.95 -15.84
N GLU C 353 6.23 20.43 -16.91
CA GLU C 353 7.59 20.82 -17.27
C GLU C 353 7.65 22.29 -17.66
N SER C 354 6.62 22.79 -18.33
CA SER C 354 6.58 24.21 -18.68
C SER C 354 6.27 25.07 -17.46
N CYS C 355 5.44 24.55 -16.56
CA CYS C 355 5.14 25.26 -15.32
C CYS C 355 6.41 25.50 -14.50
N LEU C 356 7.22 24.45 -14.35
CA LEU C 356 8.47 24.57 -13.61
C LEU C 356 9.51 25.39 -14.34
N SER C 357 9.37 25.58 -15.65
CA SER C 357 10.29 26.41 -16.42
C SER C 357 9.92 27.89 -16.40
N GLY C 358 9.00 28.30 -15.53
CA GLY C 358 8.63 29.69 -15.37
C GLY C 358 7.32 30.09 -16.01
N ASN C 359 6.76 29.28 -16.91
CA ASN C 359 5.48 29.61 -17.54
C ASN C 359 4.37 29.17 -16.58
N ILE C 360 4.22 29.94 -15.51
CA ILE C 360 3.26 29.64 -14.46
C ILE C 360 1.81 29.66 -14.91
N SER C 361 1.52 30.19 -16.10
CA SER C 361 0.14 30.15 -16.58
C SER C 361 -0.28 28.74 -16.99
N GLN C 362 0.67 27.84 -17.20
CA GLN C 362 0.38 26.46 -17.59
C GLN C 362 0.26 25.50 -16.40
N CYS C 363 0.53 25.97 -15.19
CA CYS C 363 0.54 25.08 -14.03
C CYS C 363 -0.83 24.46 -13.79
N PRO C 364 -0.92 23.13 -13.64
CA PRO C 364 -2.19 22.50 -13.30
C PRO C 364 -2.62 22.86 -11.89
N ARG C 365 -3.93 23.05 -11.69
CA ARG C 365 -4.46 23.39 -10.38
C ARG C 365 -5.66 22.52 -10.05
N THR C 366 -5.77 22.16 -8.77
CA THR C 366 -6.84 21.30 -8.26
C THR C 366 -7.38 21.89 -6.96
N THR C 367 -8.66 21.66 -6.70
CA THR C 367 -9.28 22.12 -5.47
C THR C 367 -8.71 21.40 -4.26
N VAL C 368 -8.52 22.15 -3.18
CA VAL C 368 -8.02 21.58 -1.93
C VAL C 368 -9.19 20.92 -1.21
N THR C 369 -9.08 19.62 -0.96
CA THR C 369 -10.16 18.84 -0.36
C THR C 369 -9.80 18.26 1.00
N SER C 370 -8.71 18.72 1.62
CA SER C 370 -8.29 18.20 2.90
C SER C 370 -7.37 19.20 3.58
N ASP C 371 -7.14 18.98 4.87
CA ASP C 371 -6.23 19.81 5.65
C ASP C 371 -4.78 19.41 5.51
N ILE C 372 -4.49 18.37 4.73
CA ILE C 372 -3.10 17.93 4.55
C ILE C 372 -2.31 19.00 3.84
N VAL C 373 -2.90 19.64 2.83
CA VAL C 373 -2.23 20.69 2.07
C VAL C 373 -1.94 21.88 2.98
N PRO C 374 -0.69 22.29 3.11
CA PRO C 374 -0.37 23.43 3.98
C PRO C 374 -0.97 24.72 3.46
N ARG C 375 -1.17 25.65 4.40
CA ARG C 375 -1.68 26.97 4.07
C ARG C 375 -0.67 28.08 4.36
N TYR C 376 0.47 27.75 4.96
CA TYR C 376 1.52 28.73 5.20
C TYR C 376 2.85 27.98 5.28
N ALA C 377 3.92 28.66 4.88
CA ALA C 377 5.24 28.07 4.94
C ALA C 377 6.30 29.17 4.98
N PHE C 378 7.37 28.93 5.73
CA PHE C 378 8.49 29.86 5.76
C PHE C 378 9.35 29.63 4.53
N VAL C 379 9.78 30.73 3.90
CA VAL C 379 10.62 30.65 2.70
C VAL C 379 11.69 31.72 2.79
N ASN C 380 12.95 31.28 2.85
CA ASN C 380 14.12 32.16 2.80
C ASN C 380 14.00 33.32 3.77
N GLY C 381 13.61 33.02 5.00
CA GLY C 381 13.54 34.01 6.04
C GLY C 381 12.26 34.82 6.09
N GLY C 382 11.34 34.58 5.16
CA GLY C 382 10.06 35.27 5.17
C GLY C 382 8.92 34.29 5.27
N VAL C 383 7.69 34.78 5.15
CA VAL C 383 6.50 33.94 5.24
C VAL C 383 5.72 34.02 3.94
N VAL C 384 5.35 32.87 3.40
CA VAL C 384 4.54 32.76 2.20
C VAL C 384 3.28 32.02 2.61
N ALA C 385 2.13 32.69 2.50
CA ALA C 385 0.89 32.09 2.98
C ALA C 385 -0.30 32.66 2.25
N ASN C 386 -1.40 31.90 2.31
CA ASN C 386 -2.71 32.32 1.80
C ASN C 386 -3.35 33.10 2.93
N CYS C 387 -3.09 34.41 2.95
CA CYS C 387 -3.55 35.29 4.02
C CYS C 387 -5.05 35.57 4.00
N ILE C 388 -5.84 34.85 3.22
CA ILE C 388 -7.29 34.98 3.26
C ILE C 388 -7.89 34.00 4.27
N THR C 389 -7.52 32.74 4.17
CA THR C 389 -7.96 31.71 5.11
C THR C 389 -7.07 31.64 6.34
N THR C 390 -5.85 32.17 6.25
CA THR C 390 -4.91 32.23 7.36
C THR C 390 -4.74 33.68 7.77
N THR C 391 -4.84 33.96 9.07
CA THR C 391 -4.69 35.31 9.58
C THR C 391 -3.22 35.71 9.60
N CYS C 392 -2.87 36.68 8.77
CA CYS C 392 -1.52 37.20 8.65
C CYS C 392 -1.48 38.60 9.28
N THR C 393 -0.51 38.82 10.17
CA THR C 393 -0.37 40.09 10.86
C THR C 393 1.04 40.63 10.67
N CYS C 394 1.13 41.94 10.49
CA CYS C 394 2.39 42.62 10.22
C CYS C 394 2.76 43.55 11.36
N ASN C 395 3.98 43.36 11.89
CA ASN C 395 4.52 44.16 13.00
C ASN C 395 3.66 44.05 14.24
N GLY C 396 3.01 42.90 14.44
CA GLY C 396 2.16 42.71 15.59
C GLY C 396 0.76 42.27 15.21
N ILE C 397 0.04 41.68 16.17
CA ILE C 397 -1.31 41.20 15.91
C ILE C 397 -2.31 42.33 15.77
N GLY C 398 -1.94 43.55 16.17
CA GLY C 398 -2.84 44.69 16.12
C GLY C 398 -3.34 45.06 14.74
N ASN C 399 -2.74 44.55 13.67
CA ASN C 399 -3.24 44.83 12.33
C ASN C 399 -3.10 43.62 11.43
N ARG C 400 -4.15 43.35 10.66
CA ARG C 400 -4.18 42.23 9.72
C ARG C 400 -3.94 42.75 8.31
N ILE C 401 -3.05 42.09 7.57
CA ILE C 401 -2.80 42.47 6.19
C ILE C 401 -3.88 41.87 5.30
N ASN C 402 -4.52 42.72 4.51
CA ASN C 402 -5.59 42.28 3.62
C ASN C 402 -5.01 41.82 2.29
N GLN C 403 -5.48 40.66 1.82
CA GLN C 403 -5.10 40.12 0.53
C GLN C 403 -6.25 40.30 -0.44
N PRO C 404 -6.05 41.03 -1.54
CA PRO C 404 -7.15 41.20 -2.49
C PRO C 404 -7.61 39.88 -3.05
N PRO C 405 -8.90 39.76 -3.36
CA PRO C 405 -9.43 38.49 -3.90
C PRO C 405 -8.73 38.02 -5.16
N ASP C 406 -8.16 38.92 -5.95
CA ASP C 406 -7.47 38.54 -7.18
C ASP C 406 -6.04 38.05 -6.94
N GLN C 407 -5.53 38.16 -5.73
CA GLN C 407 -4.18 37.69 -5.42
C GLN C 407 -4.29 36.34 -4.71
N GLY C 408 -3.52 35.36 -5.18
CA GLY C 408 -3.60 34.03 -4.64
C GLY C 408 -2.71 33.73 -3.46
N VAL C 409 -1.50 34.27 -3.45
CA VAL C 409 -0.55 34.04 -2.36
C VAL C 409 0.12 35.35 -1.98
N LYS C 410 0.23 35.61 -0.68
CA LYS C 410 0.88 36.79 -0.16
C LYS C 410 2.31 36.46 0.24
N ILE C 411 3.26 37.25 -0.24
CA ILE C 411 4.67 37.08 0.06
C ILE C 411 5.11 38.20 0.99
N ILE C 412 5.52 37.85 2.20
CA ILE C 412 5.89 38.82 3.24
C ILE C 412 7.39 38.69 3.47
N THR C 413 8.10 39.80 3.32
CA THR C 413 9.55 39.83 3.42
C THR C 413 9.98 40.75 4.56
N HIS C 414 11.20 40.52 5.05
CA HIS C 414 11.75 41.31 6.15
C HIS C 414 11.85 42.79 5.80
N LYS C 415 11.89 43.13 4.51
CA LYS C 415 11.91 44.53 4.10
C LYS C 415 10.59 45.24 4.37
N GLU C 416 9.52 44.51 4.66
CA GLU C 416 8.21 45.10 4.92
C GLU C 416 7.78 44.92 6.37
N CYS C 417 7.73 43.69 6.86
CA CYS C 417 7.29 43.40 8.22
C CYS C 417 8.44 42.85 9.04
N ASN C 418 8.76 43.51 10.15
CA ASN C 418 9.82 43.05 11.03
C ASN C 418 9.40 41.75 11.72
N THR C 419 8.15 41.66 12.15
CA THR C 419 7.62 40.45 12.77
C THR C 419 6.35 40.03 12.04
N ILE C 420 6.19 38.73 11.84
CA ILE C 420 5.05 38.16 11.12
C ILE C 420 4.34 37.20 12.05
N GLY C 421 3.03 37.33 12.15
CA GLY C 421 2.23 36.47 13.01
C GLY C 421 1.26 35.60 12.25
N ILE C 422 1.44 34.29 12.35
CA ILE C 422 0.57 33.31 11.71
C ILE C 422 -0.32 32.73 12.79
N ASN C 423 -1.63 32.99 12.69
CA ASN C 423 -2.61 32.52 13.66
C ASN C 423 -2.19 32.86 15.09
N GLY C 424 -1.60 34.05 15.25
CA GLY C 424 -1.11 34.51 16.53
C GLY C 424 0.31 34.10 16.87
N MET C 425 0.92 33.23 16.08
CA MET C 425 2.30 32.80 16.32
C MET C 425 3.23 33.87 15.78
N LEU C 426 3.67 34.77 16.66
CA LEU C 426 4.57 35.84 16.26
C LEU C 426 5.98 35.29 16.05
N PHE C 427 6.55 35.58 14.89
CA PHE C 427 7.89 35.14 14.53
C PHE C 427 8.73 36.33 14.08
N ASN C 428 10.02 36.28 14.42
CA ASN C 428 10.97 37.31 14.00
C ASN C 428 11.53 36.96 12.63
N THR C 429 11.48 37.92 11.71
CA THR C 429 12.01 37.70 10.38
C THR C 429 13.54 37.68 10.43
N ASN C 430 14.14 37.02 9.44
CA ASN C 430 15.58 36.85 9.36
C ASN C 430 16.16 37.93 8.45
N LYS C 431 17.07 38.74 8.99
CA LYS C 431 17.69 39.83 8.25
C LYS C 431 18.57 39.33 7.11
N GLU C 432 19.09 38.11 7.20
CA GLU C 432 19.90 37.53 6.14
C GLU C 432 19.08 36.82 5.07
N GLY C 433 17.75 36.88 5.15
CA GLY C 433 16.93 36.22 4.15
C GLY C 433 17.02 36.91 2.80
N THR C 434 16.72 36.13 1.75
CA THR C 434 16.78 36.61 0.38
C THR C 434 15.45 36.44 -0.35
N LEU C 435 14.35 36.35 0.38
CA LEU C 435 13.04 36.20 -0.22
C LEU C 435 12.65 37.45 -1.00
N PRO C 440 2.81 42.31 -8.73
CA PRO C 440 1.85 43.18 -9.41
C PRO C 440 1.42 42.62 -10.77
N ASP C 441 1.57 41.31 -10.94
CA ASP C 441 1.20 40.62 -12.18
C ASP C 441 -0.08 39.83 -11.97
N ASP C 442 -1.03 40.01 -12.89
CA ASP C 442 -2.32 39.32 -12.83
C ASP C 442 -2.20 37.97 -13.53
N ILE C 443 -1.66 37.00 -12.80
CA ILE C 443 -1.48 35.65 -13.33
C ILE C 443 -2.81 34.91 -13.27
N THR C 444 -3.15 34.22 -14.35
CA THR C 444 -4.37 33.43 -14.45
C THR C 444 -4.01 32.01 -14.87
N LEU C 445 -4.56 31.02 -14.16
CA LEU C 445 -4.30 29.62 -14.46
C LEU C 445 -5.59 28.99 -14.97
N ASN C 446 -5.55 28.52 -16.21
CA ASN C 446 -6.71 27.92 -16.86
C ASN C 446 -6.70 26.40 -16.91
N ASN C 447 -5.55 25.76 -16.66
CA ASN C 447 -5.46 24.30 -16.72
C ASN C 447 -5.98 23.65 -15.43
N SER C 448 -7.31 23.66 -15.29
CA SER C 448 -7.96 23.01 -14.15
C SER C 448 -7.94 21.50 -14.37
N VAL C 449 -7.50 20.75 -13.36
CA VAL C 449 -7.41 19.31 -13.47
C VAL C 449 -8.00 18.65 -12.22
N ALA C 450 -8.46 17.42 -12.40
CA ALA C 450 -9.04 16.62 -11.32
C ALA C 450 -8.17 15.39 -11.08
N LEU C 451 -7.98 15.06 -9.81
CA LEU C 451 -7.13 13.93 -9.41
C LEU C 451 -7.89 12.62 -9.23
N ASN C 452 -9.21 12.60 -9.42
CA ASN C 452 -9.92 11.34 -9.24
C ASN C 452 -10.68 10.96 -10.50
N PRO C 453 -10.76 9.66 -10.81
CA PRO C 453 -11.44 9.24 -12.04
C PRO C 453 -12.93 9.56 -12.10
N ILE C 454 -13.62 9.67 -10.96
CA ILE C 454 -15.05 9.94 -11.00
C ILE C 454 -15.32 11.36 -11.49
N ASP C 455 -14.55 12.33 -11.02
CA ASP C 455 -14.73 13.71 -11.48
C ASP C 455 -14.51 13.83 -12.97
N ILE C 456 -13.46 13.18 -13.48
CA ILE C 456 -13.19 13.22 -14.92
C ILE C 456 -14.32 12.56 -15.70
N SER C 457 -14.86 11.45 -15.19
CA SER C 457 -15.96 10.78 -15.86
C SER C 457 -17.21 11.65 -15.91
N ILE C 458 -17.51 12.36 -14.82
CA ILE C 458 -18.68 13.22 -14.80
C ILE C 458 -18.50 14.37 -15.79
N GLU C 459 -17.30 14.94 -15.84
CA GLU C 459 -17.03 15.99 -16.82
C GLU C 459 -17.05 15.46 -18.24
N LEU C 460 -16.56 14.23 -18.44
CA LEU C 460 -16.58 13.62 -19.75
C LEU C 460 -18.00 13.33 -20.22
N ASN C 461 -18.90 12.97 -19.30
CA ASN C 461 -20.29 12.77 -19.67
C ASN C 461 -20.93 14.08 -20.13
N LYS C 462 -20.57 15.20 -19.48
CA LYS C 462 -21.06 16.49 -19.91
C LYS C 462 -20.57 16.83 -21.32
N ALA C 463 -19.28 16.55 -21.59
CA ALA C 463 -18.73 16.80 -22.91
C ALA C 463 -19.41 15.94 -23.98
N LYS C 464 -19.70 14.68 -23.65
CA LYS C 464 -20.40 13.82 -24.59
C LYS C 464 -21.80 14.33 -24.88
N SER C 465 -22.50 14.82 -23.86
CA SER C 465 -23.82 15.38 -24.07
C SER C 465 -23.77 16.61 -24.97
N ASP C 466 -22.75 17.46 -24.78
CA ASP C 466 -22.58 18.62 -25.64
C ASP C 466 -22.23 18.20 -27.07
N LEU C 467 -21.48 17.12 -27.22
CA LEU C 467 -21.19 16.60 -28.55
C LEU C 467 -22.46 16.13 -29.24
N GLU C 468 -23.35 15.46 -28.51
CA GLU C 468 -24.61 15.01 -29.10
C GLU C 468 -25.45 16.21 -29.54
N GLU C 469 -25.49 17.26 -28.72
CA GLU C 469 -26.23 18.46 -29.10
C GLU C 469 -25.62 19.12 -30.33
N SER C 470 -24.29 19.13 -30.43
CA SER C 470 -23.62 19.68 -31.59
C SER C 470 -23.96 18.88 -32.84
N LYS C 471 -23.93 17.55 -32.74
CA LYS C 471 -24.27 16.71 -33.87
C LYS C 471 -25.72 16.89 -34.28
N GLU C 472 -26.62 17.04 -33.31
CA GLU C 472 -28.03 17.29 -33.62
C GLU C 472 -28.20 18.63 -34.31
N TRP C 473 -27.52 19.67 -33.83
CA TRP C 473 -27.59 20.97 -34.50
C TRP C 473 -27.02 20.89 -35.90
N ILE C 474 -25.99 20.08 -36.12
CA ILE C 474 -25.47 19.88 -37.47
C ILE C 474 -26.50 19.18 -38.34
N ARG C 475 -27.14 18.14 -37.82
CA ARG C 475 -28.19 17.45 -38.56
C ARG C 475 -29.33 18.41 -38.91
N ARG C 476 -29.74 19.24 -37.94
CA ARG C 476 -30.78 20.23 -38.22
C ARG C 476 -30.35 21.21 -39.30
N SER C 477 -29.10 21.68 -39.23
CA SER C 477 -28.62 22.63 -40.23
C SER C 477 -28.56 21.99 -41.61
N ASN C 478 -28.10 20.74 -41.70
CA ASN C 478 -28.04 20.07 -43.00
C ASN C 478 -29.44 19.80 -43.53
N GLN C 479 -30.39 19.47 -42.66
CA GLN C 479 -31.75 19.19 -43.10
C GLN C 479 -32.48 20.46 -43.52
N LYS C 480 -32.37 21.53 -42.73
CA LYS C 480 -33.06 22.77 -43.09
C LYS C 480 -32.39 23.49 -44.25
N LEU C 481 -31.05 23.49 -44.29
CA LEU C 481 -30.34 24.20 -45.35
C LEU C 481 -30.11 23.29 -46.55
N GLU D 1 -28.88 -21.13 -14.71
CA GLU D 1 -30.03 -20.27 -14.99
C GLU D 1 -30.22 -20.06 -16.49
N VAL D 2 -29.12 -19.85 -17.21
CA VAL D 2 -29.18 -19.68 -18.66
C VAL D 2 -29.18 -21.05 -19.32
N GLN D 3 -30.17 -21.29 -20.17
CA GLN D 3 -30.31 -22.56 -20.88
C GLN D 3 -29.66 -22.45 -22.25
N LEU D 4 -28.79 -23.41 -22.56
CA LEU D 4 -28.10 -23.47 -23.84
C LEU D 4 -28.55 -24.69 -24.61
N VAL D 5 -29.00 -24.48 -25.85
CA VAL D 5 -29.44 -25.56 -26.73
C VAL D 5 -28.67 -25.45 -28.04
N GLU D 6 -28.22 -26.58 -28.56
CA GLU D 6 -27.47 -26.62 -29.81
C GLU D 6 -28.03 -27.71 -30.71
N SER D 7 -28.02 -27.45 -32.02
CA SER D 7 -28.58 -28.37 -32.99
C SER D 7 -27.85 -28.23 -34.31
N GLY D 8 -28.02 -29.24 -35.16
CA GLY D 8 -27.39 -29.28 -36.47
C GLY D 8 -26.33 -30.33 -36.66
N GLY D 9 -26.04 -31.14 -35.65
CA GLY D 9 -25.06 -32.19 -35.78
C GLY D 9 -25.64 -33.44 -36.43
N GLY D 10 -24.89 -34.53 -36.34
CA GLY D 10 -25.29 -35.80 -36.88
C GLY D 10 -24.27 -36.35 -37.85
N LEU D 11 -24.69 -37.40 -38.57
CA LEU D 11 -23.85 -38.02 -39.59
C LEU D 11 -23.76 -37.12 -40.82
N VAL D 12 -22.56 -37.09 -41.41
CA VAL D 12 -22.30 -36.30 -42.61
C VAL D 12 -21.22 -37.01 -43.43
N GLN D 13 -21.34 -36.94 -44.75
CA GLN D 13 -20.37 -37.57 -45.61
C GLN D 13 -19.11 -36.72 -45.73
N THR D 14 -18.00 -37.37 -46.09
CA THR D 14 -16.73 -36.68 -46.23
C THR D 14 -16.79 -35.68 -47.38
N GLY D 15 -16.30 -34.48 -47.14
CA GLY D 15 -16.33 -33.43 -48.13
C GLY D 15 -17.58 -32.60 -48.17
N ASP D 16 -18.59 -32.92 -47.37
CA ASP D 16 -19.83 -32.16 -47.32
C ASP D 16 -19.67 -30.97 -46.37
N SER D 17 -20.79 -30.30 -46.07
CA SER D 17 -20.79 -29.13 -45.23
C SER D 17 -21.91 -29.24 -44.20
N LEU D 18 -21.72 -28.55 -43.06
CA LEU D 18 -22.71 -28.51 -42.00
C LEU D 18 -22.72 -27.10 -41.40
N ARG D 19 -23.83 -26.77 -40.75
CA ARG D 19 -24.00 -25.48 -40.07
C ARG D 19 -24.54 -25.73 -38.67
N LEU D 20 -23.64 -25.81 -37.69
CA LEU D 20 -24.06 -25.96 -36.31
C LEU D 20 -24.62 -24.65 -35.79
N SER D 21 -25.58 -24.76 -34.87
CA SER D 21 -26.22 -23.58 -34.29
C SER D 21 -26.39 -23.78 -32.80
N CYS D 22 -26.41 -22.68 -32.06
CA CYS D 22 -26.54 -22.70 -30.62
C CYS D 22 -27.21 -21.41 -30.17
N ALA D 23 -28.31 -21.54 -29.43
CA ALA D 23 -29.08 -20.40 -28.97
C ALA D 23 -29.13 -20.35 -27.45
N ALA D 24 -29.25 -19.15 -26.91
CA ALA D 24 -29.28 -18.92 -25.48
C ALA D 24 -30.56 -18.18 -25.12
N SER D 25 -31.15 -18.55 -23.98
CA SER D 25 -32.37 -17.91 -23.51
C SER D 25 -32.34 -17.80 -22.00
N GLY D 26 -33.01 -16.77 -21.48
CA GLY D 26 -33.03 -16.51 -20.06
C GLY D 26 -32.62 -15.09 -19.71
N SER D 27 -31.71 -14.95 -18.75
CA SER D 27 -31.25 -13.63 -18.33
C SER D 27 -30.14 -13.07 -19.23
N ILE D 28 -29.74 -13.80 -20.25
CA ILE D 28 -28.72 -13.31 -21.17
C ILE D 28 -29.28 -12.17 -22.01
N PHE D 29 -28.55 -11.06 -22.06
CA PHE D 29 -28.97 -9.90 -22.83
C PHE D 29 -27.73 -9.17 -23.33
N GLY D 30 -27.87 -8.50 -24.46
CA GLY D 30 -26.78 -7.74 -25.03
C GLY D 30 -25.71 -8.61 -25.66
N GLU D 31 -24.60 -7.96 -25.99
CA GLU D 31 -23.46 -8.64 -26.58
C GLU D 31 -22.74 -9.48 -25.55
N ASN D 32 -22.49 -10.75 -25.88
CA ASN D 32 -21.80 -11.68 -25.00
C ASN D 32 -20.83 -12.51 -25.82
N ALA D 33 -19.81 -13.03 -25.13
CA ALA D 33 -18.80 -13.85 -25.78
C ALA D 33 -19.31 -15.28 -25.97
N MET D 34 -19.16 -15.80 -27.18
CA MET D 34 -19.60 -17.14 -27.54
C MET D 34 -18.45 -17.89 -28.19
N ALA D 35 -18.38 -19.19 -27.92
CA ALA D 35 -17.29 -20.00 -28.45
C ALA D 35 -17.78 -21.42 -28.71
N TRP D 36 -17.06 -22.10 -29.59
CA TRP D 36 -17.32 -23.49 -29.93
C TRP D 36 -16.08 -24.31 -29.66
N PHE D 37 -16.24 -25.36 -28.85
CA PHE D 37 -15.15 -26.27 -28.52
C PHE D 37 -15.40 -27.64 -29.17
N ARG D 38 -14.35 -28.45 -29.17
CA ARG D 38 -14.39 -29.78 -29.76
C ARG D 38 -13.58 -30.74 -28.90
N GLN D 39 -14.02 -31.99 -28.85
CA GLN D 39 -13.32 -33.00 -28.06
C GLN D 39 -13.49 -34.35 -28.73
N ALA D 40 -12.42 -34.84 -29.34
CA ALA D 40 -12.44 -36.15 -29.98
C ALA D 40 -12.47 -37.24 -28.92
N PRO D 41 -13.05 -38.42 -29.22
CA PRO D 41 -13.05 -39.49 -28.24
C PRO D 41 -11.64 -39.92 -27.89
N GLY D 42 -11.35 -39.93 -26.58
CA GLY D 42 -10.02 -40.27 -26.13
C GLY D 42 -8.99 -39.18 -26.33
N LYS D 43 -9.43 -37.93 -26.48
CA LYS D 43 -8.53 -36.79 -26.67
C LYS D 43 -9.02 -35.63 -25.83
N GLN D 44 -8.10 -34.73 -25.51
CA GLN D 44 -8.43 -33.56 -24.71
C GLN D 44 -9.27 -32.58 -25.53
N ARG D 45 -10.08 -31.79 -24.83
CA ARG D 45 -10.94 -30.80 -25.47
C ARG D 45 -10.12 -29.63 -25.99
N GLU D 46 -10.49 -29.14 -27.19
CA GLU D 46 -9.80 -28.05 -27.85
C GLU D 46 -10.82 -27.04 -28.37
N LEU D 47 -10.35 -25.82 -28.60
CA LEU D 47 -11.19 -24.75 -29.11
C LEU D 47 -11.19 -24.74 -30.63
N VAL D 48 -12.38 -24.51 -31.21
CA VAL D 48 -12.53 -24.42 -32.66
C VAL D 48 -12.47 -22.95 -33.07
N ALA D 49 -13.36 -22.14 -32.52
CA ALA D 49 -13.42 -20.74 -32.86
C ALA D 49 -14.14 -20.00 -31.73
N ARG D 50 -13.94 -18.69 -31.68
CA ARG D 50 -14.55 -17.87 -30.64
C ARG D 50 -14.92 -16.51 -31.21
N VAL D 51 -16.01 -15.95 -30.70
CA VAL D 51 -16.42 -14.58 -30.98
C VAL D 51 -16.35 -13.80 -29.68
N SER D 52 -15.45 -12.81 -29.64
CA SER D 52 -15.30 -11.99 -28.44
C SER D 52 -16.49 -11.06 -28.27
N THR D 53 -16.48 -10.30 -27.18
CA THR D 53 -17.58 -9.39 -26.88
C THR D 53 -17.76 -8.36 -27.99
N GLY D 54 -16.67 -7.78 -28.48
CA GLY D 54 -16.72 -6.78 -29.52
C GLY D 54 -16.80 -7.29 -30.93
N GLY D 55 -17.02 -8.58 -31.15
CA GLY D 55 -17.13 -9.12 -32.48
C GLY D 55 -15.83 -9.57 -33.13
N THR D 56 -14.70 -9.43 -32.45
CA THR D 56 -13.45 -9.91 -32.99
C THR D 56 -13.46 -11.43 -33.07
N LEU D 57 -13.33 -11.96 -34.28
CA LEU D 57 -13.34 -13.40 -34.51
C LEU D 57 -11.97 -14.00 -34.23
N PHE D 58 -11.98 -15.27 -33.81
CA PHE D 58 -10.77 -16.02 -33.56
C PHE D 58 -10.96 -17.42 -34.11
N TYR D 59 -9.92 -17.99 -34.68
CA TYR D 59 -9.98 -19.33 -35.25
C TYR D 59 -8.73 -20.11 -34.87
N ALA D 60 -8.91 -21.41 -34.67
CA ALA D 60 -7.79 -22.30 -34.40
C ALA D 60 -7.09 -22.65 -35.71
N ASP D 61 -5.94 -23.32 -35.58
CA ASP D 61 -5.15 -23.66 -36.76
C ASP D 61 -5.94 -24.52 -37.74
N PHE D 62 -6.74 -25.46 -37.24
CA PHE D 62 -7.55 -26.30 -38.12
C PHE D 62 -8.78 -25.60 -38.67
N ALA D 63 -9.14 -24.43 -38.13
CA ALA D 63 -10.34 -23.73 -38.53
C ALA D 63 -10.05 -22.40 -39.22
N LYS D 64 -8.80 -22.17 -39.64
CA LYS D 64 -8.41 -20.88 -40.20
C LYS D 64 -9.23 -20.52 -41.43
N VAL D 65 -9.49 -21.48 -42.32
CA VAL D 65 -10.26 -21.18 -43.52
C VAL D 65 -11.42 -22.14 -43.75
N ARG D 66 -11.30 -23.36 -43.20
CA ARG D 66 -12.37 -24.34 -43.41
C ARG D 66 -13.64 -23.99 -42.65
N PHE D 67 -13.53 -23.35 -41.50
CA PHE D 67 -14.68 -23.05 -40.66
C PHE D 67 -14.88 -21.55 -40.55
N THR D 68 -16.14 -21.14 -40.32
CA THR D 68 -16.51 -19.76 -40.12
C THR D 68 -17.50 -19.67 -38.97
N ILE D 69 -17.37 -18.62 -38.16
CA ILE D 69 -18.20 -18.42 -36.98
C ILE D 69 -18.89 -17.06 -37.09
N SER D 70 -20.14 -17.00 -36.64
CA SER D 70 -20.91 -15.76 -36.66
C SER D 70 -21.81 -15.70 -35.45
N ARG D 71 -22.20 -14.47 -35.09
CA ARG D 71 -23.03 -14.20 -33.92
C ARG D 71 -24.22 -13.34 -34.32
N ASP D 72 -25.38 -13.65 -33.74
CA ASP D 72 -26.61 -12.89 -33.97
C ASP D 72 -27.10 -12.41 -32.60
N THR D 73 -26.75 -11.16 -32.27
CA THR D 73 -27.03 -10.63 -30.94
C THR D 73 -28.52 -10.56 -30.66
N ALA D 74 -29.32 -10.17 -31.66
CA ALA D 74 -30.77 -10.07 -31.47
C ALA D 74 -31.39 -11.41 -31.09
N LYS D 75 -30.81 -12.52 -31.55
CA LYS D 75 -31.31 -13.84 -31.23
C LYS D 75 -30.41 -14.60 -30.27
N GLN D 76 -29.31 -13.99 -29.82
CA GLN D 76 -28.34 -14.64 -28.94
C GLN D 76 -27.97 -16.03 -29.47
N THR D 77 -27.71 -16.10 -30.77
CA THR D 77 -27.40 -17.34 -31.46
C THR D 77 -26.01 -17.25 -32.06
N VAL D 78 -25.24 -18.34 -31.92
CA VAL D 78 -23.91 -18.45 -32.50
C VAL D 78 -23.94 -19.57 -33.53
N TYR D 79 -23.43 -19.30 -34.72
CA TYR D 79 -23.40 -20.26 -35.80
C TYR D 79 -21.96 -20.62 -36.14
N LEU D 80 -21.77 -21.87 -36.53
CA LEU D 80 -20.46 -22.40 -36.94
C LEU D 80 -20.70 -23.20 -38.22
N GLN D 81 -20.40 -22.60 -39.36
CA GLN D 81 -20.59 -23.26 -40.65
C GLN D 81 -19.29 -23.93 -41.06
N MET D 82 -19.29 -25.26 -41.06
CA MET D 82 -18.15 -26.08 -41.42
C MET D 82 -18.23 -26.34 -42.93
N SER D 83 -17.47 -25.55 -43.68
CA SER D 83 -17.54 -25.60 -45.15
C SER D 83 -16.91 -26.86 -45.74
N SER D 84 -15.78 -27.31 -45.21
CA SER D 84 -15.11 -28.50 -45.75
C SER D 84 -14.69 -29.42 -44.62
N LEU D 85 -15.34 -30.57 -44.54
CA LEU D 85 -15.08 -31.56 -43.51
C LEU D 85 -14.10 -32.63 -43.97
N ARG D 86 -13.37 -33.17 -43.02
CA ARG D 86 -12.37 -34.22 -43.19
C ARG D 86 -12.65 -35.31 -42.17
N PRO D 87 -12.23 -36.55 -42.44
CA PRO D 87 -12.57 -37.64 -41.52
C PRO D 87 -12.11 -37.42 -40.09
N GLU D 88 -11.01 -36.70 -39.87
CA GLU D 88 -10.53 -36.49 -38.51
C GLU D 88 -11.37 -35.48 -37.73
N ASP D 89 -12.27 -34.76 -38.39
CA ASP D 89 -13.15 -33.83 -37.68
C ASP D 89 -14.22 -34.53 -36.84
N THR D 90 -14.36 -35.84 -36.97
CA THR D 90 -15.35 -36.60 -36.22
C THR D 90 -15.12 -36.47 -34.72
N ALA D 91 -16.01 -35.77 -34.02
CA ALA D 91 -15.85 -35.52 -32.59
C ALA D 91 -17.14 -34.90 -32.06
N VAL D 92 -17.15 -34.62 -30.76
CA VAL D 92 -18.25 -33.93 -30.09
C VAL D 92 -17.94 -32.45 -30.02
N TYR D 93 -18.89 -31.63 -30.47
CA TYR D 93 -18.76 -30.18 -30.50
C TYR D 93 -19.61 -29.59 -29.37
N TYR D 94 -19.00 -28.73 -28.56
CA TYR D 94 -19.66 -28.14 -27.40
C TYR D 94 -19.78 -26.63 -27.57
N CYS D 95 -20.97 -26.11 -27.31
CA CYS D 95 -21.22 -24.67 -27.33
C CYS D 95 -20.91 -24.07 -25.97
N ALA D 96 -20.27 -22.90 -25.98
CA ALA D 96 -19.94 -22.20 -24.76
C ALA D 96 -20.32 -20.73 -24.87
N VAL D 97 -20.92 -20.19 -23.80
CA VAL D 97 -21.34 -18.80 -23.73
C VAL D 97 -20.86 -18.24 -22.39
N ALA D 98 -20.32 -17.04 -22.41
CA ALA D 98 -19.82 -16.38 -21.21
C ALA D 98 -20.60 -15.09 -20.96
N VAL D 99 -21.21 -15.00 -19.78
CA VAL D 99 -21.96 -13.83 -19.36
C VAL D 99 -21.20 -13.26 -18.17
N GLY D 100 -20.42 -12.22 -18.39
CA GLY D 100 -19.55 -11.73 -17.32
C GLY D 100 -18.46 -12.75 -17.06
N THR D 101 -18.26 -13.06 -15.78
CA THR D 101 -17.26 -14.06 -15.40
C THR D 101 -17.81 -15.48 -15.37
N ARG D 102 -19.12 -15.66 -15.58
CA ARG D 102 -19.75 -16.97 -15.55
C ARG D 102 -19.71 -17.60 -16.94
N ASN D 103 -19.30 -18.86 -16.99
CA ASN D 103 -19.23 -19.62 -18.24
C ASN D 103 -20.24 -20.76 -18.19
N TYR D 104 -21.09 -20.82 -19.20
CA TYR D 104 -22.12 -21.85 -19.32
C TYR D 104 -21.80 -22.78 -20.50
N TRP D 105 -21.91 -24.08 -20.26
CA TRP D 105 -21.65 -25.09 -21.27
C TRP D 105 -22.96 -25.78 -21.65
N GLY D 106 -23.09 -26.12 -22.94
CA GLY D 106 -24.24 -26.83 -23.43
C GLY D 106 -23.98 -28.32 -23.62
N GLN D 107 -25.06 -29.06 -23.86
CA GLN D 107 -24.94 -30.49 -24.13
C GLN D 107 -24.42 -30.67 -25.55
N GLY D 108 -23.16 -31.05 -25.67
CA GLY D 108 -22.50 -31.13 -26.95
C GLY D 108 -23.08 -32.08 -28.00
N THR D 109 -23.34 -31.54 -29.19
CA THR D 109 -23.80 -32.35 -30.31
C THR D 109 -22.63 -33.15 -30.88
N GLN D 110 -22.95 -34.29 -31.48
CA GLN D 110 -21.94 -35.18 -32.04
C GLN D 110 -21.98 -35.08 -33.56
N VAL D 111 -20.80 -34.97 -34.16
CA VAL D 111 -20.65 -34.90 -35.62
C VAL D 111 -19.72 -36.03 -36.05
N THR D 112 -20.20 -36.87 -36.96
CA THR D 112 -19.42 -37.97 -37.50
C THR D 112 -19.25 -37.77 -38.99
N VAL D 113 -18.01 -37.57 -39.43
CA VAL D 113 -17.70 -37.36 -40.86
C VAL D 113 -17.49 -38.75 -41.46
N SER D 114 -18.58 -39.37 -41.90
CA SER D 114 -18.50 -40.70 -42.46
C SER D 114 -17.84 -40.68 -43.83
N SER D 115 -17.43 -41.86 -44.30
CA SER D 115 -16.80 -41.99 -45.60
C SER D 115 -17.19 -43.30 -46.26
N GLU E 1 -15.07 33.85 11.19
CA GLU E 1 -14.81 34.86 10.18
C GLU E 1 -16.08 35.23 9.42
N VAL E 2 -16.89 34.23 9.07
CA VAL E 2 -18.14 34.47 8.38
C VAL E 2 -19.23 34.80 9.41
N GLN E 3 -19.90 35.93 9.21
CA GLN E 3 -20.95 36.37 10.13
C GLN E 3 -22.30 35.93 9.60
N LEU E 4 -23.08 35.28 10.45
CA LEU E 4 -24.41 34.81 10.10
C LEU E 4 -25.46 35.57 10.92
N VAL E 5 -26.44 36.15 10.23
CA VAL E 5 -27.52 36.88 10.86
C VAL E 5 -28.84 36.30 10.35
N GLU E 6 -29.79 36.12 11.26
CA GLU E 6 -31.10 35.58 10.92
C GLU E 6 -32.19 36.44 11.54
N SER E 7 -33.31 36.57 10.83
CA SER E 7 -34.40 37.42 11.27
C SER E 7 -35.71 36.87 10.73
N GLY E 8 -36.81 37.32 11.35
CA GLY E 8 -38.15 36.91 10.96
C GLY E 8 -38.89 36.08 11.98
N GLY E 9 -38.30 35.78 13.13
CA GLY E 9 -38.96 35.02 14.16
C GLY E 9 -39.87 35.88 15.01
N GLY E 10 -40.29 35.32 16.13
CA GLY E 10 -41.15 36.00 17.07
C GLY E 10 -42.44 35.25 17.34
N LEU E 11 -43.37 35.94 18.00
CA LEU E 11 -44.68 35.37 18.28
C LEU E 11 -45.53 35.29 17.01
N VAL E 12 -46.29 34.21 16.90
CA VAL E 12 -47.18 34.01 15.76
C VAL E 12 -48.37 33.19 16.23
N GLN E 13 -49.55 33.48 15.66
CA GLN E 13 -50.75 32.76 16.03
C GLN E 13 -50.80 31.41 15.34
N THR E 14 -51.57 30.50 15.92
CA THR E 14 -51.71 29.16 15.37
C THR E 14 -52.42 29.22 14.02
N GLY E 15 -51.89 28.50 13.04
CA GLY E 15 -52.44 28.49 11.70
C GLY E 15 -51.95 29.60 10.79
N ASP E 16 -51.13 30.51 11.29
CA ASP E 16 -50.58 31.58 10.46
C ASP E 16 -49.34 31.09 9.73
N SER E 17 -48.62 32.02 9.10
CA SER E 17 -47.43 31.71 8.32
C SER E 17 -46.31 32.67 8.68
N LEU E 18 -45.08 32.21 8.48
CA LEU E 18 -43.89 33.01 8.72
C LEU E 18 -42.86 32.70 7.65
N ARG E 19 -41.92 33.64 7.46
CA ARG E 19 -40.83 33.49 6.49
C ARG E 19 -39.52 33.85 7.18
N LEU E 20 -38.82 32.85 7.70
CA LEU E 20 -37.52 33.08 8.29
C LEU E 20 -36.48 33.33 7.21
N SER E 21 -35.49 34.15 7.54
CA SER E 21 -34.43 34.50 6.61
C SER E 21 -33.10 34.48 7.32
N CYS E 22 -32.04 34.21 6.55
CA CYS E 22 -30.70 34.15 7.10
C CYS E 22 -29.71 34.50 5.99
N ALA E 23 -28.85 35.49 6.27
CA ALA E 23 -27.90 36.00 5.30
C ALA E 23 -26.48 35.81 5.82
N ALA E 24 -25.55 35.64 4.88
CA ALA E 24 -24.15 35.44 5.18
C ALA E 24 -23.30 36.50 4.50
N SER E 25 -22.27 36.97 5.20
CA SER E 25 -21.39 37.99 4.66
C SER E 25 -19.96 37.72 5.11
N GLY E 26 -19.01 38.13 4.27
CA GLY E 26 -17.61 37.90 4.54
C GLY E 26 -16.89 37.22 3.40
N SER E 27 -16.13 36.17 3.71
CA SER E 27 -15.38 35.43 2.70
C SER E 27 -16.23 34.40 1.96
N ILE E 28 -17.51 34.27 2.31
CA ILE E 28 -18.38 33.33 1.62
C ILE E 28 -18.65 33.81 0.21
N PHE E 29 -18.46 32.91 -0.77
CA PHE E 29 -18.70 33.24 -2.16
C PHE E 29 -19.14 31.99 -2.89
N GLY E 30 -19.94 32.18 -3.94
CA GLY E 30 -20.41 31.07 -4.74
C GLY E 30 -21.50 30.26 -4.04
N GLU E 31 -21.81 29.12 -4.67
CA GLU E 31 -22.79 28.20 -4.12
C GLU E 31 -22.27 27.48 -2.89
N ASN E 32 -23.06 27.50 -1.81
CA ASN E 32 -22.69 26.86 -0.56
C ASN E 32 -23.92 26.17 0.01
N ALA E 33 -23.67 25.16 0.85
CA ALA E 33 -24.74 24.41 1.48
C ALA E 33 -25.30 25.16 2.67
N MET E 34 -26.62 25.29 2.73
CA MET E 34 -27.31 26.01 3.79
C MET E 34 -28.38 25.10 4.37
N ALA E 35 -28.60 25.19 5.68
CA ALA E 35 -29.57 24.35 6.35
C ALA E 35 -30.20 25.10 7.51
N TRP E 36 -31.39 24.64 7.91
CA TRP E 36 -32.13 25.18 9.04
C TRP E 36 -32.39 24.06 10.03
N PHE E 37 -31.98 24.27 11.27
CA PHE E 37 -32.19 23.32 12.35
C PHE E 37 -33.20 23.88 13.35
N ARG E 38 -33.69 23.00 14.21
CA ARG E 38 -34.68 23.34 15.22
C ARG E 38 -34.37 22.59 16.51
N GLN E 39 -34.65 23.21 17.64
CA GLN E 39 -34.42 22.58 18.93
C GLN E 39 -35.47 23.08 19.92
N ALA E 40 -36.40 22.20 20.26
CA ALA E 40 -37.42 22.54 21.25
C ALA E 40 -36.81 22.59 22.64
N PRO E 41 -37.38 23.39 23.55
CA PRO E 41 -36.84 23.44 24.91
C PRO E 41 -36.94 22.07 25.58
N GLY E 42 -35.81 21.60 26.09
CA GLY E 42 -35.76 20.29 26.71
C GLY E 42 -35.76 19.14 25.73
N LYS E 43 -35.40 19.39 24.48
CA LYS E 43 -35.37 18.36 23.45
C LYS E 43 -34.09 18.51 22.63
N GLN E 44 -33.68 17.40 22.02
CA GLN E 44 -32.48 17.44 21.18
C GLN E 44 -32.73 18.20 19.89
N ARG E 45 -31.66 18.75 19.33
CA ARG E 45 -31.75 19.53 18.10
C ARG E 45 -31.99 18.61 16.90
N GLU E 46 -32.85 19.06 15.99
CA GLU E 46 -33.23 18.30 14.81
C GLU E 46 -33.16 19.20 13.57
N LEU E 47 -33.04 18.57 12.41
CA LEU E 47 -32.99 19.29 11.14
C LEU E 47 -34.38 19.51 10.57
N VAL E 48 -34.61 20.70 10.04
CA VAL E 48 -35.88 21.04 9.41
C VAL E 48 -35.78 20.81 7.91
N ALA E 49 -34.82 21.47 7.26
CA ALA E 49 -34.62 21.33 5.82
C ALA E 49 -33.21 21.76 5.49
N ARG E 50 -32.75 21.33 4.31
CA ARG E 50 -31.40 21.64 3.87
C ARG E 50 -31.38 21.85 2.37
N VAL E 51 -30.51 22.74 1.92
CA VAL E 51 -30.23 22.97 0.50
C VAL E 51 -28.79 22.57 0.27
N SER E 52 -28.58 21.54 -0.55
CA SER E 52 -27.23 21.08 -0.84
C SER E 52 -26.53 22.06 -1.78
N THR E 53 -25.27 21.76 -2.08
CA THR E 53 -24.47 22.63 -2.94
C THR E 53 -25.11 22.81 -4.30
N GLY E 54 -25.57 21.72 -4.90
CA GLY E 54 -26.17 21.75 -6.22
C GLY E 54 -27.64 22.11 -6.27
N GLY E 55 -28.22 22.57 -5.16
CA GLY E 55 -29.62 22.97 -5.17
C GLY E 55 -30.61 21.88 -4.86
N THR E 56 -30.16 20.64 -4.62
CA THR E 56 -31.08 19.57 -4.24
C THR E 56 -31.66 19.86 -2.86
N LEU E 57 -32.98 20.00 -2.80
CA LEU E 57 -33.68 20.27 -1.56
C LEU E 57 -33.89 19.00 -0.75
N PHE E 58 -33.93 19.16 0.56
CA PHE E 58 -34.20 18.06 1.49
C PHE E 58 -35.13 18.57 2.57
N TYR E 59 -36.06 17.72 2.99
CA TYR E 59 -37.03 18.08 4.01
C TYR E 59 -37.20 16.95 5.00
N ALA E 60 -37.42 17.31 6.26
CA ALA E 60 -37.69 16.33 7.30
C ALA E 60 -39.14 15.89 7.22
N ASP E 61 -39.48 14.86 8.01
CA ASP E 61 -40.83 14.32 7.97
C ASP E 61 -41.87 15.38 8.33
N PHE E 62 -41.58 16.24 9.30
CA PHE E 62 -42.52 17.29 9.67
C PHE E 62 -42.54 18.46 8.70
N ALA E 63 -41.58 18.54 7.77
CA ALA E 63 -41.47 19.65 6.84
C ALA E 63 -41.71 19.24 5.40
N LYS E 64 -42.26 18.05 5.17
CA LYS E 64 -42.42 17.54 3.81
C LYS E 64 -43.27 18.46 2.94
N VAL E 65 -44.36 19.00 3.48
CA VAL E 65 -45.22 19.87 2.67
C VAL E 65 -45.53 21.19 3.37
N ARG E 66 -45.46 21.21 4.70
CA ARG E 66 -45.77 22.44 5.43
C ARG E 66 -44.71 23.51 5.25
N PHE E 67 -43.45 23.13 5.10
CA PHE E 67 -42.36 24.09 4.99
C PHE E 67 -41.70 24.01 3.63
N THR E 68 -41.12 25.13 3.21
CA THR E 68 -40.38 25.24 1.95
C THR E 68 -39.11 26.03 2.19
N ILE E 69 -38.03 25.61 1.52
CA ILE E 69 -36.71 26.21 1.68
C ILE E 69 -36.21 26.66 0.32
N SER E 70 -35.54 27.81 0.29
CA SER E 70 -34.99 28.35 -0.94
C SER E 70 -33.68 29.05 -0.65
N ARG E 71 -32.85 29.18 -1.69
CA ARG E 71 -31.53 29.78 -1.60
C ARG E 71 -31.36 30.84 -2.67
N ASP E 72 -30.70 31.95 -2.30
CA ASP E 72 -30.42 33.06 -3.21
C ASP E 72 -28.90 33.25 -3.21
N THR E 73 -28.24 32.66 -4.20
CA THR E 73 -26.79 32.64 -4.25
C THR E 73 -26.21 34.06 -4.36
N ALA E 74 -26.85 34.91 -5.16
CA ALA E 74 -26.35 36.27 -5.33
C ALA E 74 -26.33 37.05 -4.03
N LYS E 75 -27.25 36.73 -3.11
CA LYS E 75 -27.31 37.40 -1.82
C LYS E 75 -26.86 36.51 -0.67
N GLN E 76 -26.46 35.27 -0.96
CA GLN E 76 -26.06 34.30 0.07
C GLN E 76 -27.09 34.24 1.19
N THR E 77 -28.35 34.20 0.81
CA THR E 77 -29.47 34.21 1.75
C THR E 77 -30.27 32.93 1.59
N VAL E 78 -30.66 32.33 2.72
CA VAL E 78 -31.49 31.14 2.76
C VAL E 78 -32.81 31.50 3.42
N TYR E 79 -33.91 31.13 2.77
CA TYR E 79 -35.25 31.42 3.28
C TYR E 79 -35.96 30.12 3.63
N LEU E 80 -36.78 30.19 4.68
CA LEU E 80 -37.59 29.07 5.15
C LEU E 80 -38.99 29.63 5.40
N GLN E 81 -39.90 29.41 4.46
CA GLN E 81 -41.27 29.88 4.58
C GLN E 81 -42.13 28.77 5.18
N MET E 82 -42.58 29.00 6.42
CA MET E 82 -43.42 28.07 7.17
C MET E 82 -44.87 28.42 6.85
N SER E 83 -45.46 27.65 5.92
CA SER E 83 -46.79 27.94 5.42
C SER E 83 -47.89 27.64 6.44
N SER E 84 -47.79 26.52 7.16
CA SER E 84 -48.81 26.14 8.14
C SER E 84 -48.17 25.72 9.45
N LEU E 85 -48.36 26.54 10.48
CA LEU E 85 -47.79 26.29 11.79
C LEU E 85 -48.78 25.58 12.72
N ARG E 86 -48.23 24.83 13.65
CA ARG E 86 -48.94 24.06 14.66
C ARG E 86 -48.32 24.37 16.00
N PRO E 87 -49.06 24.19 17.10
CA PRO E 87 -48.52 24.58 18.41
C PRO E 87 -47.22 23.89 18.78
N GLU E 88 -46.99 22.65 18.30
CA GLU E 88 -45.76 21.96 18.64
C GLU E 88 -44.54 22.49 17.91
N ASP E 89 -44.72 23.36 16.92
CA ASP E 89 -43.58 23.95 16.22
C ASP E 89 -42.85 24.99 17.05
N THR E 90 -43.38 25.36 18.22
CA THR E 90 -42.75 26.34 19.09
C THR E 90 -41.37 25.88 19.54
N ALA E 91 -40.32 26.53 19.05
CA ALA E 91 -38.95 26.13 19.35
C ALA E 91 -38.00 27.20 18.84
N VAL E 92 -36.71 26.98 19.05
CA VAL E 92 -35.65 27.84 18.54
C VAL E 92 -35.14 27.28 17.23
N TYR E 93 -35.08 28.14 16.21
CA TYR E 93 -34.64 27.78 14.86
C TYR E 93 -33.24 28.35 14.65
N TYR E 94 -32.32 27.49 14.21
CA TYR E 94 -30.92 27.87 14.02
C TYR E 94 -30.53 27.75 12.56
N CYS E 95 -29.89 28.78 12.03
CA CYS E 95 -29.38 28.80 10.68
C CYS E 95 -27.98 28.20 10.65
N ALA E 96 -27.71 27.39 9.63
CA ALA E 96 -26.41 26.76 9.45
C ALA E 96 -25.94 26.91 8.01
N VAL E 97 -24.67 27.24 7.84
CA VAL E 97 -24.04 27.41 6.54
C VAL E 97 -22.71 26.66 6.56
N ALA E 98 -22.43 25.93 5.49
CA ALA E 98 -21.20 25.17 5.37
C ALA E 98 -20.38 25.68 4.20
N VAL E 99 -19.14 26.08 4.47
CA VAL E 99 -18.21 26.56 3.46
C VAL E 99 -17.06 25.55 3.46
N GLY E 100 -17.07 24.65 2.49
CA GLY E 100 -16.09 23.57 2.51
C GLY E 100 -16.41 22.63 3.67
N THR E 101 -15.38 22.29 4.44
CA THR E 101 -15.55 21.44 5.61
C THR E 101 -15.91 22.22 6.87
N ARG E 102 -15.90 23.55 6.82
CA ARG E 102 -16.20 24.37 7.99
C ARG E 102 -17.70 24.64 8.07
N ASN E 103 -18.26 24.47 9.25
CA ASN E 103 -19.67 24.70 9.52
C ASN E 103 -19.82 25.87 10.48
N TYR E 104 -20.61 26.86 10.09
CA TYR E 104 -20.87 28.05 10.89
C TYR E 104 -22.32 28.06 11.35
N TRP E 105 -22.53 28.34 12.63
CA TRP E 105 -23.86 28.41 13.23
C TRP E 105 -24.19 29.85 13.59
N GLY E 106 -25.46 30.22 13.41
CA GLY E 106 -25.93 31.54 13.78
C GLY E 106 -26.66 31.56 15.11
N GLN E 107 -26.92 32.77 15.60
CA GLN E 107 -27.68 32.95 16.83
C GLN E 107 -29.15 32.66 16.54
N GLY E 108 -29.64 31.50 16.98
CA GLY E 108 -30.99 31.07 16.65
C GLY E 108 -32.14 31.94 17.08
N THR E 109 -33.00 32.28 16.13
CA THR E 109 -34.22 33.02 16.42
C THR E 109 -35.25 32.10 17.08
N GLN E 110 -36.13 32.69 17.89
CA GLN E 110 -37.14 31.93 18.61
C GLN E 110 -38.50 32.17 17.96
N VAL E 111 -39.25 31.09 17.76
CA VAL E 111 -40.59 31.15 17.18
C VAL E 111 -41.55 30.49 18.16
N THR E 112 -42.58 31.22 18.55
CA THR E 112 -43.61 30.72 19.47
C THR E 112 -44.95 30.75 18.75
N VAL E 113 -45.53 29.57 18.53
CA VAL E 113 -46.82 29.44 17.85
C VAL E 113 -47.89 29.54 18.94
N SER E 114 -48.29 30.78 19.24
CA SER E 114 -49.28 31.01 20.28
C SER E 114 -50.66 30.56 19.82
N SER E 115 -51.56 30.42 20.79
CA SER E 115 -52.94 30.01 20.52
C SER E 115 -53.92 30.71 21.45
N GLU F 1 24.75 7.39 -28.82
CA GLU F 1 24.10 7.10 -30.11
C GLU F 1 23.79 8.40 -30.86
N VAL F 2 23.29 9.40 -30.15
CA VAL F 2 22.98 10.69 -30.76
C VAL F 2 24.25 11.53 -30.79
N GLN F 3 24.59 12.03 -31.98
CA GLN F 3 25.78 12.84 -32.17
C GLN F 3 25.40 14.32 -32.09
N LEU F 4 26.13 15.06 -31.26
CA LEU F 4 25.91 16.49 -31.09
C LEU F 4 27.12 17.26 -31.60
N VAL F 5 26.87 18.22 -32.49
CA VAL F 5 27.91 19.07 -33.06
C VAL F 5 27.51 20.52 -32.85
N GLU F 6 28.48 21.34 -32.46
CA GLU F 6 28.25 22.76 -32.21
C GLU F 6 29.32 23.59 -32.90
N SER F 7 28.92 24.75 -33.39
CA SER F 7 29.83 25.62 -34.13
C SER F 7 29.41 27.07 -33.96
N GLY F 8 30.34 27.97 -34.26
CA GLY F 8 30.12 29.40 -34.17
C GLY F 8 30.92 30.12 -33.10
N GLY F 9 31.76 29.41 -32.35
CA GLY F 9 32.58 30.04 -31.34
C GLY F 9 33.83 30.65 -31.93
N GLY F 10 34.76 31.00 -31.04
CA GLY F 10 36.03 31.59 -31.42
C GLY F 10 36.26 32.93 -30.76
N LEU F 11 37.29 33.62 -31.24
CA LEU F 11 37.61 34.95 -30.76
C LEU F 11 36.59 35.97 -31.24
N VAL F 12 36.27 36.92 -30.37
CA VAL F 12 35.33 37.99 -30.68
C VAL F 12 35.71 39.22 -29.88
N GLN F 13 35.53 40.39 -30.48
CA GLN F 13 35.87 41.64 -29.80
C GLN F 13 34.77 42.02 -28.81
N THR F 14 35.16 42.83 -27.83
CA THR F 14 34.22 43.29 -26.81
C THR F 14 33.13 44.16 -27.43
N GLY F 15 31.88 43.90 -27.06
CA GLY F 15 30.76 44.64 -27.60
C GLY F 15 30.20 44.11 -28.90
N ASP F 16 30.80 43.08 -29.49
CA ASP F 16 30.30 42.49 -30.71
C ASP F 16 29.22 41.46 -30.40
N SER F 17 28.81 40.70 -31.42
CA SER F 17 27.76 39.71 -31.28
C SER F 17 28.19 38.41 -31.92
N LEU F 18 27.60 37.31 -31.44
CA LEU F 18 27.86 35.99 -31.97
C LEU F 18 26.57 35.18 -31.97
N ARG F 19 26.53 34.15 -32.80
CA ARG F 19 25.37 33.25 -32.90
C ARG F 19 25.87 31.81 -32.85
N LEU F 20 25.88 31.22 -31.67
CA LEU F 20 26.24 29.83 -31.52
C LEU F 20 25.13 28.93 -32.04
N SER F 21 25.52 27.77 -32.58
CA SER F 21 24.56 26.82 -33.13
C SER F 21 24.95 25.43 -32.71
N CYS F 22 23.94 24.55 -32.63
CA CYS F 22 24.16 23.17 -32.23
C CYS F 22 23.07 22.31 -32.87
N ALA F 23 23.49 21.27 -33.59
CA ALA F 23 22.59 20.39 -34.31
C ALA F 23 22.71 18.97 -33.79
N ALA F 24 21.61 18.22 -33.89
CA ALA F 24 21.54 16.85 -33.43
C ALA F 24 21.10 15.95 -34.58
N SER F 25 21.70 14.76 -34.66
CA SER F 25 21.39 13.81 -35.71
C SER F 25 21.42 12.40 -35.14
N GLY F 26 20.60 11.53 -35.72
CA GLY F 26 20.50 10.15 -35.26
C GLY F 26 19.07 9.74 -34.97
N SER F 27 18.85 9.13 -33.81
CA SER F 27 17.53 8.67 -33.42
C SER F 27 16.67 9.78 -32.81
N ILE F 28 17.19 11.00 -32.71
CA ILE F 28 16.41 12.11 -32.17
C ILE F 28 15.33 12.50 -33.16
N PHE F 29 14.09 12.60 -32.67
CA PHE F 29 12.97 12.99 -33.50
C PHE F 29 11.96 13.74 -32.65
N GLY F 30 11.22 14.63 -33.29
CA GLY F 30 10.20 15.40 -32.60
C GLY F 30 10.77 16.49 -31.71
N GLU F 31 9.88 17.07 -30.92
CA GLU F 31 10.26 18.12 -29.98
C GLU F 31 11.05 17.53 -28.81
N ASN F 32 12.20 18.15 -28.53
CA ASN F 32 13.06 17.72 -27.43
C ASN F 32 13.60 18.94 -26.71
N ALA F 33 13.98 18.74 -25.45
CA ALA F 33 14.51 19.83 -24.64
C ALA F 33 15.99 20.06 -24.96
N MET F 34 16.33 21.33 -25.19
CA MET F 34 17.69 21.72 -25.54
C MET F 34 18.13 22.84 -24.60
N ALA F 35 19.41 22.85 -24.24
CA ALA F 35 19.93 23.84 -23.31
C ALA F 35 21.37 24.15 -23.65
N TRP F 36 21.81 25.33 -23.21
CA TRP F 36 23.18 25.79 -23.37
C TRP F 36 23.77 26.08 -22.01
N PHE F 37 24.90 25.46 -21.70
CA PHE F 37 25.62 25.68 -20.46
C PHE F 37 26.92 26.42 -20.72
N ARG F 38 27.51 26.92 -19.64
CA ARG F 38 28.76 27.68 -19.69
C ARG F 38 29.62 27.31 -18.50
N GLN F 39 30.94 27.32 -18.69
CA GLN F 39 31.86 27.00 -17.61
C GLN F 39 33.14 27.79 -17.82
N ALA F 40 33.35 28.80 -16.98
CA ALA F 40 34.56 29.60 -17.04
C ALA F 40 35.75 28.79 -16.52
N PRO F 41 36.96 29.08 -16.99
CA PRO F 41 38.13 28.35 -16.49
C PRO F 41 38.30 28.57 -15.00
N GLY F 42 38.39 27.48 -14.25
CA GLY F 42 38.50 27.55 -12.81
C GLY F 42 37.21 27.89 -12.10
N LYS F 43 36.07 27.68 -12.74
CA LYS F 43 34.77 27.98 -12.16
C LYS F 43 33.82 26.83 -12.46
N GLN F 44 32.79 26.70 -11.62
CA GLN F 44 31.79 25.65 -11.83
C GLN F 44 30.92 25.96 -13.03
N ARG F 45 30.39 24.90 -13.63
CA ARG F 45 29.53 25.04 -14.80
C ARG F 45 28.16 25.60 -14.42
N GLU F 46 27.65 26.50 -15.26
CA GLU F 46 26.38 27.17 -15.03
C GLU F 46 25.54 27.13 -16.30
N LEU F 47 24.23 27.30 -16.12
CA LEU F 47 23.29 27.30 -17.25
C LEU F 47 23.12 28.71 -17.81
N VAL F 48 23.08 28.81 -19.13
CA VAL F 48 22.86 30.08 -19.81
C VAL F 48 21.39 30.25 -20.12
N ALA F 49 20.83 29.30 -20.86
CA ALA F 49 19.42 29.34 -21.24
C ALA F 49 18.97 27.94 -21.61
N ARG F 50 17.65 27.73 -21.59
CA ARG F 50 17.08 26.43 -21.90
C ARG F 50 15.77 26.61 -22.64
N VAL F 51 15.50 25.67 -23.55
CA VAL F 51 14.21 25.57 -24.22
C VAL F 51 13.58 24.25 -23.79
N SER F 52 12.44 24.35 -23.11
CA SER F 52 11.74 23.16 -22.66
C SER F 52 11.08 22.45 -23.84
N THR F 53 10.44 21.31 -23.54
CA THR F 53 9.80 20.50 -24.56
C THR F 53 8.73 21.31 -25.29
N GLY F 54 7.89 22.02 -24.55
CA GLY F 54 6.82 22.81 -25.12
C GLY F 54 7.18 24.18 -25.63
N GLY F 55 8.47 24.51 -25.72
CA GLY F 55 8.87 25.80 -26.22
C GLY F 55 8.98 26.91 -25.20
N THR F 56 8.70 26.64 -23.94
CA THR F 56 8.86 27.65 -22.91
C THR F 56 10.35 27.97 -22.72
N LEU F 57 10.71 29.22 -22.97
CA LEU F 57 12.08 29.68 -22.85
C LEU F 57 12.44 29.98 -21.40
N PHE F 58 13.71 29.80 -21.07
CA PHE F 58 14.23 30.11 -19.75
C PHE F 58 15.59 30.78 -19.93
N TYR F 59 15.86 31.77 -19.08
CA TYR F 59 17.13 32.50 -19.15
C TYR F 59 17.68 32.71 -17.75
N ALA F 60 19.01 32.67 -17.66
CA ALA F 60 19.68 32.95 -16.40
C ALA F 60 19.74 34.45 -16.17
N ASP F 61 20.19 34.83 -14.97
CA ASP F 61 20.24 36.25 -14.62
C ASP F 61 21.13 37.03 -15.58
N PHE F 62 22.26 36.47 -16.00
CA PHE F 62 23.14 37.15 -16.93
C PHE F 62 22.64 37.12 -18.37
N ALA F 63 21.64 36.30 -18.67
CA ALA F 63 21.13 36.14 -20.03
C ALA F 63 19.71 36.66 -20.21
N LYS F 64 19.21 37.43 -19.23
CA LYS F 64 17.81 37.87 -19.28
C LYS F 64 17.49 38.67 -20.53
N VAL F 65 18.39 39.56 -20.96
CA VAL F 65 18.11 40.37 -22.14
C VAL F 65 19.27 40.35 -23.14
N ARG F 66 20.48 40.09 -22.67
CA ARG F 66 21.62 40.09 -23.58
C ARG F 66 21.62 38.89 -24.53
N PHE F 67 21.09 37.75 -24.10
CA PHE F 67 21.11 36.53 -24.91
C PHE F 67 19.70 36.11 -25.26
N THR F 68 19.57 35.41 -26.39
CA THR F 68 18.32 34.87 -26.86
C THR F 68 18.54 33.46 -27.38
N ILE F 69 17.58 32.58 -27.12
CA ILE F 69 17.68 31.16 -27.49
C ILE F 69 16.48 30.80 -28.35
N SER F 70 16.71 29.95 -29.35
CA SER F 70 15.65 29.51 -30.23
C SER F 70 15.89 28.07 -30.64
N ARG F 71 14.81 27.39 -31.05
CA ARG F 71 14.84 25.99 -31.44
C ARG F 71 14.18 25.80 -32.80
N ASP F 72 14.78 24.93 -33.61
CA ASP F 72 14.26 24.59 -34.94
C ASP F 72 14.02 23.09 -34.96
N THR F 73 12.77 22.69 -34.70
CA THR F 73 12.45 21.28 -34.55
C THR F 73 12.70 20.50 -35.84
N ALA F 74 12.37 21.09 -36.99
CA ALA F 74 12.58 20.41 -38.27
C ALA F 74 14.05 20.06 -38.51
N LYS F 75 14.96 20.87 -37.98
CA LYS F 75 16.39 20.63 -38.13
C LYS F 75 17.05 20.17 -36.83
N GLN F 76 16.29 20.04 -35.75
CA GLN F 76 16.82 19.66 -34.45
C GLN F 76 18.05 20.50 -34.09
N THR F 77 17.94 21.80 -34.32
CA THR F 77 19.01 22.75 -34.10
C THR F 77 18.59 23.77 -33.05
N VAL F 78 19.51 24.07 -32.14
CA VAL F 78 19.30 25.08 -31.10
C VAL F 78 20.30 26.22 -31.34
N TYR F 79 19.79 27.44 -31.35
CA TYR F 79 20.61 28.62 -31.57
C TYR F 79 20.64 29.49 -30.31
N LEU F 80 21.79 30.12 -30.08
CA LEU F 80 22.00 31.03 -28.96
C LEU F 80 22.69 32.26 -29.53
N GLN F 81 21.94 33.33 -29.77
CA GLN F 81 22.48 34.57 -30.30
C GLN F 81 22.84 35.50 -29.16
N MET F 82 24.13 35.71 -28.97
CA MET F 82 24.67 36.58 -27.92
C MET F 82 24.78 37.98 -28.51
N SER F 83 23.78 38.82 -28.20
CA SER F 83 23.69 40.15 -28.78
C SER F 83 24.74 41.12 -28.25
N SER F 84 25.00 41.10 -26.94
CA SER F 84 25.97 42.02 -26.34
C SER F 84 26.90 41.27 -25.41
N LEU F 85 28.17 41.17 -25.82
CA LEU F 85 29.19 40.47 -25.04
C LEU F 85 29.99 41.41 -24.16
N ARG F 86 30.48 40.87 -23.06
CA ARG F 86 31.28 41.54 -22.05
C ARG F 86 32.51 40.68 -21.79
N PRO F 87 33.60 41.28 -21.31
CA PRO F 87 34.84 40.49 -21.12
C PRO F 87 34.68 39.29 -20.22
N GLU F 88 33.79 39.34 -19.24
CA GLU F 88 33.62 38.21 -18.32
C GLU F 88 32.89 37.03 -18.96
N ASP F 89 32.29 37.21 -20.15
CA ASP F 89 31.63 36.10 -20.82
C ASP F 89 32.60 35.09 -21.41
N THR F 90 33.90 35.38 -21.38
CA THR F 90 34.92 34.47 -21.92
C THR F 90 34.91 33.14 -21.18
N ALA F 91 34.47 32.08 -21.84
CA ALA F 91 34.34 30.77 -21.22
C ALA F 91 34.04 29.73 -22.31
N VAL F 92 33.92 28.48 -21.88
CA VAL F 92 33.52 27.37 -22.75
C VAL F 92 32.02 27.16 -22.66
N TYR F 93 31.37 27.12 -23.82
CA TYR F 93 29.93 26.94 -23.92
C TYR F 93 29.64 25.51 -24.38
N TYR F 94 28.76 24.83 -23.65
CA TYR F 94 28.44 23.43 -23.92
C TYR F 94 26.97 23.29 -24.30
N CYS F 95 26.72 22.56 -25.39
CA CYS F 95 25.38 22.25 -25.84
C CYS F 95 24.87 21.00 -25.16
N ALA F 96 23.60 21.03 -24.74
CA ALA F 96 22.98 19.89 -24.09
C ALA F 96 21.61 19.62 -24.69
N VAL F 97 21.32 18.34 -24.94
CA VAL F 97 20.05 17.90 -25.50
C VAL F 97 19.55 16.73 -24.66
N ALA F 98 18.26 16.72 -24.35
CA ALA F 98 17.66 15.67 -23.55
C ALA F 98 16.59 14.96 -24.36
N VAL F 99 16.73 13.64 -24.51
CA VAL F 99 15.78 12.80 -25.22
C VAL F 99 15.21 11.85 -24.17
N GLY F 100 14.02 12.16 -23.68
CA GLY F 100 13.48 11.39 -22.57
C GLY F 100 14.28 11.68 -21.32
N THR F 101 14.68 10.63 -20.62
CA THR F 101 15.50 10.77 -19.42
C THR F 101 16.99 10.79 -19.72
N ARG F 102 17.40 10.56 -20.97
CA ARG F 102 18.81 10.56 -21.34
C ARG F 102 19.27 11.96 -21.72
N ASN F 103 20.42 12.37 -21.18
CA ASN F 103 21.02 13.66 -21.45
C ASN F 103 22.32 13.47 -22.19
N TYR F 104 22.45 14.13 -23.34
CA TYR F 104 23.64 14.07 -24.18
C TYR F 104 24.36 15.40 -24.18
N TRP F 105 25.68 15.37 -23.99
CA TRP F 105 26.51 16.56 -23.98
C TRP F 105 27.39 16.60 -25.22
N GLY F 106 27.61 17.79 -25.75
CA GLY F 106 28.48 17.98 -26.89
C GLY F 106 29.86 18.49 -26.49
N GLN F 107 30.77 18.47 -27.47
CA GLN F 107 32.11 19.00 -27.26
C GLN F 107 32.04 20.53 -27.26
N GLY F 108 32.15 21.13 -26.08
CA GLY F 108 31.96 22.56 -25.94
C GLY F 108 32.88 23.48 -26.71
N THR F 109 32.29 24.41 -27.45
CA THR F 109 33.05 25.43 -28.17
C THR F 109 33.54 26.48 -27.19
N GLN F 110 34.66 27.12 -27.52
CA GLN F 110 35.26 28.13 -26.67
C GLN F 110 35.02 29.51 -27.27
N VAL F 111 34.61 30.45 -26.43
CA VAL F 111 34.36 31.83 -26.82
C VAL F 111 35.23 32.73 -25.96
N THR F 112 36.05 33.57 -26.61
CA THR F 112 36.92 34.51 -25.92
C THR F 112 36.53 35.92 -26.35
N VAL F 113 36.05 36.72 -25.39
CA VAL F 113 35.63 38.09 -25.65
C VAL F 113 36.88 38.96 -25.47
N SER F 114 37.65 39.10 -26.54
CA SER F 114 38.89 39.87 -26.48
C SER F 114 38.58 41.36 -26.38
N SER F 115 39.60 42.13 -25.99
CA SER F 115 39.48 43.58 -25.86
C SER F 115 40.76 44.27 -26.27
N GLU G 1 -21.28 -29.16 13.37
CA GLU G 1 -21.04 -30.59 13.24
C GLU G 1 -22.30 -31.32 12.82
N VAL G 2 -22.19 -32.16 11.80
CA VAL G 2 -23.28 -33.01 11.34
C VAL G 2 -22.79 -34.45 11.31
N GLN G 3 -23.42 -35.31 12.12
CA GLN G 3 -23.04 -36.71 12.19
C GLN G 3 -23.86 -37.51 11.17
N LEU G 4 -23.18 -38.35 10.39
CA LEU G 4 -23.82 -39.15 9.35
C LEU G 4 -23.60 -40.63 9.63
N VAL G 5 -24.68 -41.39 9.59
CA VAL G 5 -24.65 -42.84 9.81
C VAL G 5 -25.19 -43.51 8.55
N GLU G 6 -24.40 -44.38 7.95
CA GLU G 6 -24.78 -45.05 6.71
C GLU G 6 -25.23 -46.48 6.98
N SER G 7 -26.05 -47.00 6.07
CA SER G 7 -26.55 -48.36 6.17
C SER G 7 -27.04 -48.82 4.80
N GLY G 8 -27.13 -50.13 4.63
CA GLY G 8 -27.65 -50.73 3.42
C GLY G 8 -26.63 -51.35 2.49
N GLY G 9 -25.34 -51.28 2.82
CA GLY G 9 -24.32 -51.88 1.99
C GLY G 9 -24.24 -53.38 2.14
N GLY G 10 -23.39 -53.99 1.32
CA GLY G 10 -23.19 -55.42 1.35
C GLY G 10 -22.96 -56.01 -0.03
N LEU G 11 -23.29 -57.29 -0.19
CA LEU G 11 -23.13 -58.00 -1.45
C LEU G 11 -24.48 -58.14 -2.15
N VAL G 12 -24.45 -58.00 -3.48
CA VAL G 12 -25.66 -58.10 -4.29
C VAL G 12 -25.30 -58.77 -5.62
N GLN G 13 -26.23 -59.53 -6.16
CA GLN G 13 -26.03 -60.17 -7.45
C GLN G 13 -26.13 -59.14 -8.57
N PRO G 14 -25.39 -59.33 -9.66
CA PRO G 14 -25.47 -58.40 -10.78
C PRO G 14 -26.89 -58.32 -11.34
N GLY G 15 -27.30 -57.11 -11.71
CA GLY G 15 -28.64 -56.88 -12.20
C GLY G 15 -29.68 -56.73 -11.12
N GLY G 16 -29.31 -56.84 -9.85
CA GLY G 16 -30.23 -56.69 -8.76
C GLY G 16 -30.43 -55.24 -8.36
N SER G 17 -31.01 -55.06 -7.18
CA SER G 17 -31.29 -53.73 -6.66
C SER G 17 -30.90 -53.66 -5.19
N LEU G 18 -30.54 -52.46 -4.75
CA LEU G 18 -30.12 -52.21 -3.37
C LEU G 18 -30.60 -50.84 -2.95
N ARG G 19 -30.83 -50.70 -1.64
CA ARG G 19 -31.25 -49.43 -1.05
C ARG G 19 -30.27 -49.04 0.04
N LEU G 20 -29.61 -47.89 -0.14
CA LEU G 20 -28.68 -47.36 0.84
C LEU G 20 -29.32 -46.19 1.58
N SER G 21 -29.18 -46.17 2.90
CA SER G 21 -29.75 -45.12 3.73
C SER G 21 -28.66 -44.41 4.53
N CYS G 22 -28.86 -43.11 4.77
CA CYS G 22 -27.94 -42.29 5.52
C CYS G 22 -28.76 -41.39 6.44
N SER G 23 -28.52 -41.49 7.74
CA SER G 23 -29.22 -40.68 8.73
C SER G 23 -28.33 -39.51 9.17
N ALA G 24 -28.92 -38.31 9.22
CA ALA G 24 -28.18 -37.11 9.58
C ALA G 24 -28.72 -36.56 10.91
N SER G 25 -27.84 -35.89 11.64
CA SER G 25 -28.21 -35.28 12.92
C SER G 25 -27.30 -34.10 13.19
N GLY G 26 -27.89 -32.97 13.55
CA GLY G 26 -27.13 -31.77 13.85
C GLY G 26 -27.86 -30.55 13.36
N SER G 27 -27.10 -29.47 13.14
CA SER G 27 -27.63 -28.20 12.63
C SER G 27 -27.91 -28.30 11.13
N LEU G 28 -28.84 -29.19 10.77
CA LEU G 28 -29.14 -29.45 9.37
C LEU G 28 -29.75 -28.24 8.66
N SER G 29 -30.25 -27.25 9.41
CA SER G 29 -30.78 -26.05 8.78
C SER G 29 -29.71 -25.30 8.00
N THR G 30 -28.43 -25.56 8.29
CA THR G 30 -27.31 -24.93 7.63
C THR G 30 -26.76 -25.74 6.47
N ILE G 31 -27.15 -27.01 6.36
CA ILE G 31 -26.68 -27.87 5.29
C ILE G 31 -27.42 -27.53 4.00
N LYS G 32 -26.66 -27.24 2.94
CA LYS G 32 -27.24 -26.87 1.65
C LYS G 32 -27.67 -28.08 0.84
N ALA G 33 -26.86 -29.13 0.79
CA ALA G 33 -27.18 -30.31 0.00
C ALA G 33 -26.72 -31.58 0.69
N LEU G 34 -27.40 -32.67 0.37
CA LEU G 34 -27.10 -34.01 0.84
C LEU G 34 -26.98 -34.93 -0.37
N GLY G 35 -26.02 -35.83 -0.33
CA GLY G 35 -25.83 -36.72 -1.46
C GLY G 35 -24.91 -37.87 -1.12
N TRP G 36 -24.46 -38.55 -2.18
CA TRP G 36 -23.60 -39.71 -2.07
C TRP G 36 -22.39 -39.59 -2.97
N TYR G 37 -21.25 -40.07 -2.48
CA TYR G 37 -19.99 -40.08 -3.20
C TYR G 37 -19.46 -41.51 -3.28
N ARG G 38 -18.59 -41.75 -4.25
CA ARG G 38 -18.03 -43.08 -4.48
C ARG G 38 -16.53 -43.03 -4.66
N ARG G 39 -15.83 -43.97 -4.04
CA ARG G 39 -14.41 -44.21 -4.28
C ARG G 39 -14.24 -45.64 -4.79
N ALA G 40 -13.43 -45.79 -5.83
CA ALA G 40 -13.11 -47.11 -6.33
C ALA G 40 -11.66 -47.45 -6.02
N PRO G 41 -11.31 -48.72 -5.86
CA PRO G 41 -9.91 -49.07 -5.57
C PRO G 41 -9.00 -48.56 -6.68
N GLY G 42 -8.11 -47.63 -6.32
CA GLY G 42 -7.13 -47.11 -7.24
C GLY G 42 -7.48 -45.76 -7.83
N ARG G 43 -8.47 -45.07 -7.31
CA ARG G 43 -8.85 -43.75 -7.80
C ARG G 43 -9.49 -42.95 -6.67
N GLU G 44 -9.56 -41.64 -6.87
CA GLU G 44 -10.10 -40.73 -5.87
C GLU G 44 -11.63 -40.81 -5.83
N ARG G 45 -12.20 -40.15 -4.83
CA ARG G 45 -13.65 -40.11 -4.65
C ARG G 45 -14.29 -39.28 -5.76
N GLU G 46 -15.46 -39.73 -6.23
CA GLU G 46 -16.22 -39.03 -7.25
C GLU G 46 -17.68 -38.92 -6.81
N LEU G 47 -18.32 -37.84 -7.26
CA LEU G 47 -19.73 -37.61 -6.95
C LEU G 47 -20.63 -38.62 -7.64
N VAL G 48 -21.66 -39.06 -6.93
CA VAL G 48 -22.66 -39.98 -7.47
C VAL G 48 -24.00 -39.28 -7.64
N ALA G 49 -24.53 -38.67 -6.58
CA ALA G 49 -25.81 -37.99 -6.62
C ALA G 49 -25.84 -36.95 -5.51
N SER G 50 -26.68 -35.94 -5.70
CA SER G 50 -26.91 -34.95 -4.66
C SER G 50 -28.30 -34.34 -4.84
N ILE G 51 -28.93 -34.01 -3.72
CA ILE G 51 -30.25 -33.40 -3.72
C ILE G 51 -30.23 -32.21 -2.79
N THR G 52 -30.74 -31.08 -3.27
CA THR G 52 -30.78 -29.84 -2.49
C THR G 52 -32.07 -29.75 -1.68
N SER G 53 -32.13 -28.75 -0.80
CA SER G 53 -33.30 -28.55 0.03
C SER G 53 -34.54 -28.24 -0.79
N ALA G 54 -34.38 -27.75 -2.01
CA ALA G 54 -35.49 -27.45 -2.90
C ALA G 54 -35.90 -28.65 -3.75
N GLY G 55 -35.23 -29.79 -3.59
CA GLY G 55 -35.52 -30.97 -4.36
C GLY G 55 -34.79 -31.07 -5.68
N GLU G 56 -34.05 -30.03 -6.06
CA GLU G 56 -33.25 -30.08 -7.28
C GLU G 56 -32.21 -31.20 -7.17
N THR G 57 -32.16 -32.05 -8.19
CA THR G 57 -31.36 -33.26 -8.14
C THR G 57 -30.44 -33.31 -9.35
N ASN G 58 -29.18 -33.68 -9.12
CA ASN G 58 -28.23 -33.93 -10.20
C ASN G 58 -27.52 -35.24 -9.96
N TYR G 59 -27.05 -35.84 -11.04
CA TYR G 59 -26.41 -37.14 -11.01
C TYR G 59 -25.08 -37.07 -11.76
N ALA G 60 -24.27 -38.12 -11.61
CA ALA G 60 -23.04 -38.22 -12.37
C ALA G 60 -23.34 -38.63 -13.81
N ASP G 61 -22.28 -38.68 -14.63
CA ASP G 61 -22.45 -39.13 -16.01
C ASP G 61 -22.90 -40.58 -16.06
N SER G 62 -22.33 -41.43 -15.20
CA SER G 62 -22.68 -42.84 -15.20
C SER G 62 -23.99 -43.12 -14.46
N ALA G 63 -24.46 -42.17 -13.65
CA ALA G 63 -25.68 -42.35 -12.88
C ALA G 63 -26.89 -41.68 -13.51
N LYS G 64 -26.73 -41.00 -14.65
CA LYS G 64 -27.84 -40.27 -15.24
C LYS G 64 -28.86 -41.25 -15.82
N GLY G 65 -30.11 -41.12 -15.40
CA GLY G 65 -31.16 -41.97 -15.90
C GLY G 65 -31.04 -43.42 -15.50
N ARG G 66 -30.22 -43.71 -14.51
CA ARG G 66 -29.94 -45.07 -14.04
C ARG G 66 -30.18 -45.23 -12.54
N PHE G 67 -29.87 -44.23 -11.74
CA PHE G 67 -30.05 -44.26 -10.30
C PHE G 67 -31.04 -43.20 -9.88
N THR G 68 -31.44 -43.24 -8.61
CA THR G 68 -32.28 -42.19 -8.05
C THR G 68 -31.91 -41.97 -6.59
N VAL G 69 -32.25 -40.78 -6.09
CA VAL G 69 -32.00 -40.38 -4.72
C VAL G 69 -33.24 -39.69 -4.18
N SER G 70 -33.45 -39.78 -2.87
CA SER G 70 -34.62 -39.18 -2.25
C SER G 70 -34.31 -38.83 -0.80
N THR G 71 -35.15 -37.98 -0.22
CA THR G 71 -35.00 -37.53 1.15
C THR G 71 -36.34 -37.58 1.86
N ASP G 72 -36.29 -37.71 3.19
CA ASP G 72 -37.47 -37.58 4.04
C ASP G 72 -37.14 -36.60 5.17
N ASN G 73 -37.71 -35.40 5.08
CA ASN G 73 -37.40 -34.34 6.05
C ASN G 73 -37.99 -34.64 7.42
N ALA G 74 -39.16 -35.28 7.47
CA ALA G 74 -39.82 -35.54 8.75
C ALA G 74 -39.03 -36.53 9.60
N LYS G 75 -38.65 -37.67 9.02
CA LYS G 75 -37.86 -38.65 9.75
C LYS G 75 -36.37 -38.47 9.55
N ASN G 76 -35.95 -37.38 8.88
CA ASN G 76 -34.56 -36.99 8.76
C ASN G 76 -33.69 -38.14 8.25
N THR G 77 -34.00 -38.59 7.04
CA THR G 77 -33.30 -39.69 6.41
C THR G 77 -32.95 -39.34 4.97
N VAL G 78 -31.86 -39.95 4.49
CA VAL G 78 -31.42 -39.82 3.11
C VAL G 78 -31.37 -41.23 2.54
N ASP G 79 -32.07 -41.45 1.43
CA ASP G 79 -32.16 -42.77 0.85
C ASP G 79 -31.63 -42.77 -0.58
N LEU G 80 -30.87 -43.81 -0.90
CA LEU G 80 -30.29 -44.01 -2.24
C LEU G 80 -30.79 -45.35 -2.76
N ARG G 81 -31.50 -45.32 -3.88
CA ARG G 81 -31.99 -46.54 -4.51
C ARG G 81 -31.09 -46.90 -5.68
N MET G 82 -30.51 -48.10 -5.62
CA MET G 82 -29.57 -48.59 -6.62
C MET G 82 -30.25 -49.64 -7.45
N ASN G 83 -30.35 -49.40 -8.76
CA ASN G 83 -31.01 -50.34 -9.65
C ASN G 83 -30.17 -50.50 -10.92
N SER G 84 -30.34 -51.65 -11.58
CA SER G 84 -29.59 -51.99 -12.78
C SER G 84 -28.09 -51.88 -12.55
N LEU G 85 -27.63 -52.54 -11.50
CA LEU G 85 -26.22 -52.53 -11.15
C LEU G 85 -25.40 -53.33 -12.16
N LYS G 86 -24.14 -52.95 -12.30
CA LYS G 86 -23.19 -53.56 -13.22
C LYS G 86 -21.96 -54.04 -12.45
N PRO G 87 -21.20 -54.98 -13.01
CA PRO G 87 -20.01 -55.46 -12.31
C PRO G 87 -19.00 -54.38 -11.99
N GLU G 88 -19.00 -53.26 -12.72
CA GLU G 88 -18.11 -52.14 -12.47
C GLU G 88 -18.61 -51.22 -11.37
N ASP G 89 -19.80 -51.46 -10.83
CA ASP G 89 -20.36 -50.61 -9.78
C ASP G 89 -19.90 -50.97 -8.38
N THR G 90 -19.14 -52.05 -8.21
CA THR G 90 -18.63 -52.40 -6.89
C THR G 90 -17.62 -51.36 -6.42
N ALA G 91 -17.90 -50.77 -5.26
CA ALA G 91 -17.06 -49.69 -4.72
C ALA G 91 -17.49 -49.43 -3.28
N VAL G 92 -16.96 -48.35 -2.70
CA VAL G 92 -17.33 -47.86 -1.38
C VAL G 92 -18.10 -46.56 -1.55
N TYR G 93 -19.32 -46.51 -1.02
CA TYR G 93 -20.18 -45.34 -1.12
C TYR G 93 -20.19 -44.58 0.20
N TYR G 94 -20.14 -43.25 0.11
CA TYR G 94 -20.21 -42.38 1.27
C TYR G 94 -21.35 -41.38 1.08
N CYS G 95 -22.01 -41.02 2.19
CA CYS G 95 -23.00 -39.96 2.20
C CYS G 95 -22.35 -38.69 2.74
N TYR G 96 -22.69 -37.56 2.16
CA TYR G 96 -22.08 -36.29 2.56
C TYR G 96 -23.13 -35.20 2.72
N ALA G 97 -22.76 -34.21 3.54
CA ALA G 97 -23.56 -33.03 3.81
C ALA G 97 -22.72 -31.80 3.51
N GLU G 98 -23.26 -30.89 2.70
CA GLU G 98 -22.56 -29.67 2.33
C GLU G 98 -23.28 -28.45 2.89
N SER G 99 -22.54 -27.62 3.60
CA SER G 99 -23.04 -26.41 4.25
C SER G 99 -23.03 -25.23 3.28
N PHE G 100 -23.81 -24.21 3.64
CA PHE G 100 -23.88 -22.99 2.85
C PHE G 100 -22.54 -22.27 2.79
N VAL G 101 -21.67 -22.53 3.76
CA VAL G 101 -20.34 -21.94 3.79
C VAL G 101 -19.29 -22.93 3.26
N LEU G 102 -19.72 -23.87 2.42
CA LEU G 102 -18.89 -24.86 1.74
C LEU G 102 -18.23 -25.88 2.67
N ASN G 103 -18.74 -26.07 3.90
CA ASN G 103 -18.19 -27.10 4.75
C ASN G 103 -18.78 -28.45 4.33
N ILE G 104 -17.93 -29.47 4.29
CA ILE G 104 -18.37 -30.81 3.90
C ILE G 104 -18.12 -31.78 5.05
N TYR G 105 -19.07 -32.70 5.22
CA TYR G 105 -19.02 -33.73 6.26
C TYR G 105 -19.23 -35.11 5.62
N TRP G 106 -18.44 -36.09 6.06
CA TRP G 106 -18.48 -37.43 5.50
C TRP G 106 -18.90 -38.44 6.56
N GLY G 107 -19.58 -39.51 6.10
CA GLY G 107 -19.94 -40.61 6.96
C GLY G 107 -18.84 -41.65 7.08
N GLN G 108 -19.16 -42.73 7.80
CA GLN G 108 -18.17 -43.78 8.04
C GLN G 108 -17.86 -44.60 6.80
N GLY G 109 -18.70 -44.54 5.76
CA GLY G 109 -18.48 -45.32 4.57
C GLY G 109 -18.93 -46.77 4.64
N THR G 110 -19.57 -47.24 3.57
CA THR G 110 -20.03 -48.62 3.47
C THR G 110 -19.57 -49.20 2.13
N GLN G 111 -19.14 -50.46 2.16
CA GLN G 111 -18.64 -51.14 0.96
C GLN G 111 -19.76 -51.87 0.25
N VAL G 112 -19.88 -51.66 -1.06
CA VAL G 112 -20.87 -52.33 -1.89
C VAL G 112 -20.13 -53.16 -2.91
N THR G 113 -20.37 -54.48 -2.89
CA THR G 113 -19.73 -55.39 -3.83
C THR G 113 -20.79 -56.13 -4.64
N VAL G 114 -20.45 -56.43 -5.90
CA VAL G 114 -21.33 -57.13 -6.82
C VAL G 114 -20.62 -58.38 -7.31
N SER G 115 -21.36 -59.50 -7.33
CA SER G 115 -20.78 -60.75 -7.79
C SER G 115 -20.43 -60.68 -9.28
N SER G 116 -19.38 -61.42 -9.66
CA SER G 116 -18.95 -61.43 -11.06
C SER G 116 -20.02 -62.04 -11.96
N GLY G 117 -20.70 -63.09 -11.49
CA GLY G 117 -21.74 -63.73 -12.27
C GLY G 117 -21.20 -64.67 -13.33
N GLU H 1 6.58 23.70 29.66
CA GLU H 1 5.90 23.72 30.95
C GLU H 1 5.52 25.14 31.35
N VAL H 2 4.26 25.32 31.77
CA VAL H 2 3.76 26.59 32.26
C VAL H 2 3.15 26.35 33.63
N GLN H 3 3.72 26.99 34.66
CA GLN H 3 3.22 26.85 36.02
C GLN H 3 2.18 27.93 36.30
N LEU H 4 1.05 27.52 36.87
CA LEU H 4 -0.06 28.42 37.15
C LEU H 4 -0.36 28.40 38.64
N VAL H 5 -0.45 29.59 39.23
CA VAL H 5 -0.77 29.77 40.65
C VAL H 5 -2.03 30.59 40.75
N GLU H 6 -3.04 30.05 41.42
CA GLU H 6 -4.34 30.71 41.54
C GLU H 6 -4.49 31.35 42.91
N SER H 7 -5.36 32.37 42.98
CA SER H 7 -5.63 33.07 44.22
C SER H 7 -6.95 33.81 44.08
N GLY H 8 -7.54 34.14 45.24
CA GLY H 8 -8.76 34.93 45.29
C GLY H 8 -10.02 34.17 45.62
N GLY H 9 -9.95 32.85 45.81
CA GLY H 9 -11.11 32.07 46.17
C GLY H 9 -11.51 32.22 47.63
N GLY H 10 -12.63 31.61 47.97
CA GLY H 10 -13.15 31.64 49.32
C GLY H 10 -14.66 31.70 49.39
N LEU H 11 -15.17 32.27 50.48
CA LEU H 11 -16.61 32.42 50.68
C LEU H 11 -17.05 33.85 50.42
N VAL H 12 -18.22 33.99 49.80
CA VAL H 12 -18.77 35.30 49.47
C VAL H 12 -20.29 35.25 49.64
N GLN H 13 -20.86 36.37 50.05
CA GLN H 13 -22.30 36.46 50.19
C GLN H 13 -22.96 36.55 48.82
N PRO H 14 -24.18 36.02 48.67
CA PRO H 14 -24.87 36.10 47.38
C PRO H 14 -25.08 37.54 46.96
N GLY H 15 -24.93 37.80 45.66
CA GLY H 15 -25.04 39.13 45.13
C GLY H 15 -23.80 39.98 45.29
N GLY H 16 -22.74 39.45 45.89
CA GLY H 16 -21.50 40.17 46.06
C GLY H 16 -20.60 40.06 44.85
N SER H 17 -19.34 40.44 45.05
CA SER H 17 -18.35 40.41 43.98
C SER H 17 -17.05 39.80 44.50
N LEU H 18 -16.30 39.20 43.58
CA LEU H 18 -15.04 38.55 43.91
C LEU H 18 -14.08 38.74 42.75
N ARG H 19 -12.79 38.75 43.07
CA ARG H 19 -11.72 38.87 42.08
C ARG H 19 -10.77 37.68 42.21
N LEU H 20 -10.67 36.87 41.15
CA LEU H 20 -9.77 35.73 41.12
C LEU H 20 -8.56 36.06 40.24
N SER H 21 -7.37 35.73 40.73
CA SER H 21 -6.13 35.99 40.01
C SER H 21 -5.37 34.69 39.75
N CYS H 22 -4.67 34.65 38.62
CA CYS H 22 -3.87 33.50 38.22
C CYS H 22 -2.56 34.03 37.65
N SER H 23 -1.44 33.63 38.24
CA SER H 23 -0.12 34.03 37.78
C SER H 23 0.51 32.91 36.96
N ALA H 24 1.08 33.27 35.81
CA ALA H 24 1.69 32.31 34.91
C ALA H 24 3.19 32.54 34.83
N SER H 25 3.93 31.47 34.58
CA SER H 25 5.39 31.55 34.44
C SER H 25 5.87 30.43 33.55
N GLY H 26 6.71 30.76 32.57
CA GLY H 26 7.24 29.78 31.65
C GLY H 26 7.36 30.36 30.25
N SER H 27 7.37 29.48 29.26
CA SER H 27 7.44 29.86 27.85
C SER H 27 6.08 30.35 27.36
N LEU H 28 5.63 31.46 27.95
CA LEU H 28 4.31 31.99 27.65
C LEU H 28 4.20 32.50 26.21
N SER H 29 5.32 32.72 25.52
CA SER H 29 5.25 33.12 24.12
C SER H 29 4.59 32.05 23.25
N THR H 30 4.52 30.83 23.74
CA THR H 30 3.92 29.71 23.02
C THR H 30 2.47 29.48 23.41
N ILE H 31 2.01 30.09 24.49
CA ILE H 31 0.62 29.92 24.95
C ILE H 31 -0.29 30.78 24.09
N LYS H 32 -1.31 30.14 23.50
CA LYS H 32 -2.26 30.82 22.63
C LYS H 32 -3.34 31.57 23.41
N ALA H 33 -3.90 30.95 24.44
CA ALA H 33 -4.97 31.57 25.21
C ALA H 33 -4.85 31.24 26.68
N LEU H 34 -5.41 32.13 27.49
CA LEU H 34 -5.49 31.99 28.95
C LEU H 34 -6.94 32.19 29.35
N GLY H 35 -7.40 31.41 30.31
CA GLY H 35 -8.78 31.52 30.73
C GLY H 35 -9.05 30.77 32.01
N TRP H 36 -10.33 30.59 32.30
CA TRP H 36 -10.79 29.93 33.50
C TRP H 36 -11.82 28.85 33.18
N TYR H 37 -11.75 27.75 33.92
CA TYR H 37 -12.67 26.63 33.79
C TYR H 37 -13.33 26.37 35.14
N ARG H 38 -14.47 25.69 35.11
CA ARG H 38 -15.25 25.41 36.30
C ARG H 38 -15.69 23.95 36.34
N ARG H 39 -15.58 23.34 37.52
CA ARG H 39 -16.16 22.03 37.79
C ARG H 39 -17.15 22.17 38.94
N ALA H 40 -18.31 21.56 38.79
CA ALA H 40 -19.28 21.54 39.85
C ALA H 40 -19.39 20.12 40.43
N PRO H 41 -19.76 19.98 41.70
CA PRO H 41 -19.88 18.62 42.26
C PRO H 41 -20.89 17.81 41.49
N GLY H 42 -20.42 16.74 40.86
CA GLY H 42 -21.27 15.82 40.13
C GLY H 42 -21.29 16.02 38.64
N ARG H 43 -20.37 16.81 38.08
CA ARG H 43 -20.30 17.03 36.65
C ARG H 43 -18.87 17.36 36.26
N GLU H 44 -18.59 17.24 34.97
CA GLU H 44 -17.25 17.47 34.44
C GLU H 44 -16.94 18.97 34.37
N ARG H 45 -15.69 19.27 34.08
CA ARG H 45 -15.24 20.65 33.94
C ARG H 45 -15.84 21.31 32.70
N GLU H 46 -16.20 22.59 32.83
CA GLU H 46 -16.74 23.36 31.73
C GLU H 46 -16.03 24.70 31.63
N LEU H 47 -15.95 25.22 30.41
CA LEU H 47 -15.31 26.51 30.17
C LEU H 47 -16.13 27.65 30.76
N VAL H 48 -15.42 28.63 31.33
CA VAL H 48 -16.03 29.83 31.86
C VAL H 48 -15.70 31.05 31.01
N ALA H 49 -14.41 31.31 30.79
CA ALA H 49 -13.96 32.46 30.01
C ALA H 49 -12.59 32.15 29.46
N SER H 50 -12.24 32.83 28.36
CA SER H 50 -10.90 32.74 27.81
C SER H 50 -10.59 34.02 27.04
N ILE H 51 -9.34 34.43 27.07
CA ILE H 51 -8.86 35.62 26.38
C ILE H 51 -7.60 35.26 25.61
N THR H 52 -7.55 35.64 24.34
CA THR H 52 -6.42 35.37 23.49
C THR H 52 -5.38 36.50 23.57
N SER H 53 -4.22 36.26 22.96
CA SER H 53 -3.16 37.26 22.96
C SER H 53 -3.56 38.53 22.24
N ALA H 54 -4.56 38.46 21.36
CA ALA H 54 -5.05 39.63 20.64
C ALA H 54 -6.16 40.35 21.39
N GLY H 55 -6.54 39.86 22.58
CA GLY H 55 -7.60 40.45 23.36
C GLY H 55 -8.98 39.94 23.03
N GLU H 56 -9.12 39.09 22.01
CA GLU H 56 -10.41 38.49 21.69
C GLU H 56 -10.90 37.66 22.87
N THR H 57 -12.13 37.89 23.29
CA THR H 57 -12.66 37.29 24.51
C THR H 57 -13.97 36.59 24.21
N ASN H 58 -14.13 35.39 24.76
CA ASN H 58 -15.38 34.66 24.69
C ASN H 58 -15.75 34.15 26.07
N TYR H 59 -17.05 33.94 26.28
CA TYR H 59 -17.59 33.52 27.56
C TYR H 59 -18.52 32.33 27.34
N ALA H 60 -18.89 31.69 28.45
CA ALA H 60 -19.86 30.62 28.39
C ALA H 60 -21.27 31.18 28.22
N ASP H 61 -22.24 30.28 28.07
CA ASP H 61 -23.63 30.71 27.96
C ASP H 61 -24.10 31.40 29.23
N SER H 62 -23.71 30.86 30.40
CA SER H 62 -24.12 31.43 31.66
C SER H 62 -23.29 32.64 32.05
N ALA H 63 -22.13 32.84 31.43
CA ALA H 63 -21.24 33.95 31.76
C ALA H 63 -21.35 35.11 30.77
N LYS H 64 -22.19 35.00 29.75
CA LYS H 64 -22.28 36.05 28.74
C LYS H 64 -22.95 37.29 29.33
N GLY H 65 -22.27 38.42 29.24
CA GLY H 65 -22.83 39.66 29.73
C GLY H 65 -22.98 39.72 31.23
N ARG H 66 -22.34 38.83 31.95
CA ARG H 66 -22.41 38.72 33.40
C ARG H 66 -21.06 38.77 34.08
N PHE H 67 -20.03 38.18 33.47
CA PHE H 67 -18.68 38.16 34.03
C PHE H 67 -17.74 38.90 33.09
N THR H 68 -16.50 39.11 33.55
CA THR H 68 -15.46 39.66 32.70
C THR H 68 -14.12 39.06 33.08
N VAL H 69 -13.19 39.13 32.12
CA VAL H 69 -11.84 38.61 32.29
C VAL H 69 -10.87 39.65 31.71
N SER H 70 -9.66 39.68 32.26
CA SER H 70 -8.65 40.62 31.81
C SER H 70 -7.27 40.04 32.06
N THR H 71 -6.27 40.66 31.40
CA THR H 71 -4.88 40.23 31.50
C THR H 71 -3.99 41.45 31.67
N ASP H 72 -2.83 41.23 32.27
CA ASP H 72 -1.77 42.23 32.34
C ASP H 72 -0.46 41.59 31.89
N ASN H 73 -0.02 41.96 30.69
CA ASN H 73 1.17 41.35 30.10
C ASN H 73 2.44 41.77 30.83
N ALA H 74 2.49 43.02 31.32
CA ALA H 74 3.71 43.51 31.95
C ALA H 74 4.00 42.79 33.26
N LYS H 75 3.00 42.69 34.15
CA LYS H 75 3.19 41.98 35.40
C LYS H 75 2.77 40.51 35.31
N ASN H 76 2.45 40.04 34.11
CA ASN H 76 2.20 38.62 33.83
C ASN H 76 1.18 38.04 34.81
N THR H 77 -0.04 38.59 34.74
CA THR H 77 -1.12 38.17 35.61
C THR H 77 -2.40 37.98 34.80
N VAL H 78 -3.26 37.09 35.28
CA VAL H 78 -4.56 36.84 34.70
C VAL H 78 -5.58 37.11 35.80
N ASP H 79 -6.54 37.98 35.52
CA ASP H 79 -7.52 38.37 36.52
C ASP H 79 -8.93 38.05 36.05
N LEU H 80 -9.74 37.53 36.97
CA LEU H 80 -11.13 37.19 36.72
C LEU H 80 -11.98 37.97 37.72
N ARG H 81 -12.86 38.83 37.22
CA ARG H 81 -13.77 39.60 38.05
C ARG H 81 -15.14 38.95 38.05
N MET H 82 -15.62 38.58 39.24
CA MET H 82 -16.87 37.88 39.43
C MET H 82 -17.87 38.85 40.02
N ASN H 83 -18.97 39.09 39.30
CA ASN H 83 -20.00 40.00 39.78
C ASN H 83 -21.37 39.40 39.55
N SER H 84 -22.34 39.84 40.34
CA SER H 84 -23.72 39.35 40.30
C SER H 84 -23.75 37.83 40.44
N LEU H 85 -23.09 37.34 41.49
CA LEU H 85 -23.05 35.90 41.75
C LEU H 85 -24.41 35.39 42.19
N LYS H 86 -24.65 34.11 41.93
CA LYS H 86 -25.88 33.42 42.24
C LYS H 86 -25.58 32.18 43.09
N PRO H 87 -26.57 31.68 43.84
CA PRO H 87 -26.32 30.49 44.68
C PRO H 87 -25.84 29.29 43.89
N GLU H 88 -26.14 29.22 42.59
CA GLU H 88 -25.69 28.12 41.74
C GLU H 88 -24.27 28.30 41.23
N ASP H 89 -23.62 29.42 41.53
CA ASP H 89 -22.26 29.68 41.07
C ASP H 89 -21.18 29.09 41.97
N THR H 90 -21.55 28.50 43.10
CA THR H 90 -20.56 27.87 43.97
C THR H 90 -19.96 26.65 43.29
N ALA H 91 -18.63 26.65 43.14
CA ALA H 91 -17.93 25.58 42.43
C ALA H 91 -16.43 25.76 42.67
N VAL H 92 -15.63 24.97 41.94
CA VAL H 92 -14.18 25.06 41.94
C VAL H 92 -13.74 25.62 40.59
N TYR H 93 -13.00 26.73 40.62
CA TYR H 93 -12.52 27.39 39.40
C TYR H 93 -11.05 27.09 39.18
N TYR H 94 -10.68 26.82 37.93
CA TYR H 94 -9.30 26.59 37.54
C TYR H 94 -8.91 27.56 36.43
N CYS H 95 -7.64 27.98 36.45
CA CYS H 95 -7.08 28.78 35.36
C CYS H 95 -6.27 27.86 34.46
N TYR H 96 -6.36 28.08 33.15
CA TYR H 96 -5.66 27.22 32.19
C TYR H 96 -4.93 28.04 31.14
N ALA H 97 -3.92 27.41 30.56
CA ALA H 97 -3.10 27.95 29.49
C ALA H 97 -3.12 26.97 28.33
N GLU H 98 -3.44 27.46 27.13
CA GLU H 98 -3.51 26.62 25.94
C GLU H 98 -2.44 27.04 24.95
N SER H 99 -1.64 26.09 24.52
CA SER H 99 -0.54 26.28 23.59
C SER H 99 -1.01 26.21 22.14
N PHE H 100 -0.18 26.76 21.25
CA PHE H 100 -0.48 26.74 19.82
C PHE H 100 -0.54 25.31 19.27
N VAL H 101 0.09 24.37 19.96
CA VAL H 101 0.07 22.97 19.57
C VAL H 101 -0.96 22.18 20.39
N LEU H 102 -1.98 22.88 20.91
CA LEU H 102 -3.10 22.33 21.67
C LEU H 102 -2.71 21.72 23.01
N ASN H 103 -1.57 22.07 23.58
CA ASN H 103 -1.24 21.59 24.92
C ASN H 103 -1.98 22.44 25.94
N ILE H 104 -2.53 21.80 26.96
CA ILE H 104 -3.27 22.50 28.00
C ILE H 104 -2.59 22.26 29.35
N TYR H 105 -2.56 23.31 30.17
CA TYR H 105 -1.98 23.28 31.50
C TYR H 105 -3.00 23.80 32.52
N TRP H 106 -3.09 23.13 33.66
CA TRP H 106 -4.05 23.48 34.70
C TRP H 106 -3.34 23.91 35.98
N GLY H 107 -3.99 24.80 36.72
CA GLY H 107 -3.52 25.21 38.03
C GLY H 107 -3.97 24.29 39.15
N GLN H 108 -3.63 24.68 40.37
CA GLN H 108 -3.95 23.86 41.53
C GLN H 108 -5.44 23.87 41.88
N GLY H 109 -6.21 24.82 41.35
CA GLY H 109 -7.62 24.90 41.66
C GLY H 109 -7.97 25.59 42.97
N THR H 110 -8.99 26.45 42.95
CA THR H 110 -9.47 27.12 44.14
C THR H 110 -10.98 26.98 44.24
N GLN H 111 -11.48 26.75 45.45
CA GLN H 111 -12.90 26.54 45.68
C GLN H 111 -13.59 27.87 45.99
N VAL H 112 -14.70 28.13 45.29
CA VAL H 112 -15.50 29.33 45.50
C VAL H 112 -16.88 28.90 45.98
N THR H 113 -17.26 29.33 47.18
CA THR H 113 -18.56 29.00 47.74
C THR H 113 -19.35 30.27 48.03
N VAL H 114 -20.66 30.17 47.87
CA VAL H 114 -21.58 31.28 48.09
C VAL H 114 -22.61 30.87 49.14
N SER H 115 -22.87 31.77 50.09
CA SER H 115 -23.85 31.48 51.14
C SER H 115 -25.24 31.34 50.56
N SER H 116 -26.05 30.50 51.22
CA SER H 116 -27.42 30.28 50.75
C SER H 116 -28.26 31.55 50.87
N GLY H 117 -28.06 32.31 51.94
CA GLY H 117 -28.79 33.55 52.15
C GLY H 117 -30.20 33.33 52.68
N GLU I 1 33.97 -14.69 -10.43
CA GLU I 1 35.30 -14.23 -10.05
C GLU I 1 36.22 -14.16 -11.25
N VAL I 2 36.92 -13.03 -11.40
CA VAL I 2 37.91 -12.84 -12.45
C VAL I 2 39.21 -12.40 -11.79
N GLN I 3 40.26 -13.21 -11.95
CA GLN I 3 41.56 -12.92 -11.38
C GLN I 3 42.40 -12.13 -12.38
N LEU I 4 42.99 -11.04 -11.91
CA LEU I 4 43.79 -10.15 -12.75
C LEU I 4 45.22 -10.08 -12.23
N VAL I 5 46.18 -10.29 -13.14
CA VAL I 5 47.60 -10.23 -12.81
C VAL I 5 48.23 -9.15 -13.67
N GLU I 6 48.86 -8.18 -13.03
CA GLU I 6 49.46 -7.05 -13.73
C GLU I 6 50.98 -7.21 -13.84
N SER I 7 51.54 -6.56 -14.85
CA SER I 7 52.99 -6.59 -15.06
C SER I 7 53.38 -5.41 -15.95
N GLY I 8 54.67 -5.07 -15.90
CA GLY I 8 55.23 -4.02 -16.74
C GLY I 8 55.53 -2.72 -16.04
N GLY I 9 55.24 -2.60 -14.74
CA GLY I 9 55.54 -1.37 -14.03
C GLY I 9 57.01 -1.24 -13.67
N GLY I 10 57.35 -0.08 -13.10
CA GLY I 10 58.71 0.20 -12.69
C GLY I 10 59.08 1.65 -12.88
N LEU I 11 60.38 1.89 -13.07
CA LEU I 11 60.92 3.23 -13.28
C LEU I 11 61.25 3.46 -14.76
N VAL I 12 60.96 4.66 -15.24
CA VAL I 12 61.22 5.03 -16.62
C VAL I 12 61.66 6.49 -16.67
N GLN I 13 62.53 6.79 -17.61
CA GLN I 13 62.98 8.16 -17.81
C GLN I 13 61.88 9.00 -18.46
N PRO I 14 61.81 10.30 -18.15
CA PRO I 14 60.79 11.15 -18.77
C PRO I 14 60.94 11.17 -20.28
N GLY I 15 59.80 11.17 -20.97
CA GLY I 15 59.79 11.14 -22.41
C GLY I 15 59.98 9.75 -23.01
N GLY I 16 60.13 8.73 -22.19
CA GLY I 16 60.29 7.37 -22.66
C GLY I 16 58.95 6.69 -22.90
N SER I 17 59.01 5.37 -23.05
CA SER I 17 57.82 4.57 -23.30
C SER I 17 57.83 3.33 -22.42
N LEU I 18 56.63 2.85 -22.11
CA LEU I 18 56.45 1.68 -21.25
C LEU I 18 55.26 0.88 -21.75
N ARG I 19 55.30 -0.43 -21.50
CA ARG I 19 54.21 -1.33 -21.87
C ARG I 19 53.74 -2.07 -20.62
N LEU I 20 52.48 -1.87 -20.24
CA LEU I 20 51.87 -2.56 -19.11
C LEU I 20 50.94 -3.65 -19.61
N SER I 21 51.03 -4.83 -19.00
CA SER I 21 50.21 -5.97 -19.37
C SER I 21 49.38 -6.45 -18.19
N CYS I 22 48.19 -6.95 -18.48
CA CYS I 22 47.27 -7.48 -17.47
C CYS I 22 46.65 -8.75 -18.04
N SER I 23 46.84 -9.87 -17.33
CA SER I 23 46.28 -11.15 -17.73
C SER I 23 45.02 -11.46 -16.93
N ALA I 24 43.97 -11.89 -17.62
CA ALA I 24 42.70 -12.19 -16.98
C ALA I 24 42.40 -13.69 -17.08
N SER I 25 41.66 -14.18 -16.10
CA SER I 25 41.27 -15.59 -16.07
C SER I 25 39.96 -15.73 -15.30
N GLY I 26 39.01 -16.46 -15.88
CA GLY I 26 37.73 -16.67 -15.26
C GLY I 26 36.62 -16.67 -16.29
N SER I 27 35.40 -16.39 -15.83
CA SER I 27 34.23 -16.31 -16.69
C SER I 27 34.21 -15.00 -17.47
N LEU I 28 35.23 -14.84 -18.32
CA LEU I 28 35.39 -13.60 -19.07
C LEU I 28 34.26 -13.36 -20.07
N SER I 29 33.48 -14.38 -20.41
CA SER I 29 32.34 -14.17 -21.29
C SER I 29 31.31 -13.22 -20.70
N THR I 30 31.35 -13.01 -19.39
CA THR I 30 30.44 -12.12 -18.68
C THR I 30 31.02 -10.72 -18.49
N ILE I 31 32.31 -10.55 -18.70
CA ILE I 31 32.95 -9.25 -18.53
C ILE I 31 32.63 -8.37 -19.74
N LYS I 32 32.08 -7.17 -19.46
CA LYS I 32 31.70 -6.24 -20.52
C LYS I 32 32.89 -5.44 -21.04
N ALA I 33 33.75 -4.94 -20.14
CA ALA I 33 34.87 -4.12 -20.55
C ALA I 33 36.09 -4.39 -19.69
N LEU I 34 37.26 -4.13 -20.27
CA LEU I 34 38.56 -4.25 -19.63
C LEU I 34 39.29 -2.93 -19.83
N GLY I 35 39.99 -2.50 -18.79
CA GLY I 35 40.69 -1.24 -18.89
C GLY I 35 41.68 -1.04 -17.76
N TRP I 36 42.13 0.20 -17.63
CA TRP I 36 43.12 0.59 -16.63
C TRP I 36 42.66 1.82 -15.86
N TYR I 37 42.95 1.83 -14.56
CA TYR I 37 42.64 2.93 -13.66
C TYR I 37 43.93 3.41 -13.00
N ARG I 38 43.89 4.64 -12.50
CA ARG I 38 45.05 5.27 -11.89
C ARG I 38 44.68 5.95 -10.58
N ARG I 39 45.53 5.77 -9.58
CA ARG I 39 45.46 6.51 -8.33
C ARG I 39 46.76 7.28 -8.13
N ALA I 40 46.64 8.54 -7.75
CA ALA I 40 47.82 9.33 -7.45
C ALA I 40 47.88 9.59 -5.95
N PRO I 41 49.07 9.78 -5.38
CA PRO I 41 49.16 10.04 -3.94
C PRO I 41 48.38 11.29 -3.57
N GLY I 42 47.34 11.11 -2.77
CA GLY I 42 46.54 12.20 -2.27
C GLY I 42 45.22 12.41 -3.00
N ARG I 43 44.81 11.47 -3.83
CA ARG I 43 43.55 11.57 -4.55
C ARG I 43 43.01 10.18 -4.86
N GLU I 44 41.72 10.12 -5.18
CA GLU I 44 41.05 8.87 -5.45
C GLU I 44 41.43 8.32 -6.83
N ARG I 45 41.01 7.09 -7.08
CA ARG I 45 41.26 6.43 -8.36
C ARG I 45 40.47 7.10 -9.48
N GLU I 46 41.09 7.21 -10.65
CA GLU I 46 40.45 7.77 -11.84
C GLU I 46 40.68 6.85 -13.03
N LEU I 47 39.71 6.87 -13.94
CA LEU I 47 39.79 6.07 -15.16
C LEU I 47 40.88 6.58 -16.08
N VAL I 48 41.61 5.64 -16.71
CA VAL I 48 42.64 5.95 -17.70
C VAL I 48 42.19 5.54 -19.10
N ALA I 49 41.82 4.28 -19.28
CA ALA I 49 41.40 3.77 -20.57
C ALA I 49 40.51 2.56 -20.35
N SER I 50 39.67 2.27 -21.34
CA SER I 50 38.85 1.06 -21.32
C SER I 50 38.52 0.66 -22.75
N ILE I 51 38.44 -0.65 -22.97
CA ILE I 51 38.11 -1.20 -24.28
C ILE I 51 37.03 -2.25 -24.10
N THR I 52 35.98 -2.17 -24.91
CA THR I 52 34.87 -3.11 -24.85
C THR I 52 35.12 -4.31 -25.75
N SER I 53 34.25 -5.31 -25.63
CA SER I 53 34.37 -6.52 -26.43
C SER I 53 34.23 -6.23 -27.92
N ALA I 54 33.59 -5.12 -28.28
CA ALA I 54 33.43 -4.73 -29.68
C ALA I 54 34.59 -3.89 -30.19
N GLY I 55 35.58 -3.61 -29.34
CA GLY I 55 36.71 -2.80 -29.70
C GLY I 55 36.52 -1.32 -29.51
N GLU I 56 35.33 -0.88 -29.12
CA GLU I 56 35.09 0.52 -28.81
C GLU I 56 35.98 0.96 -27.66
N THR I 57 36.70 2.07 -27.86
CA THR I 57 37.72 2.49 -26.92
C THR I 57 37.47 3.94 -26.52
N ASN I 58 37.59 4.21 -25.22
CA ASN I 58 37.54 5.56 -24.71
C ASN I 58 38.72 5.81 -23.76
N TYR I 59 39.10 7.08 -23.63
CA TYR I 59 40.24 7.48 -22.84
C TYR I 59 39.82 8.62 -21.91
N ALA I 60 40.70 8.93 -20.96
CA ALA I 60 40.48 10.07 -20.08
C ALA I 60 40.80 11.37 -20.82
N ASP I 61 40.54 12.49 -20.14
CA ASP I 61 40.87 13.79 -20.74
C ASP I 61 42.37 13.92 -20.95
N SER I 62 43.17 13.47 -19.99
CA SER I 62 44.62 13.57 -20.10
C SER I 62 45.22 12.50 -20.99
N ALA I 63 44.49 11.43 -21.27
CA ALA I 63 44.97 10.33 -22.09
C ALA I 63 44.50 10.39 -23.53
N LYS I 64 43.68 11.38 -23.90
CA LYS I 64 43.13 11.44 -25.24
C LYS I 64 44.22 11.79 -26.24
N GLY I 65 44.39 10.95 -27.26
CA GLY I 65 45.37 11.21 -28.28
C GLY I 65 46.80 11.11 -27.81
N ARG I 66 47.03 10.53 -26.64
CA ARG I 66 48.35 10.41 -26.03
C ARG I 66 48.70 8.98 -25.68
N PHE I 67 47.75 8.17 -25.25
CA PHE I 67 47.97 6.78 -24.88
C PHE I 67 47.17 5.87 -25.81
N THR I 68 47.43 4.57 -25.70
CA THR I 68 46.62 3.59 -26.42
C THR I 68 46.48 2.33 -25.58
N VAL I 69 45.44 1.56 -25.90
CA VAL I 69 45.15 0.30 -25.22
C VAL I 69 44.78 -0.73 -26.27
N SER I 70 45.04 -2.00 -25.97
CA SER I 70 44.75 -3.07 -26.91
C SER I 70 44.51 -4.37 -26.14
N THR I 71 43.91 -5.33 -26.83
CA THR I 71 43.57 -6.62 -26.26
C THR I 71 43.96 -7.73 -27.24
N ASP I 72 44.21 -8.92 -26.68
CA ASP I 72 44.40 -10.13 -27.47
C ASP I 72 43.51 -11.23 -26.91
N ASN I 73 42.43 -11.54 -27.63
CA ASN I 73 41.44 -12.51 -27.16
C ASN I 73 42.00 -13.93 -27.16
N ALA I 74 42.86 -14.26 -28.11
CA ALA I 74 43.37 -15.62 -28.22
C ALA I 74 44.27 -15.98 -27.04
N LYS I 75 45.25 -15.13 -26.74
CA LYS I 75 46.12 -15.38 -25.60
C LYS I 75 45.62 -14.71 -24.33
N ASN I 76 44.43 -14.13 -24.35
CA ASN I 76 43.74 -13.61 -23.17
C ASN I 76 44.65 -12.65 -22.39
N THR I 77 45.01 -11.56 -23.05
CA THR I 77 45.89 -10.55 -22.46
C THR I 77 45.34 -9.16 -22.72
N VAL I 78 45.66 -8.25 -21.80
CA VAL I 78 45.30 -6.84 -21.92
C VAL I 78 46.61 -6.06 -21.87
N ASP I 79 46.85 -5.24 -22.89
CA ASP I 79 48.09 -4.50 -22.99
C ASP I 79 47.83 -3.00 -23.02
N LEU I 80 48.66 -2.27 -22.28
CA LEU I 80 48.60 -0.81 -22.21
C LEU I 80 49.96 -0.27 -22.65
N ARG I 81 49.96 0.51 -23.72
CA ARG I 81 51.17 1.14 -24.23
C ARG I 81 51.22 2.58 -23.77
N MET I 82 52.28 2.93 -23.05
CA MET I 82 52.47 4.25 -22.46
C MET I 82 53.55 4.98 -23.24
N ASN I 83 53.20 6.11 -23.85
CA ASN I 83 54.15 6.88 -24.63
C ASN I 83 54.00 8.36 -24.30
N SER I 84 55.09 9.10 -24.53
CA SER I 84 55.16 10.53 -24.23
C SER I 84 54.77 10.80 -22.78
N LEU I 85 55.45 10.09 -21.87
CA LEU I 85 55.18 10.25 -20.45
C LEU I 85 55.70 11.59 -19.95
N LYS I 86 55.07 12.09 -18.90
CA LYS I 86 55.37 13.36 -18.27
C LYS I 86 55.67 13.15 -16.79
N PRO I 87 56.39 14.08 -16.16
CA PRO I 87 56.70 13.92 -14.73
C PRO I 87 55.47 13.79 -13.84
N GLU I 88 54.32 14.28 -14.29
CA GLU I 88 53.07 14.17 -13.53
C GLU I 88 52.37 12.82 -13.73
N ASP I 89 52.91 11.94 -14.59
CA ASP I 89 52.29 10.65 -14.85
C ASP I 89 52.69 9.57 -13.86
N THR I 90 53.61 9.86 -12.94
CA THR I 90 54.00 8.86 -11.94
C THR I 90 52.84 8.60 -11.00
N ALA I 91 52.44 7.33 -10.92
CA ALA I 91 51.28 6.93 -10.11
C ALA I 91 51.25 5.41 -10.03
N VAL I 92 50.16 4.88 -9.48
CA VAL I 92 49.89 3.45 -9.41
C VAL I 92 48.75 3.12 -10.38
N TYR I 93 49.01 2.21 -11.30
CA TYR I 93 48.02 1.81 -12.31
C TYR I 93 47.42 0.46 -11.96
N TYR I 94 46.11 0.34 -12.13
CA TYR I 94 45.40 -0.90 -11.91
C TYR I 94 44.62 -1.29 -13.17
N CYS I 95 44.53 -2.60 -13.42
CA CYS I 95 43.68 -3.11 -14.49
C CYS I 95 42.38 -3.62 -13.88
N TYR I 96 41.27 -3.37 -14.58
CA TYR I 96 39.96 -3.74 -14.06
C TYR I 96 39.12 -4.45 -15.12
N ALA I 97 38.16 -5.24 -14.63
CA ALA I 97 37.21 -5.97 -15.44
C ALA I 97 35.81 -5.61 -14.96
N GLU I 98 34.94 -5.19 -15.88
CA GLU I 98 33.58 -4.81 -15.55
C GLU I 98 32.60 -5.78 -16.20
N SER I 99 31.71 -6.33 -15.37
CA SER I 99 30.69 -7.29 -15.77
C SER I 99 29.44 -6.60 -16.29
N PHE I 100 28.63 -7.37 -17.03
CA PHE I 100 27.38 -6.86 -17.57
C PHE I 100 26.41 -6.47 -16.46
N VAL I 101 26.59 -7.03 -15.27
CA VAL I 101 25.76 -6.70 -14.12
C VAL I 101 26.45 -5.69 -13.20
N LEU I 102 27.37 -4.90 -13.76
CA LEU I 102 28.11 -3.83 -13.09
C LEU I 102 29.06 -4.31 -12.00
N ASN I 103 29.47 -5.57 -12.00
CA ASN I 103 30.47 -6.00 -11.03
C ASN I 103 31.85 -5.58 -11.53
N ILE I 104 32.68 -5.09 -10.62
CA ILE I 104 34.03 -4.65 -10.96
C ILE I 104 35.04 -5.47 -10.18
N TYR I 105 36.15 -5.81 -10.85
CA TYR I 105 37.25 -6.56 -10.27
C TYR I 105 38.55 -5.82 -10.49
N TRP I 106 39.40 -5.79 -9.46
CA TRP I 106 40.67 -5.07 -9.50
C TRP I 106 41.85 -6.02 -9.35
N GLY I 107 42.97 -5.64 -9.98
CA GLY I 107 44.21 -6.38 -9.84
C GLY I 107 45.01 -5.94 -8.63
N GLN I 108 46.21 -6.53 -8.50
CA GLN I 108 47.06 -6.25 -7.36
C GLN I 108 47.68 -4.86 -7.40
N GLY I 109 47.67 -4.20 -8.55
CA GLY I 109 48.27 -2.87 -8.67
C GLY I 109 49.77 -2.85 -8.86
N THR I 110 50.24 -2.00 -9.76
CA THR I 110 51.67 -1.83 -10.01
C THR I 110 52.01 -0.34 -10.00
N GLN I 111 53.15 -0.01 -9.41
CA GLN I 111 53.58 1.37 -9.28
C GLN I 111 54.46 1.77 -10.46
N VAL I 112 54.13 2.91 -11.07
CA VAL I 112 54.89 3.46 -12.19
C VAL I 112 55.46 4.80 -11.77
N THR I 113 56.78 4.92 -11.78
CA THR I 113 57.46 6.16 -11.40
C THR I 113 58.30 6.67 -12.56
N VAL I 114 58.39 8.00 -12.66
CA VAL I 114 59.15 8.67 -13.70
C VAL I 114 60.18 9.57 -13.05
N SER I 115 61.41 9.54 -13.56
CA SER I 115 62.47 10.37 -13.01
C SER I 115 62.19 11.85 -13.25
N SER I 116 62.65 12.68 -12.32
CA SER I 116 62.43 14.12 -12.43
C SER I 116 63.15 14.70 -13.64
N GLY I 117 64.34 14.21 -13.94
CA GLY I 117 65.10 14.68 -15.09
C GLY I 117 65.79 16.01 -14.83
#